data_4R5O
#
_entry.id   4R5O
#
_cell.length_a   155.545
_cell.length_b   155.545
_cell.length_c   94.635
_cell.angle_alpha   90.000
_cell.angle_beta   90.000
_cell.angle_gamma   120.000
#
_symmetry.space_group_name_H-M   'P 31'
#
loop_
_entity.id
_entity.type
_entity.pdbx_description
1 polymer 'Quinonprotein alcohol dehydrogenase-like protein'
2 non-polymer 2-(2-(2-(2-(2-(2-ETHOXYETHOXY)ETHOXY)ETHOXY)ETHOXY)ETHOXY)ETHANOL
3 non-polymer 'ACETATE ION'
4 non-polymer 'CALCIUM ION'
5 non-polymer 'CHLORIDE ION'
6 water water
#
_entity_poly.entity_id   1
_entity_poly.type   'polypeptide(L)'
_entity_poly.pdbx_seq_one_letter_code
;GDDCEDLHLGNLAHYPNVLKGTFPTESQVLELGETLEITPELLNPEGATYSWLVNGKEYSTEPTFSYKIDNPCRADLSCI
IKNKYGKVE(MSE)STSFSSNHNFSKGFFYVADGTFNFYDTEKKTAYQDCYASLNAGKTLGIGNYDSANIIHSNGKFYLL
VGTSTSNRDHFYIVDAKTLYYENSAVVGANLSGLTILNEQYGLVTGDGIRRIDLKSLNNVRIKNERLLCFYNSIIYNGKV
LSNDTYKDESKVKYYDVNELIAAKEGEAPAVTELDIIQKQKINFVLAKDGNVYTLESADNGCNIVKIKNDFTLEKVFANF
QPAKGPYHSSPTIG(MSE)VASETENIIYLVSTDGAIYKYILGDSDSLKAPFIAAESGVSITAPLQLNQQSGELYVTYTE
ERKDESKIVVYSKDGKVLHTVDCGESVPSQILFNN
;
_entity_poly.pdbx_strand_id   A,B,C,D
#
# COMPACT_ATOMS: atom_id res chain seq x y z
N ASP A 2 -2.65 -21.19 -6.01
CA ASP A 2 -2.70 -20.79 -7.41
C ASP A 2 -1.59 -19.74 -7.72
N ASP A 3 -0.51 -19.72 -6.90
CA ASP A 3 0.61 -18.79 -7.01
C ASP A 3 1.61 -19.26 -8.07
N CYS A 4 1.69 -18.51 -9.22
CA CYS A 4 2.54 -18.65 -10.41
C CYS A 4 2.05 -19.77 -11.37
N GLU A 5 1.02 -20.59 -11.02
CA GLU A 5 0.60 -21.67 -11.92
C GLU A 5 -0.19 -21.10 -13.09
N ASP A 6 -0.01 -21.70 -14.27
CA ASP A 6 -0.61 -21.34 -15.57
C ASP A 6 -0.29 -19.83 -15.89
N LEU A 7 -1.26 -19.11 -16.50
CA LEU A 7 -1.13 -17.72 -16.95
C LEU A 7 -0.82 -16.75 -15.80
N HIS A 8 0.15 -15.83 -16.05
CA HIS A 8 0.56 -14.73 -15.18
C HIS A 8 1.22 -13.65 -16.09
N LEU A 9 1.52 -12.44 -15.55
CA LEU A 9 2.02 -11.26 -16.28
C LEU A 9 3.35 -11.53 -17.00
N GLY A 10 4.22 -12.35 -16.39
CA GLY A 10 5.53 -12.69 -16.91
C GLY A 10 5.58 -13.52 -18.17
N ASN A 11 4.42 -13.86 -18.76
CA ASN A 11 4.38 -14.67 -19.98
C ASN A 11 3.30 -14.13 -20.96
N LEU A 12 2.76 -12.91 -20.70
CA LEU A 12 1.68 -12.36 -21.51
C LEU A 12 2.05 -11.10 -22.35
N ALA A 13 3.18 -11.12 -23.10
CA ALA A 13 3.58 -9.97 -23.98
C ALA A 13 3.77 -8.66 -23.17
N HIS A 14 4.20 -7.63 -23.87
CA HIS A 14 4.50 -6.37 -23.22
C HIS A 14 3.55 -5.26 -23.68
N TYR A 15 2.81 -5.48 -24.82
CA TYR A 15 1.81 -4.53 -25.28
C TYR A 15 0.61 -4.54 -24.28
N PRO A 16 -0.31 -3.54 -24.30
CA PRO A 16 -1.37 -3.51 -23.28
C PRO A 16 -2.22 -4.81 -23.25
N ASN A 17 -2.41 -5.36 -22.04
CA ASN A 17 -3.22 -6.56 -21.77
C ASN A 17 -4.49 -6.15 -21.02
N VAL A 18 -5.61 -6.05 -21.76
CA VAL A 18 -6.93 -5.68 -21.29
C VAL A 18 -7.61 -6.92 -20.65
N LEU A 19 -8.06 -6.82 -19.39
CA LEU A 19 -8.71 -7.95 -18.71
C LEU A 19 -10.06 -8.25 -19.40
N LYS A 20 -10.44 -9.53 -19.52
CA LYS A 20 -11.68 -9.93 -20.21
C LYS A 20 -12.92 -9.31 -19.57
N GLY A 21 -13.80 -8.80 -20.41
CA GLY A 21 -15.05 -8.17 -19.98
C GLY A 21 -14.91 -6.75 -19.50
N THR A 22 -13.69 -6.17 -19.59
CA THR A 22 -13.45 -4.78 -19.14
C THR A 22 -13.75 -3.81 -20.35
N PHE A 23 -14.10 -4.38 -21.51
CA PHE A 23 -14.47 -3.68 -22.73
C PHE A 23 -15.62 -4.44 -23.37
N PRO A 24 -16.71 -3.75 -23.73
CA PRO A 24 -17.90 -4.46 -24.25
C PRO A 24 -17.61 -5.30 -25.51
N THR A 25 -18.07 -6.54 -25.43
CA THR A 25 -17.93 -7.60 -26.44
C THR A 25 -19.19 -7.62 -27.34
N GLU A 26 -20.21 -6.83 -26.98
CA GLU A 26 -21.45 -6.72 -27.74
C GLU A 26 -21.91 -5.25 -27.83
N SER A 27 -22.72 -4.94 -28.85
CA SER A 27 -23.26 -3.61 -29.09
C SER A 27 -24.12 -3.17 -27.90
N GLN A 28 -23.90 -1.95 -27.44
CA GLN A 28 -24.56 -1.34 -26.27
C GLN A 28 -25.80 -0.54 -26.63
N VAL A 29 -26.87 -0.73 -25.86
CA VAL A 29 -28.10 0.03 -26.04
C VAL A 29 -28.38 0.69 -24.67
N LEU A 30 -28.48 2.02 -24.67
CA LEU A 30 -28.71 2.85 -23.48
C LEU A 30 -30.00 3.63 -23.57
N GLU A 31 -30.57 4.02 -22.42
CA GLU A 31 -31.75 4.88 -22.41
C GLU A 31 -31.33 6.32 -22.55
N LEU A 32 -32.22 7.18 -23.06
CA LEU A 32 -31.94 8.62 -23.12
C LEU A 32 -31.76 9.08 -21.67
N GLY A 33 -30.68 9.80 -21.43
CA GLY A 33 -30.35 10.25 -20.09
C GLY A 33 -29.26 9.43 -19.42
N GLU A 34 -29.03 8.17 -19.87
CA GLU A 34 -27.98 7.30 -19.33
C GLU A 34 -26.60 7.69 -19.86
N THR A 35 -25.53 7.24 -19.17
CA THR A 35 -24.15 7.52 -19.55
C THR A 35 -23.43 6.21 -19.84
N LEU A 36 -22.76 6.15 -21.00
CA LEU A 36 -21.94 5.00 -21.37
C LEU A 36 -20.58 5.15 -20.74
N GLU A 37 -20.22 4.24 -19.82
CA GLU A 37 -18.89 4.26 -19.22
C GLU A 37 -18.16 2.95 -19.49
N ILE A 38 -16.95 3.04 -20.01
CA ILE A 38 -16.10 1.87 -20.27
C ILE A 38 -14.78 2.13 -19.61
N THR A 39 -14.35 1.27 -18.69
CA THR A 39 -13.07 1.49 -18.03
C THR A 39 -12.22 0.25 -18.27
N PRO A 40 -11.47 0.18 -19.39
CA PRO A 40 -10.62 -0.99 -19.63
C PRO A 40 -9.58 -1.14 -18.54
N GLU A 41 -9.43 -2.36 -18.02
CA GLU A 41 -8.47 -2.64 -16.96
C GLU A 41 -7.26 -3.32 -17.56
N LEU A 42 -6.12 -2.65 -17.45
CA LEU A 42 -4.86 -3.15 -17.96
C LEU A 42 -4.11 -3.90 -16.88
N LEU A 43 -3.69 -5.12 -17.21
CA LEU A 43 -2.90 -5.97 -16.34
C LEU A 43 -1.52 -5.28 -16.09
N ASN A 44 -0.98 -4.63 -17.14
CA ASN A 44 0.26 -3.85 -17.22
C ASN A 44 -0.09 -2.38 -17.65
N PRO A 45 -0.61 -1.55 -16.71
CA PRO A 45 -1.08 -0.20 -17.12
C PRO A 45 0.01 0.86 -17.27
N GLU A 46 1.20 0.63 -16.74
CA GLU A 46 2.31 1.58 -16.70
C GLU A 46 2.73 2.02 -18.12
N GLY A 47 2.68 3.33 -18.33
CA GLY A 47 3.08 3.98 -19.59
C GLY A 47 2.13 3.86 -20.74
N ALA A 48 0.89 3.40 -20.47
CA ALA A 48 -0.13 3.24 -21.50
C ALA A 48 -0.88 4.54 -21.75
N THR A 49 -1.20 4.78 -23.02
CA THR A 49 -1.96 5.93 -23.48
C THR A 49 -3.17 5.37 -24.25
N TYR A 50 -4.29 6.10 -24.19
CA TYR A 50 -5.57 5.71 -24.80
C TYR A 50 -6.00 6.68 -25.89
N SER A 51 -6.86 6.20 -26.81
CA SER A 51 -7.46 6.95 -27.90
C SER A 51 -8.83 6.37 -28.17
N TRP A 52 -9.86 7.13 -27.84
CA TRP A 52 -11.26 6.73 -28.00
C TRP A 52 -11.83 7.40 -29.22
N LEU A 53 -12.18 6.60 -30.24
CA LEU A 53 -12.71 7.11 -31.49
C LEU A 53 -14.19 6.84 -31.57
N VAL A 54 -14.97 7.93 -31.66
CA VAL A 54 -16.43 7.90 -31.85
C VAL A 54 -16.66 8.20 -33.32
N ASN A 55 -17.21 7.23 -34.04
CA ASN A 55 -17.41 7.29 -35.50
C ASN A 55 -16.09 7.73 -36.21
N GLY A 56 -14.96 7.12 -35.78
CA GLY A 56 -13.63 7.35 -36.33
C GLY A 56 -12.94 8.64 -35.93
N LYS A 57 -13.62 9.50 -35.14
CA LYS A 57 -13.06 10.78 -34.71
C LYS A 57 -12.66 10.69 -33.23
N GLU A 58 -11.42 11.10 -32.89
CA GLU A 58 -10.94 11.03 -31.51
C GLU A 58 -11.78 11.92 -30.61
N TYR A 59 -12.30 11.30 -29.57
CA TYR A 59 -13.18 11.91 -28.60
C TYR A 59 -12.48 12.10 -27.25
N SER A 60 -11.69 11.11 -26.81
CA SER A 60 -11.02 11.14 -25.51
C SER A 60 -9.67 10.45 -25.55
N THR A 61 -8.79 10.82 -24.60
CA THR A 61 -7.44 10.27 -24.38
C THR A 61 -7.40 9.71 -22.93
N GLU A 62 -8.52 9.85 -22.21
CA GLU A 62 -8.65 9.39 -20.83
C GLU A 62 -8.69 7.85 -20.75
N PRO A 63 -8.22 7.23 -19.64
CA PRO A 63 -8.22 5.75 -19.56
C PRO A 63 -9.60 5.14 -19.37
N THR A 64 -10.61 5.99 -19.25
CA THR A 64 -11.99 5.62 -19.03
C THR A 64 -12.87 6.48 -19.97
N PHE A 65 -13.81 5.84 -20.68
CA PHE A 65 -14.71 6.50 -21.61
C PHE A 65 -16.02 6.86 -20.96
N SER A 66 -16.39 8.14 -20.97
CA SER A 66 -17.67 8.57 -20.43
C SER A 66 -18.38 9.37 -21.51
N TYR A 67 -19.60 8.95 -21.87
CA TYR A 67 -20.37 9.60 -22.94
C TYR A 67 -21.85 9.62 -22.56
N LYS A 68 -22.42 10.82 -22.30
CA LYS A 68 -23.84 10.93 -21.93
C LYS A 68 -24.72 10.75 -23.18
N ILE A 69 -25.69 9.85 -23.10
CA ILE A 69 -26.65 9.60 -24.17
C ILE A 69 -27.81 10.57 -23.93
N ASP A 70 -27.56 11.83 -24.28
CA ASP A 70 -28.50 12.92 -24.04
C ASP A 70 -29.28 13.27 -25.34
N ASN A 71 -29.06 12.50 -26.41
CA ASN A 71 -29.73 12.69 -27.68
C ASN A 71 -29.93 11.35 -28.42
N PRO A 72 -31.01 11.13 -29.22
CA PRO A 72 -31.07 9.92 -30.03
C PRO A 72 -29.80 9.78 -30.87
N CYS A 73 -29.09 8.65 -30.77
CA CYS A 73 -27.82 8.45 -31.48
C CYS A 73 -27.57 6.99 -31.77
N ARG A 74 -26.56 6.75 -32.61
CA ARG A 74 -25.97 5.49 -33.01
C ARG A 74 -24.54 5.84 -33.36
N ALA A 75 -23.56 5.07 -32.87
CA ALA A 75 -22.15 5.34 -33.08
C ALA A 75 -21.30 4.09 -33.00
N ASP A 76 -20.18 4.09 -33.73
CA ASP A 76 -19.14 3.07 -33.71
C ASP A 76 -18.10 3.55 -32.73
N LEU A 77 -17.58 2.64 -31.90
CA LEU A 77 -16.59 3.05 -30.91
C LEU A 77 -15.37 2.14 -30.97
N SER A 78 -14.20 2.77 -31.06
CA SER A 78 -12.91 2.09 -31.03
C SER A 78 -12.09 2.59 -29.86
N CYS A 79 -11.29 1.69 -29.31
CA CYS A 79 -10.40 2.01 -28.23
C CYS A 79 -9.04 1.50 -28.59
N ILE A 80 -8.12 2.43 -28.82
CA ILE A 80 -6.74 2.11 -29.14
C ILE A 80 -5.92 2.39 -27.89
N ILE A 81 -5.29 1.34 -27.33
CA ILE A 81 -4.43 1.46 -26.15
C ILE A 81 -3.02 1.15 -26.62
N LYS A 82 -2.10 2.11 -26.42
CA LYS A 82 -0.72 2.11 -26.89
C LYS A 82 0.29 2.22 -25.73
N ASN A 83 1.43 1.51 -25.82
CA ASN A 83 2.57 1.63 -24.88
C ASN A 83 3.86 1.44 -25.69
N LYS A 84 5.03 1.58 -25.05
CA LYS A 84 6.35 1.51 -25.67
C LYS A 84 6.51 0.25 -26.58
N TYR A 85 5.88 -0.87 -26.20
CA TYR A 85 6.02 -2.17 -26.83
C TYR A 85 4.94 -2.50 -27.89
N GLY A 86 3.80 -1.84 -27.85
CA GLY A 86 2.77 -2.12 -28.85
C GLY A 86 1.49 -1.34 -28.70
N LYS A 87 0.57 -1.60 -29.63
CA LYS A 87 -0.73 -0.98 -29.79
C LYS A 87 -1.82 -2.04 -29.89
N VAL A 88 -2.94 -1.85 -29.19
CA VAL A 88 -4.07 -2.77 -29.26
C VAL A 88 -5.35 -1.95 -29.60
N GLU A 89 -6.24 -2.52 -30.41
CA GLU A 89 -7.48 -1.87 -30.81
C GLU A 89 -8.69 -2.82 -30.67
N SER A 91 -13.12 -2.80 -30.75
CA SER A 91 -14.23 -2.05 -31.31
C SER A 91 -15.57 -2.61 -30.85
N THR A 92 -16.54 -1.70 -30.73
CA THR A 92 -17.92 -2.01 -30.40
C THR A 92 -18.76 -0.87 -31.01
N SER A 93 -20.05 -0.85 -30.69
CA SER A 93 -20.96 0.19 -31.14
C SER A 93 -21.96 0.45 -30.04
N PHE A 94 -22.57 1.64 -30.05
CA PHE A 94 -23.58 2.01 -29.07
C PHE A 94 -24.68 2.80 -29.74
N SER A 95 -25.86 2.77 -29.14
CA SER A 95 -27.05 3.46 -29.62
C SER A 95 -27.99 3.72 -28.47
N SER A 96 -28.90 4.66 -28.66
CA SER A 96 -29.93 5.03 -27.69
C SER A 96 -31.20 4.21 -27.93
N ASN A 97 -31.91 3.89 -26.86
CA ASN A 97 -33.19 3.19 -26.94
C ASN A 97 -34.27 4.26 -26.96
N HIS A 98 -34.51 4.84 -28.14
CA HIS A 98 -35.50 5.90 -28.29
C HIS A 98 -36.66 5.41 -29.19
N ASN A 99 -37.80 6.11 -29.10
CA ASN A 99 -38.99 5.80 -29.87
C ASN A 99 -39.50 7.10 -30.49
N PHE A 100 -39.32 7.22 -31.81
CA PHE A 100 -39.69 8.43 -32.54
C PHE A 100 -41.21 8.49 -32.83
N SER A 101 -41.99 7.56 -32.26
CA SER A 101 -43.46 7.55 -32.32
C SER A 101 -44.06 8.42 -31.19
N LYS A 102 -43.27 8.69 -30.15
CA LYS A 102 -43.65 9.40 -28.92
C LYS A 102 -43.47 10.93 -29.05
N GLY A 103 -43.91 11.47 -30.18
CA GLY A 103 -43.84 12.91 -30.47
C GLY A 103 -43.78 13.21 -31.95
N PHE A 104 -43.00 14.24 -32.34
CA PHE A 104 -42.87 14.60 -33.77
C PHE A 104 -41.51 15.18 -34.11
N PHE A 105 -41.09 15.05 -35.38
CA PHE A 105 -39.85 15.70 -35.88
C PHE A 105 -40.19 17.11 -36.28
N TYR A 106 -39.25 18.01 -36.24
CA TYR A 106 -39.48 19.36 -36.71
C TYR A 106 -38.20 19.81 -37.36
N VAL A 107 -38.34 20.33 -38.57
CA VAL A 107 -37.22 20.80 -39.39
C VAL A 107 -36.99 22.26 -39.03
N ALA A 108 -35.87 22.54 -38.36
CA ALA A 108 -35.43 23.84 -37.89
C ALA A 108 -33.91 23.85 -37.83
N ASP A 109 -33.29 24.98 -38.19
CA ASP A 109 -31.86 25.24 -38.30
C ASP A 109 -31.21 24.19 -39.21
N GLY A 110 -31.90 23.91 -40.31
CA GLY A 110 -31.44 23.03 -41.38
C GLY A 110 -31.17 21.59 -41.04
N THR A 111 -31.95 21.02 -40.12
CA THR A 111 -31.78 19.61 -39.71
C THR A 111 -33.07 19.05 -39.10
N PHE A 112 -33.08 17.74 -38.84
CA PHE A 112 -34.21 17.07 -38.17
C PHE A 112 -34.01 17.11 -36.66
N ASN A 113 -34.99 17.72 -35.96
CA ASN A 113 -35.06 17.84 -34.49
C ASN A 113 -36.28 17.06 -33.97
N PHE A 114 -36.19 16.42 -32.80
CA PHE A 114 -37.34 15.67 -32.31
C PHE A 114 -37.87 16.20 -31.00
N TYR A 115 -39.20 16.37 -30.90
CA TYR A 115 -39.86 16.79 -29.68
C TYR A 115 -40.75 15.65 -29.17
N ASP A 116 -40.47 15.18 -27.93
CA ASP A 116 -41.21 14.12 -27.26
C ASP A 116 -42.41 14.74 -26.53
N THR A 117 -43.65 14.42 -26.98
CA THR A 117 -44.88 14.95 -26.37
C THR A 117 -45.15 14.29 -24.99
N GLU A 118 -44.43 13.21 -24.63
CA GLU A 118 -44.60 12.54 -23.35
C GLU A 118 -43.63 13.13 -22.31
N LYS A 119 -42.36 13.28 -22.69
CA LYS A 119 -41.30 13.83 -21.83
C LYS A 119 -41.26 15.37 -21.89
N LYS A 120 -42.00 16.00 -22.84
CA LYS A 120 -42.00 17.47 -23.09
C LYS A 120 -40.54 17.95 -23.27
N THR A 121 -39.74 17.15 -24.03
CA THR A 121 -38.32 17.38 -24.24
C THR A 121 -38.02 17.41 -25.73
N ALA A 122 -37.18 18.40 -26.13
CA ALA A 122 -36.69 18.61 -27.47
C ALA A 122 -35.28 18.10 -27.62
N TYR A 123 -35.00 17.40 -28.72
CA TYR A 123 -33.68 16.88 -29.05
C TYR A 123 -33.25 17.54 -30.35
N GLN A 124 -32.25 18.41 -30.28
CA GLN A 124 -31.81 19.16 -31.45
C GLN A 124 -30.82 18.37 -32.28
N ASP A 125 -31.00 18.41 -33.60
CA ASP A 125 -30.14 17.84 -34.63
C ASP A 125 -29.93 16.33 -34.40
N CYS A 126 -31.04 15.60 -34.41
CA CYS A 126 -31.07 14.15 -34.31
C CYS A 126 -30.51 13.52 -35.58
N TYR A 127 -30.49 14.29 -36.68
CA TYR A 127 -30.01 13.77 -37.95
C TYR A 127 -28.50 13.52 -37.86
N ALA A 128 -27.73 14.48 -37.30
CA ALA A 128 -26.29 14.35 -37.17
C ALA A 128 -25.92 13.18 -36.23
N SER A 129 -26.41 13.18 -34.94
CA SER A 129 -26.10 12.19 -33.90
C SER A 129 -26.46 10.75 -34.33
N LEU A 130 -27.45 10.54 -35.20
CA LEU A 130 -27.81 9.23 -35.77
C LEU A 130 -27.12 8.96 -37.16
N ASN A 131 -26.31 9.91 -37.71
CA ASN A 131 -25.72 9.69 -39.03
C ASN A 131 -24.27 10.14 -39.10
N ALA A 132 -23.53 9.91 -38.02
CA ALA A 132 -22.11 10.18 -37.89
C ALA A 132 -21.76 11.61 -38.33
N GLY A 133 -22.53 12.58 -37.85
CA GLY A 133 -22.27 13.99 -38.13
C GLY A 133 -22.66 14.50 -39.50
N LYS A 134 -23.35 13.68 -40.34
CA LYS A 134 -23.81 14.11 -41.67
C LYS A 134 -24.71 15.31 -41.56
N THR A 135 -24.66 16.16 -42.57
CA THR A 135 -25.50 17.35 -42.63
C THR A 135 -26.33 17.26 -43.92
N LEU A 136 -27.45 17.99 -43.92
CA LEU A 136 -28.38 18.07 -45.05
C LEU A 136 -28.10 19.33 -45.89
N GLY A 137 -27.11 20.15 -45.45
CA GLY A 137 -26.63 21.36 -46.10
C GLY A 137 -27.68 22.42 -46.39
N ILE A 138 -28.62 22.62 -45.47
CA ILE A 138 -29.68 23.59 -45.63
C ILE A 138 -29.22 24.90 -44.99
N GLY A 139 -28.76 25.81 -45.84
CA GLY A 139 -28.30 27.12 -45.41
C GLY A 139 -29.46 28.02 -45.07
N ASN A 140 -29.18 29.23 -44.57
CA ASN A 140 -30.19 30.23 -44.17
C ASN A 140 -31.04 30.71 -45.36
N TYR A 141 -30.46 30.75 -46.56
CA TYR A 141 -31.15 31.24 -47.74
C TYR A 141 -31.61 30.06 -48.65
N ASP A 142 -31.53 28.83 -48.11
CA ASP A 142 -31.96 27.56 -48.74
C ASP A 142 -33.32 27.10 -48.20
N SER A 143 -34.08 26.38 -49.01
CA SER A 143 -35.36 25.82 -48.61
C SER A 143 -35.26 24.29 -48.48
N ALA A 144 -36.04 23.75 -47.57
CA ALA A 144 -36.17 22.33 -47.28
C ALA A 144 -37.60 21.92 -47.58
N ASN A 145 -37.78 21.12 -48.61
CA ASN A 145 -39.08 20.66 -49.05
C ASN A 145 -39.10 19.15 -48.88
N ILE A 146 -39.87 18.65 -47.91
CA ILE A 146 -39.92 17.22 -47.54
C ILE A 146 -41.32 16.64 -47.72
N ILE A 147 -41.38 15.43 -48.27
CA ILE A 147 -42.61 14.65 -48.42
C ILE A 147 -42.39 13.31 -47.76
N HIS A 148 -43.25 13.01 -46.80
CA HIS A 148 -43.26 11.76 -46.08
C HIS A 148 -44.16 10.80 -46.89
N SER A 149 -43.51 9.83 -47.56
CA SER A 149 -44.20 8.83 -48.38
C SER A 149 -43.40 7.52 -48.41
N ASN A 150 -44.08 6.37 -48.54
N ASN A 150 -44.10 6.37 -48.51
CA ASN A 150 -43.48 5.02 -48.65
CA ASN A 150 -43.60 4.98 -48.56
C ASN A 150 -42.55 4.71 -47.42
C ASN A 150 -42.57 4.73 -47.42
N GLY A 151 -42.87 5.28 -46.26
CA GLY A 151 -42.06 5.14 -45.05
C GLY A 151 -40.71 5.85 -45.11
N LYS A 152 -40.59 6.86 -46.02
CA LYS A 152 -39.37 7.63 -46.22
C LYS A 152 -39.64 9.14 -46.18
N PHE A 153 -38.63 9.91 -45.83
CA PHE A 153 -38.65 11.35 -45.92
C PHE A 153 -37.87 11.73 -47.16
N TYR A 154 -38.57 12.22 -48.19
CA TYR A 154 -37.93 12.67 -49.41
C TYR A 154 -37.69 14.14 -49.28
N LEU A 155 -36.41 14.55 -49.22
CA LEU A 155 -36.03 15.94 -49.05
C LEU A 155 -35.44 16.49 -50.34
N LEU A 156 -35.94 17.68 -50.75
CA LEU A 156 -35.44 18.47 -51.85
C LEU A 156 -34.93 19.78 -51.27
N VAL A 157 -33.63 20.08 -51.48
CA VAL A 157 -33.02 21.32 -51.00
C VAL A 157 -33.03 22.34 -52.16
N GLY A 158 -33.69 23.45 -51.93
CA GLY A 158 -33.74 24.56 -52.89
C GLY A 158 -32.55 25.44 -52.58
N THR A 159 -31.47 25.27 -53.35
CA THR A 159 -30.20 25.96 -53.12
C THR A 159 -29.60 26.40 -54.44
N SER A 160 -28.85 27.52 -54.43
CA SER A 160 -28.23 28.08 -55.64
C SER A 160 -26.97 27.29 -56.03
N THR A 161 -26.47 26.38 -55.15
CA THR A 161 -25.32 25.51 -55.43
C THR A 161 -25.74 24.36 -56.35
N SER A 162 -25.03 24.26 -57.48
CA SER A 162 -25.23 23.28 -58.53
C SER A 162 -24.60 21.92 -58.21
N ASN A 163 -23.32 21.88 -57.85
CA ASN A 163 -22.56 20.65 -57.64
C ASN A 163 -22.61 20.19 -56.19
N ARG A 164 -23.76 19.71 -55.80
CA ARG A 164 -24.06 19.17 -54.49
C ARG A 164 -25.30 18.32 -54.57
N ASP A 165 -25.56 17.51 -53.56
CA ASP A 165 -26.76 16.70 -53.50
C ASP A 165 -27.94 17.60 -53.17
N HIS A 166 -29.04 17.49 -53.95
CA HIS A 166 -30.25 18.27 -53.72
C HIS A 166 -31.37 17.37 -53.19
N PHE A 167 -31.37 16.12 -53.61
CA PHE A 167 -32.43 15.19 -53.23
C PHE A 167 -31.87 14.13 -52.27
N TYR A 168 -32.54 13.95 -51.15
CA TYR A 168 -32.15 13.02 -50.09
C TYR A 168 -33.28 12.07 -49.71
N ILE A 169 -32.93 10.79 -49.45
CA ILE A 169 -33.85 9.78 -48.94
C ILE A 169 -33.37 9.43 -47.54
N VAL A 170 -34.23 9.70 -46.56
CA VAL A 170 -34.02 9.49 -45.12
C VAL A 170 -35.13 8.55 -44.65
N ASP A 171 -34.78 7.47 -43.92
CA ASP A 171 -35.78 6.57 -43.38
C ASP A 171 -36.65 7.35 -42.34
N ALA A 172 -38.00 7.27 -42.48
CA ALA A 172 -38.89 8.06 -41.62
C ALA A 172 -38.94 7.57 -40.19
N LYS A 173 -38.87 6.24 -39.94
CA LYS A 173 -38.94 5.68 -38.59
C LYS A 173 -37.62 5.91 -37.80
N THR A 174 -36.47 5.67 -38.44
CA THR A 174 -35.17 5.71 -37.77
C THR A 174 -34.42 7.01 -37.96
N LEU A 175 -34.66 7.74 -39.06
CA LEU A 175 -33.99 9.01 -39.43
C LEU A 175 -32.60 8.69 -40.03
N TYR A 176 -32.39 7.43 -40.41
CA TYR A 176 -31.18 6.96 -41.05
C TYR A 176 -31.14 7.41 -42.48
N TYR A 177 -30.00 7.94 -42.91
CA TYR A 177 -29.72 8.35 -44.26
C TYR A 177 -29.74 7.11 -45.16
N GLU A 178 -30.40 7.17 -46.32
CA GLU A 178 -30.38 6.03 -47.21
C GLU A 178 -29.59 6.36 -48.46
N ASN A 179 -29.93 7.49 -49.11
CA ASN A 179 -29.28 7.89 -50.34
C ASN A 179 -29.49 9.38 -50.61
N SER A 180 -28.74 9.94 -51.55
CA SER A 180 -28.84 11.34 -51.99
C SER A 180 -28.21 11.49 -53.38
N ALA A 181 -28.60 12.54 -54.11
CA ALA A 181 -28.10 12.78 -55.46
C ALA A 181 -28.26 14.24 -55.88
N VAL A 182 -27.55 14.60 -56.94
CA VAL A 182 -27.56 15.90 -57.59
C VAL A 182 -28.76 15.94 -58.51
N VAL A 183 -29.47 17.07 -58.56
CA VAL A 183 -30.61 17.26 -59.48
C VAL A 183 -30.32 18.55 -60.23
N GLY A 184 -30.35 19.66 -59.50
CA GLY A 184 -30.03 20.98 -60.02
C GLY A 184 -30.24 22.06 -58.98
N ALA A 185 -29.62 23.23 -59.23
CA ALA A 185 -29.77 24.41 -58.40
C ALA A 185 -31.14 25.06 -58.58
N ASN A 186 -31.63 25.71 -57.48
CA ASN A 186 -32.85 26.52 -57.39
C ASN A 186 -34.12 25.71 -57.72
N LEU A 187 -34.21 24.51 -57.15
CA LEU A 187 -35.35 23.61 -57.32
C LEU A 187 -35.99 23.42 -55.98
N SER A 188 -37.23 23.91 -55.80
CA SER A 188 -37.92 23.84 -54.51
C SER A 188 -39.31 23.15 -54.58
N GLY A 189 -39.67 22.59 -55.74
CA GLY A 189 -40.95 21.92 -55.89
C GLY A 189 -40.80 20.42 -55.91
N LEU A 190 -41.41 19.73 -54.94
CA LEU A 190 -41.32 18.28 -54.83
C LEU A 190 -42.73 17.62 -54.83
N THR A 191 -42.87 16.53 -55.59
CA THR A 191 -44.06 15.70 -55.72
C THR A 191 -43.64 14.25 -55.69
N ILE A 192 -44.33 13.41 -54.93
CA ILE A 192 -44.07 11.97 -54.94
C ILE A 192 -45.28 11.35 -55.65
N LEU A 193 -45.05 10.76 -56.86
CA LEU A 193 -46.10 10.21 -57.71
C LEU A 193 -46.57 8.86 -57.19
N ASN A 194 -45.62 8.00 -56.78
CA ASN A 194 -45.86 6.63 -56.32
C ASN A 194 -44.60 6.11 -55.63
N GLU A 195 -44.42 4.77 -55.53
CA GLU A 195 -43.26 4.19 -54.85
C GLU A 195 -41.99 4.30 -55.66
N GLN A 196 -42.13 4.37 -57.00
CA GLN A 196 -41.02 4.35 -57.92
C GLN A 196 -40.58 5.76 -58.39
N TYR A 197 -41.52 6.73 -58.55
CA TYR A 197 -41.18 8.03 -59.10
C TYR A 197 -41.68 9.21 -58.31
N GLY A 198 -40.96 10.30 -58.48
CA GLY A 198 -41.28 11.62 -57.95
C GLY A 198 -41.06 12.70 -59.00
N LEU A 199 -41.42 13.94 -58.69
CA LEU A 199 -41.20 15.08 -59.58
C LEU A 199 -40.46 16.17 -58.87
N VAL A 200 -39.48 16.77 -59.54
CA VAL A 200 -38.75 17.91 -59.01
C VAL A 200 -38.99 19.05 -59.99
N THR A 201 -39.53 20.15 -59.48
CA THR A 201 -39.87 21.32 -60.30
C THR A 201 -39.14 22.55 -59.73
N GLY A 202 -39.05 23.60 -60.55
CA GLY A 202 -38.36 24.85 -60.23
C GLY A 202 -37.87 25.56 -61.48
N ASP A 203 -37.48 24.78 -62.51
CA ASP A 203 -37.01 25.23 -63.83
C ASP A 203 -37.77 24.50 -64.94
N GLY A 204 -38.94 23.98 -64.58
CA GLY A 204 -39.81 23.17 -65.43
C GLY A 204 -40.19 21.93 -64.66
N ILE A 205 -40.20 20.75 -65.31
CA ILE A 205 -40.56 19.48 -64.66
C ILE A 205 -39.49 18.43 -64.91
N ARG A 206 -39.03 17.81 -63.81
CA ARG A 206 -38.08 16.71 -63.82
C ARG A 206 -38.68 15.50 -63.16
N ARG A 207 -38.56 14.32 -63.79
CA ARG A 207 -38.98 13.07 -63.16
C ARG A 207 -37.79 12.50 -62.48
N ILE A 208 -37.94 12.10 -61.23
CA ILE A 208 -36.83 11.49 -60.50
C ILE A 208 -37.23 10.02 -60.14
N ASP A 209 -36.31 9.07 -60.36
CA ASP A 209 -36.49 7.67 -59.97
C ASP A 209 -36.14 7.57 -58.50
N LEU A 210 -37.08 7.14 -57.65
CA LEU A 210 -36.86 7.14 -56.19
C LEU A 210 -35.93 5.98 -55.72
N LYS A 211 -35.39 5.16 -56.65
CA LYS A 211 -34.45 4.09 -56.29
C LYS A 211 -33.04 4.47 -56.78
N SER A 212 -32.87 4.73 -58.10
CA SER A 212 -31.57 5.08 -58.68
C SER A 212 -31.21 6.55 -58.47
N LEU A 213 -32.22 7.43 -58.34
CA LEU A 213 -32.17 8.87 -58.12
C LEU A 213 -31.69 9.59 -59.42
N ASN A 214 -31.85 8.93 -60.59
CA ASN A 214 -31.63 9.59 -61.88
C ASN A 214 -32.83 10.45 -62.17
N ASN A 215 -32.63 11.62 -62.80
CA ASN A 215 -33.73 12.51 -63.13
C ASN A 215 -33.71 12.82 -64.62
N VAL A 216 -34.89 13.04 -65.19
CA VAL A 216 -35.10 13.35 -66.61
C VAL A 216 -35.81 14.67 -66.63
N ARG A 217 -35.27 15.64 -67.38
CA ARG A 217 -35.86 16.95 -67.53
C ARG A 217 -36.90 16.87 -68.68
N ILE A 218 -38.18 16.72 -68.31
CA ILE A 218 -39.30 16.54 -69.24
C ILE A 218 -39.72 17.88 -69.84
N LYS A 219 -40.02 18.83 -68.99
CA LYS A 219 -40.43 20.16 -69.42
C LYS A 219 -39.40 21.15 -68.91
N ASN A 220 -38.99 22.05 -69.80
CA ASN A 220 -38.00 23.06 -69.50
C ASN A 220 -38.69 24.41 -69.64
N GLU A 221 -39.07 25.01 -68.50
CA GLU A 221 -39.76 26.29 -68.42
C GLU A 221 -39.22 27.05 -67.24
N ARG A 222 -38.53 28.17 -67.51
CA ARG A 222 -37.90 29.03 -66.52
C ARG A 222 -38.90 29.43 -65.44
N LEU A 223 -38.51 29.20 -64.18
CA LEU A 223 -39.27 29.54 -62.97
C LEU A 223 -40.57 28.68 -62.81
N LEU A 224 -40.79 27.64 -63.64
CA LEU A 224 -41.99 26.80 -63.44
C LEU A 224 -41.73 25.88 -62.25
N CYS A 225 -42.51 26.08 -61.20
CA CYS A 225 -42.36 25.38 -59.94
C CYS A 225 -43.72 24.96 -59.39
N PHE A 226 -43.82 23.71 -58.87
CA PHE A 226 -45.04 23.31 -58.17
C PHE A 226 -44.77 23.60 -56.71
N TYR A 227 -45.12 24.80 -56.23
CA TYR A 227 -44.90 25.19 -54.82
C TYR A 227 -45.65 24.23 -53.95
N ASN A 228 -46.80 23.74 -54.43
CA ASN A 228 -47.64 22.73 -53.80
C ASN A 228 -48.27 21.90 -54.85
N SER A 229 -48.42 20.61 -54.57
CA SER A 229 -49.01 19.63 -55.48
C SER A 229 -49.62 18.48 -54.69
N ILE A 230 -50.39 17.60 -55.37
CA ILE A 230 -51.05 16.44 -54.80
C ILE A 230 -51.39 15.48 -55.92
N ILE A 231 -51.47 14.18 -55.61
CA ILE A 231 -51.91 13.17 -56.55
C ILE A 231 -53.40 12.97 -56.29
N TYR A 232 -54.21 13.05 -57.35
CA TYR A 232 -55.65 12.90 -57.22
C TYR A 232 -56.21 12.37 -58.51
N ASN A 233 -56.87 11.18 -58.43
CA ASN A 233 -57.51 10.49 -59.55
C ASN A 233 -56.63 10.47 -60.80
N GLY A 234 -55.43 9.93 -60.64
CA GLY A 234 -54.47 9.76 -61.73
C GLY A 234 -53.84 11.02 -62.25
N LYS A 235 -54.07 12.17 -61.55
CA LYS A 235 -53.53 13.46 -61.94
C LYS A 235 -52.66 14.09 -60.87
N VAL A 236 -51.77 14.99 -61.30
CA VAL A 236 -50.96 15.84 -60.42
C VAL A 236 -51.58 17.23 -60.44
N LEU A 237 -52.19 17.67 -59.32
CA LEU A 237 -52.73 19.02 -59.19
C LEU A 237 -51.62 19.93 -58.75
N SER A 238 -51.42 21.11 -59.37
CA SER A 238 -50.32 21.97 -58.96
C SER A 238 -50.76 23.45 -58.70
N ASN A 239 -50.07 24.05 -57.71
CA ASN A 239 -50.03 25.46 -57.33
C ASN A 239 -48.67 25.96 -57.77
N ASP A 240 -48.61 26.80 -58.81
CA ASP A 240 -47.37 27.25 -59.40
C ASP A 240 -47.18 28.75 -59.27
N THR A 241 -47.84 29.39 -58.28
CA THR A 241 -47.75 30.83 -58.11
C THR A 241 -47.57 31.22 -56.63
N TYR A 242 -46.85 32.32 -56.38
CA TYR A 242 -46.64 32.86 -55.04
C TYR A 242 -47.06 34.33 -54.98
N LYS A 243 -47.52 34.90 -56.13
CA LYS A 243 -47.81 36.31 -56.33
C LYS A 243 -48.72 36.56 -57.54
N ASP A 244 -48.29 36.15 -58.75
CA ASP A 244 -48.99 36.37 -60.01
C ASP A 244 -50.26 35.55 -60.12
N GLU A 245 -51.25 36.09 -60.83
CA GLU A 245 -52.54 35.46 -61.08
C GLU A 245 -52.28 34.22 -61.96
N SER A 246 -52.70 33.07 -61.46
CA SER A 246 -52.50 31.79 -62.13
C SER A 246 -53.63 30.86 -61.77
N LYS A 247 -53.91 29.89 -62.64
CA LYS A 247 -54.93 28.89 -62.36
C LYS A 247 -54.30 27.59 -61.93
N VAL A 248 -55.01 26.79 -61.09
CA VAL A 248 -54.56 25.44 -60.72
C VAL A 248 -54.42 24.68 -62.03
N LYS A 249 -53.30 23.98 -62.20
CA LYS A 249 -53.04 23.18 -63.39
C LYS A 249 -52.82 21.74 -63.02
N TYR A 250 -53.27 20.82 -63.86
CA TYR A 250 -53.01 19.42 -63.56
C TYR A 250 -52.38 18.75 -64.80
N TYR A 251 -51.61 17.70 -64.52
CA TYR A 251 -50.87 16.84 -65.45
C TYR A 251 -51.32 15.40 -65.21
N ASP A 252 -51.08 14.53 -66.18
CA ASP A 252 -51.45 13.12 -66.05
C ASP A 252 -50.26 12.37 -65.46
N VAL A 253 -50.47 11.60 -64.37
CA VAL A 253 -49.41 10.85 -63.68
C VAL A 253 -48.74 9.87 -64.67
N ASN A 254 -49.52 9.12 -65.45
CA ASN A 254 -48.98 8.13 -66.40
C ASN A 254 -48.20 8.78 -67.54
N GLU A 255 -48.66 9.96 -68.02
CA GLU A 255 -47.95 10.74 -69.05
C GLU A 255 -46.59 11.24 -68.50
N LEU A 256 -46.56 11.69 -67.24
CA LEU A 256 -45.36 12.16 -66.54
C LEU A 256 -44.36 11.04 -66.33
N ILE A 257 -44.83 9.81 -66.05
CA ILE A 257 -43.98 8.63 -65.82
C ILE A 257 -43.32 8.19 -67.15
N ALA A 258 -44.07 8.23 -68.27
CA ALA A 258 -43.65 7.76 -69.60
C ALA A 258 -42.85 8.79 -70.43
N ALA A 259 -43.03 10.08 -70.15
CA ALA A 259 -42.40 11.18 -70.88
C ALA A 259 -40.85 11.05 -70.93
N LYS A 260 -40.31 11.19 -72.14
CA LYS A 260 -38.86 11.18 -72.38
C LYS A 260 -38.32 12.61 -72.25
N GLU A 261 -36.98 12.79 -72.21
CA GLU A 261 -36.34 14.09 -72.10
C GLU A 261 -36.88 15.05 -73.18
N GLY A 262 -37.46 16.16 -72.72
CA GLY A 262 -38.03 17.19 -73.58
C GLY A 262 -39.49 17.03 -73.96
N GLU A 263 -40.07 15.80 -73.80
CA GLU A 263 -41.47 15.54 -74.17
C GLU A 263 -42.44 16.17 -73.18
N ALA A 264 -42.56 17.52 -73.16
CA ALA A 264 -43.44 18.26 -72.24
C ALA A 264 -44.86 17.65 -72.24
N PRO A 265 -45.39 17.33 -71.04
CA PRO A 265 -46.72 16.72 -70.98
C PRO A 265 -47.85 17.76 -71.08
N ALA A 266 -49.06 17.30 -71.37
CA ALA A 266 -50.25 18.14 -71.48
C ALA A 266 -50.64 18.68 -70.10
N VAL A 267 -50.99 19.96 -70.06
CA VAL A 267 -51.36 20.66 -68.85
C VAL A 267 -52.76 21.21 -69.06
N THR A 268 -53.62 20.95 -68.10
CA THR A 268 -55.02 21.40 -68.12
C THR A 268 -55.24 22.32 -66.95
N GLU A 269 -55.98 23.40 -67.15
CA GLU A 269 -56.32 24.34 -66.09
C GLU A 269 -57.68 24.04 -65.51
N LEU A 270 -57.83 24.26 -64.21
CA LEU A 270 -59.07 24.21 -63.45
C LEU A 270 -59.48 25.63 -63.16
N ASP A 271 -60.78 25.91 -63.04
CA ASP A 271 -61.25 27.27 -62.77
C ASP A 271 -61.04 27.57 -61.26
N ILE A 272 -59.76 27.75 -60.86
CA ILE A 272 -59.30 28.05 -59.50
C ILE A 272 -58.18 29.07 -59.65
N ILE A 273 -58.53 30.38 -59.50
CA ILE A 273 -57.58 31.49 -59.58
C ILE A 273 -56.77 31.52 -58.29
N GLN A 274 -55.45 31.49 -58.42
CA GLN A 274 -54.55 31.58 -57.28
C GLN A 274 -53.57 32.72 -57.52
N LYS A 275 -53.37 33.54 -56.47
CA LYS A 275 -52.47 34.69 -56.51
C LYS A 275 -51.45 34.59 -55.37
N GLN A 276 -51.27 33.37 -54.83
CA GLN A 276 -50.35 33.06 -53.73
C GLN A 276 -50.10 31.56 -53.59
N LYS A 277 -49.16 31.19 -52.69
CA LYS A 277 -48.90 29.79 -52.37
C LYS A 277 -49.97 29.26 -51.49
N ILE A 278 -50.60 28.17 -51.93
CA ILE A 278 -51.61 27.45 -51.14
C ILE A 278 -51.51 25.98 -51.56
N ASN A 279 -51.69 25.09 -50.57
CA ASN A 279 -51.59 23.67 -50.78
C ASN A 279 -52.95 23.05 -51.11
N PHE A 280 -52.92 21.74 -51.37
CA PHE A 280 -54.07 20.85 -51.63
C PHE A 280 -54.17 19.85 -50.52
N VAL A 281 -55.35 19.69 -49.93
CA VAL A 281 -55.49 18.72 -48.84
C VAL A 281 -56.58 17.72 -49.23
N LEU A 282 -56.33 16.43 -48.92
CA LEU A 282 -57.33 15.38 -49.10
C LEU A 282 -58.16 15.32 -47.83
N ALA A 283 -59.46 15.68 -47.91
CA ALA A 283 -60.34 15.71 -46.73
C ALA A 283 -61.02 14.35 -46.51
N LYS A 284 -61.74 14.20 -45.36
CA LYS A 284 -62.37 12.94 -44.93
C LYS A 284 -63.51 12.55 -45.90
N ASP A 285 -64.09 13.49 -46.65
CA ASP A 285 -65.12 13.19 -47.64
C ASP A 285 -64.52 12.51 -48.91
N GLY A 286 -63.19 12.39 -48.96
CA GLY A 286 -62.43 11.78 -50.05
C GLY A 286 -62.12 12.73 -51.17
N ASN A 287 -62.43 14.02 -50.98
CA ASN A 287 -62.23 15.07 -51.98
C ASN A 287 -61.00 15.90 -51.64
N VAL A 288 -60.46 16.61 -52.65
CA VAL A 288 -59.28 17.46 -52.51
C VAL A 288 -59.77 18.88 -52.44
N TYR A 289 -59.21 19.63 -51.49
CA TYR A 289 -59.53 21.03 -51.25
C TYR A 289 -58.34 21.91 -51.40
N THR A 290 -58.55 23.09 -51.97
CA THR A 290 -57.56 24.13 -52.05
C THR A 290 -58.32 25.45 -51.87
N LEU A 291 -57.62 26.58 -52.02
CA LEU A 291 -58.22 27.91 -51.94
C LEU A 291 -58.09 28.64 -53.26
N GLU A 292 -59.04 29.53 -53.50
CA GLU A 292 -59.09 30.40 -54.65
C GLU A 292 -59.03 31.82 -54.14
N SER A 293 -58.27 32.68 -54.82
CA SER A 293 -58.12 34.07 -54.42
C SER A 293 -59.34 34.86 -54.88
N ALA A 294 -59.97 35.59 -53.94
CA ALA A 294 -61.16 36.42 -54.16
C ALA A 294 -60.89 37.86 -53.66
N ASP A 295 -61.71 38.82 -54.11
CA ASP A 295 -61.55 40.25 -53.80
C ASP A 295 -61.63 40.52 -52.29
N ASN A 296 -62.72 40.06 -51.63
CA ASN A 296 -63.01 40.34 -50.22
C ASN A 296 -62.90 39.08 -49.35
N GLY A 297 -61.93 38.22 -49.67
CA GLY A 297 -61.67 37.00 -48.93
C GLY A 297 -61.05 35.93 -49.80
N CYS A 298 -61.51 34.68 -49.68
CA CYS A 298 -61.03 33.54 -50.45
C CYS A 298 -62.17 32.56 -50.62
N ASN A 299 -62.02 31.57 -51.49
CA ASN A 299 -63.01 30.50 -51.66
C ASN A 299 -62.40 29.15 -51.35
N ILE A 300 -63.03 28.37 -50.45
CA ILE A 300 -62.62 26.98 -50.16
C ILE A 300 -63.16 26.15 -51.32
N VAL A 301 -62.26 25.62 -52.14
CA VAL A 301 -62.68 24.89 -53.33
C VAL A 301 -62.58 23.38 -53.10
N LYS A 302 -63.69 22.68 -53.30
CA LYS A 302 -63.81 21.23 -53.28
C LYS A 302 -63.56 20.73 -54.68
N ILE A 303 -62.59 19.82 -54.86
CA ILE A 303 -62.29 19.26 -56.19
C ILE A 303 -62.79 17.84 -56.14
N LYS A 304 -63.89 17.56 -56.85
CA LYS A 304 -64.45 16.21 -56.79
C LYS A 304 -63.64 15.30 -57.74
N ASN A 305 -63.86 13.97 -57.65
CA ASN A 305 -63.23 12.92 -58.46
C ASN A 305 -63.32 13.20 -59.97
N ASP A 306 -64.42 13.81 -60.42
CA ASP A 306 -64.59 14.08 -61.84
C ASP A 306 -64.05 15.48 -62.21
N PHE A 307 -63.38 16.13 -61.24
CA PHE A 307 -62.70 17.42 -61.28
C PHE A 307 -63.72 18.59 -61.51
N THR A 308 -64.98 18.38 -61.05
CA THR A 308 -65.98 19.44 -60.98
C THR A 308 -65.68 20.17 -59.65
N LEU A 309 -66.06 21.43 -59.55
CA LEU A 309 -65.74 22.25 -58.40
C LEU A 309 -66.95 22.76 -57.65
N GLU A 310 -66.85 22.71 -56.32
CA GLU A 310 -67.81 23.26 -55.36
C GLU A 310 -67.05 24.32 -54.60
N LYS A 311 -67.61 25.54 -54.53
CA LYS A 311 -66.95 26.68 -53.91
C LYS A 311 -67.82 27.30 -52.80
N VAL A 312 -67.20 27.48 -51.62
CA VAL A 312 -67.75 28.10 -50.41
C VAL A 312 -66.91 29.31 -50.08
N PHE A 313 -67.53 30.52 -50.01
CA PHE A 313 -66.85 31.78 -49.70
C PHE A 313 -66.53 31.90 -48.21
N ALA A 314 -65.28 32.33 -47.91
CA ALA A 314 -64.72 32.57 -46.57
C ALA A 314 -64.32 34.03 -46.48
N ASN A 315 -65.06 34.81 -45.66
CA ASN A 315 -64.89 36.25 -45.49
CA ASN A 315 -64.88 36.26 -45.51
C ASN A 315 -63.62 36.58 -44.67
N PHE A 316 -62.45 36.10 -45.12
CA PHE A 316 -61.14 36.34 -44.52
C PHE A 316 -60.11 36.07 -45.58
N GLN A 317 -59.00 36.79 -45.51
CA GLN A 317 -57.90 36.66 -46.45
C GLN A 317 -56.98 35.53 -45.97
N PRO A 318 -56.49 34.61 -46.84
CA PRO A 318 -55.60 33.55 -46.33
C PRO A 318 -54.20 34.05 -46.03
N ALA A 319 -53.53 33.43 -45.05
CA ALA A 319 -52.14 33.72 -44.68
C ALA A 319 -51.24 33.46 -45.86
N LYS A 320 -50.23 34.29 -46.01
CA LYS A 320 -49.31 34.31 -47.15
C LYS A 320 -47.93 34.82 -46.71
N GLY A 321 -46.91 34.40 -47.45
CA GLY A 321 -45.53 34.88 -47.35
C GLY A 321 -45.29 35.82 -48.54
N PRO A 322 -44.40 36.83 -48.48
CA PRO A 322 -44.28 37.75 -49.63
C PRO A 322 -43.39 37.21 -50.79
N TYR A 323 -42.30 36.50 -50.46
CA TYR A 323 -41.27 36.04 -51.38
C TYR A 323 -41.51 34.63 -51.96
N HIS A 324 -40.75 34.30 -53.03
CA HIS A 324 -40.70 32.98 -53.71
C HIS A 324 -40.22 31.90 -52.74
N SER A 325 -39.42 32.33 -51.74
CA SER A 325 -38.74 31.49 -50.75
C SER A 325 -39.57 31.28 -49.51
N SER A 326 -40.53 32.17 -49.24
CA SER A 326 -41.38 32.09 -48.06
C SER A 326 -42.26 30.84 -48.15
N PRO A 327 -42.34 30.01 -47.09
CA PRO A 327 -43.09 28.75 -47.21
C PRO A 327 -44.60 28.98 -47.33
N THR A 328 -45.31 27.88 -47.66
CA THR A 328 -46.76 27.87 -47.82
C THR A 328 -47.35 27.80 -46.44
N ILE A 329 -48.26 28.74 -46.11
CA ILE A 329 -48.89 28.67 -44.80
C ILE A 329 -50.09 27.76 -45.04
N GLY A 330 -49.78 26.48 -45.24
CA GLY A 330 -50.68 25.41 -45.61
C GLY A 330 -51.73 25.00 -44.62
N VAL A 332 -54.60 22.03 -43.18
CA VAL A 332 -54.42 20.64 -42.79
C VAL A 332 -55.81 20.05 -42.60
N ALA A 333 -56.01 18.84 -43.13
CA ALA A 333 -57.25 18.11 -43.05
C ALA A 333 -57.16 16.96 -42.06
N SER A 334 -58.26 16.71 -41.38
CA SER A 334 -58.44 15.60 -40.47
C SER A 334 -58.81 14.35 -41.24
N GLU A 335 -58.25 13.20 -40.84
CA GLU A 335 -58.54 11.90 -41.45
C GLU A 335 -59.71 11.22 -40.77
N THR A 336 -60.07 11.72 -39.56
CA THR A 336 -61.12 11.12 -38.72
C THR A 336 -62.35 12.03 -38.56
N GLU A 337 -62.24 13.33 -38.87
CA GLU A 337 -63.36 14.26 -38.78
C GLU A 337 -63.46 15.11 -40.04
N ASN A 338 -64.66 15.58 -40.37
CA ASN A 338 -64.97 16.39 -41.56
C ASN A 338 -64.58 17.85 -41.31
N ILE A 339 -63.26 18.03 -41.16
CA ILE A 339 -62.62 19.28 -40.76
C ILE A 339 -61.38 19.60 -41.62
N ILE A 340 -61.19 20.91 -41.84
CA ILE A 340 -59.99 21.51 -42.42
C ILE A 340 -59.63 22.71 -41.55
N TYR A 341 -58.39 22.76 -41.10
CA TYR A 341 -57.85 23.90 -40.38
C TYR A 341 -57.16 24.81 -41.41
N LEU A 342 -57.42 26.13 -41.37
CA LEU A 342 -56.77 27.06 -42.28
C LEU A 342 -56.47 28.37 -41.52
N VAL A 343 -55.42 29.09 -41.96
CA VAL A 343 -54.88 30.31 -41.31
C VAL A 343 -55.25 31.57 -42.09
N SER A 344 -55.78 32.56 -41.37
CA SER A 344 -56.09 33.87 -41.93
C SER A 344 -54.83 34.72 -41.91
N THR A 345 -54.83 35.78 -42.72
CA THR A 345 -53.69 36.70 -42.90
C THR A 345 -53.30 37.42 -41.54
N ASP A 346 -54.17 37.42 -40.49
CA ASP A 346 -53.94 38.02 -39.17
C ASP A 346 -53.29 37.03 -38.16
N GLY A 347 -53.23 35.75 -38.53
CA GLY A 347 -52.64 34.73 -37.68
C GLY A 347 -53.66 33.96 -36.86
N ALA A 348 -54.93 34.00 -37.27
CA ALA A 348 -56.04 33.27 -36.67
C ALA A 348 -56.22 31.93 -37.40
N ILE A 349 -56.75 30.93 -36.69
CA ILE A 349 -56.98 29.62 -37.26
C ILE A 349 -58.47 29.43 -37.27
N TYR A 350 -58.95 29.00 -38.43
CA TYR A 350 -60.33 28.66 -38.68
C TYR A 350 -60.45 27.15 -38.82
N LYS A 351 -61.48 26.58 -38.19
CA LYS A 351 -61.80 25.15 -38.27
C LYS A 351 -62.99 25.01 -39.19
N TYR A 352 -62.74 24.73 -40.48
CA TYR A 352 -63.80 24.58 -41.47
C TYR A 352 -64.36 23.18 -41.40
N ILE A 353 -65.67 23.10 -41.25
CA ILE A 353 -66.41 21.86 -41.22
C ILE A 353 -67.06 21.74 -42.56
N LEU A 354 -66.53 20.84 -43.39
CA LEU A 354 -66.98 20.56 -44.76
C LEU A 354 -68.51 20.68 -44.88
N GLY A 355 -68.98 21.55 -45.77
CA GLY A 355 -70.39 21.79 -46.03
C GLY A 355 -71.11 22.77 -45.12
N ASP A 356 -70.47 23.12 -43.99
CA ASP A 356 -71.10 24.04 -43.08
C ASP A 356 -70.29 25.31 -43.06
N SER A 357 -70.80 26.36 -43.76
CA SER A 357 -70.18 27.68 -43.89
C SER A 357 -70.25 28.50 -42.58
N ASP A 358 -71.05 28.02 -41.59
CA ASP A 358 -71.21 28.66 -40.28
C ASP A 358 -69.93 28.57 -39.46
N SER A 359 -69.15 27.50 -39.71
CA SER A 359 -67.88 27.19 -39.06
C SER A 359 -66.76 28.19 -39.45
N LEU A 360 -67.03 29.09 -40.44
CA LEU A 360 -66.11 30.10 -40.94
C LEU A 360 -66.46 31.50 -40.45
N LYS A 361 -67.54 31.63 -39.64
CA LYS A 361 -68.02 32.92 -39.14
C LYS A 361 -67.09 33.49 -38.04
N ALA A 362 -66.33 32.61 -37.34
CA ALA A 362 -65.40 33.03 -36.29
C ALA A 362 -64.19 32.09 -36.20
N PRO A 363 -62.97 32.58 -35.81
CA PRO A 363 -61.81 31.67 -35.70
C PRO A 363 -61.98 30.64 -34.61
N PHE A 364 -61.34 29.49 -34.80
CA PHE A 364 -61.28 28.42 -33.82
C PHE A 364 -60.25 28.80 -32.77
N ILE A 365 -59.12 29.35 -33.25
CA ILE A 365 -58.01 29.89 -32.47
C ILE A 365 -57.82 31.32 -32.91
N ALA A 366 -58.04 32.27 -31.99
CA ALA A 366 -57.90 33.71 -32.23
C ALA A 366 -56.46 34.11 -32.50
N ALA A 367 -56.29 35.18 -33.26
CA ALA A 367 -54.97 35.74 -33.56
C ALA A 367 -54.42 36.51 -32.34
N GLU A 368 -53.10 36.61 -32.23
CA GLU A 368 -52.42 37.39 -31.22
C GLU A 368 -51.68 38.51 -31.92
N SER A 369 -51.85 39.78 -31.46
CA SER A 369 -51.23 40.93 -32.11
C SER A 369 -49.67 40.83 -32.05
N GLY A 370 -49.05 41.13 -33.20
CA GLY A 370 -47.61 41.08 -33.38
C GLY A 370 -47.00 39.68 -33.43
N VAL A 371 -47.89 38.67 -33.59
CA VAL A 371 -47.57 37.24 -33.70
C VAL A 371 -48.23 36.72 -34.97
N SER A 372 -47.42 36.09 -35.82
CA SER A 372 -47.95 35.54 -37.07
C SER A 372 -47.57 34.06 -37.20
N ILE A 373 -48.37 33.30 -37.99
CA ILE A 373 -48.17 31.88 -38.26
C ILE A 373 -47.29 31.83 -39.49
N THR A 374 -46.09 31.25 -39.35
CA THR A 374 -45.03 31.32 -40.37
C THR A 374 -44.62 29.95 -40.96
N ALA A 375 -45.47 28.93 -40.84
CA ALA A 375 -45.22 27.61 -41.40
C ALA A 375 -46.52 26.90 -41.65
N PRO A 376 -46.58 25.85 -42.52
CA PRO A 376 -47.86 25.15 -42.70
C PRO A 376 -48.35 24.49 -41.42
N LEU A 377 -49.68 24.38 -41.26
CA LEU A 377 -50.27 23.68 -40.12
C LEU A 377 -50.01 22.20 -40.22
N GLN A 378 -49.89 21.54 -39.07
CA GLN A 378 -49.75 20.08 -39.02
C GLN A 378 -50.75 19.55 -38.00
N LEU A 379 -51.23 18.35 -38.25
CA LEU A 379 -52.18 17.71 -37.37
C LEU A 379 -51.73 16.32 -37.06
N ASN A 380 -51.88 15.94 -35.79
CA ASN A 380 -51.65 14.60 -35.31
C ASN A 380 -52.96 13.84 -35.53
N GLN A 381 -52.98 12.86 -36.46
CA GLN A 381 -54.20 12.15 -36.84
C GLN A 381 -54.63 11.09 -35.79
N GLN A 382 -53.89 10.86 -34.72
CA GLN A 382 -54.28 9.88 -33.69
C GLN A 382 -54.93 10.57 -32.49
N SER A 383 -54.47 11.80 -32.14
CA SER A 383 -54.97 12.59 -31.00
C SER A 383 -55.85 13.77 -31.41
N GLY A 384 -55.71 14.24 -32.65
CA GLY A 384 -56.43 15.41 -33.15
C GLY A 384 -55.74 16.72 -32.81
N GLU A 385 -54.53 16.64 -32.24
CA GLU A 385 -53.69 17.79 -31.86
C GLU A 385 -53.22 18.57 -33.08
N LEU A 386 -53.36 19.91 -33.03
CA LEU A 386 -52.93 20.85 -34.09
C LEU A 386 -51.62 21.51 -33.69
N TYR A 387 -50.64 21.46 -34.58
CA TYR A 387 -49.33 22.05 -34.38
C TYR A 387 -49.22 23.31 -35.21
N VAL A 388 -49.15 24.44 -34.54
CA VAL A 388 -49.07 25.77 -35.11
C VAL A 388 -47.70 26.37 -34.84
N THR A 389 -47.05 26.92 -35.90
CA THR A 389 -45.76 27.60 -35.82
C THR A 389 -45.99 29.11 -35.82
N TYR A 390 -45.59 29.76 -34.72
CA TYR A 390 -45.71 31.21 -34.51
C TYR A 390 -44.35 31.88 -34.53
N THR A 391 -44.31 33.19 -34.94
CA THR A 391 -43.12 34.02 -34.89
C THR A 391 -43.51 35.40 -34.41
N GLU A 392 -42.83 35.88 -33.35
CA GLU A 392 -42.98 37.23 -32.83
C GLU A 392 -42.21 38.13 -33.77
N GLU A 393 -42.93 38.93 -34.55
CA GLU A 393 -42.45 39.81 -35.63
C GLU A 393 -41.31 40.74 -35.17
N ARG A 394 -41.50 41.41 -34.01
CA ARG A 394 -40.57 42.39 -33.48
C ARG A 394 -39.25 41.80 -32.95
N LYS A 395 -39.24 40.58 -32.35
CA LYS A 395 -38.00 40.05 -31.74
C LYS A 395 -37.40 38.84 -32.52
N ASP A 396 -38.12 38.23 -33.49
CA ASP A 396 -37.67 37.06 -34.26
C ASP A 396 -37.45 35.85 -33.29
N GLU A 397 -38.53 35.45 -32.63
CA GLU A 397 -38.55 34.31 -31.73
C GLU A 397 -39.75 33.46 -32.14
N SER A 398 -39.44 32.20 -32.49
CA SER A 398 -40.42 31.26 -32.99
C SER A 398 -40.68 30.15 -31.99
N LYS A 399 -41.91 29.64 -32.04
CA LYS A 399 -42.37 28.56 -31.20
C LYS A 399 -43.33 27.65 -31.95
N ILE A 400 -43.44 26.40 -31.50
CA ILE A 400 -44.40 25.43 -31.99
C ILE A 400 -45.40 25.24 -30.86
N VAL A 401 -46.66 25.65 -31.08
CA VAL A 401 -47.71 25.49 -30.08
C VAL A 401 -48.57 24.31 -30.53
N VAL A 402 -48.74 23.34 -29.64
CA VAL A 402 -49.53 22.13 -29.83
C VAL A 402 -50.84 22.33 -29.09
N TYR A 403 -51.95 22.45 -29.85
CA TYR A 403 -53.30 22.62 -29.32
C TYR A 403 -54.05 21.30 -29.31
N SER A 404 -54.98 21.14 -28.37
CA SER A 404 -55.85 19.97 -28.35
C SER A 404 -56.99 20.17 -29.35
N LYS A 405 -57.81 19.12 -29.62
CA LYS A 405 -58.99 19.20 -30.49
C LYS A 405 -59.89 20.39 -30.12
N ASP A 406 -59.90 20.73 -28.80
CA ASP A 406 -60.69 21.77 -28.14
C ASP A 406 -59.96 23.13 -28.05
N GLY A 407 -58.76 23.23 -28.62
CA GLY A 407 -58.00 24.48 -28.66
C GLY A 407 -57.24 24.85 -27.41
N LYS A 408 -56.93 23.88 -26.52
CA LYS A 408 -56.17 24.17 -25.32
C LYS A 408 -54.70 23.90 -25.59
N VAL A 409 -53.80 24.80 -25.13
CA VAL A 409 -52.34 24.67 -25.32
C VAL A 409 -51.86 23.48 -24.51
N LEU A 410 -51.16 22.56 -25.16
CA LEU A 410 -50.63 21.35 -24.53
C LEU A 410 -49.11 21.36 -24.46
N HIS A 411 -48.46 21.97 -25.47
CA HIS A 411 -47.01 22.04 -25.57
C HIS A 411 -46.56 23.34 -26.22
N THR A 412 -45.37 23.80 -25.84
CA THR A 412 -44.72 24.95 -26.42
C THR A 412 -43.27 24.52 -26.64
N VAL A 413 -42.84 24.51 -27.89
CA VAL A 413 -41.48 24.16 -28.28
C VAL A 413 -40.79 25.47 -28.66
N ASP A 414 -39.81 25.90 -27.88
CA ASP A 414 -39.09 27.14 -28.19
C ASP A 414 -38.11 26.83 -29.30
N CYS A 415 -38.13 27.64 -30.37
CA CYS A 415 -37.28 27.40 -31.52
C CYS A 415 -36.29 28.57 -31.70
N GLY A 416 -36.49 29.63 -30.93
CA GLY A 416 -35.64 30.81 -30.97
C GLY A 416 -35.65 31.54 -32.29
N GLU A 417 -34.47 31.85 -32.80
CA GLU A 417 -34.22 32.62 -34.02
C GLU A 417 -34.41 31.79 -35.30
N SER A 418 -34.51 30.46 -35.17
CA SER A 418 -34.66 29.57 -36.30
C SER A 418 -36.11 29.08 -36.39
N VAL A 419 -36.81 29.52 -37.45
CA VAL A 419 -38.21 29.20 -37.76
C VAL A 419 -38.34 27.75 -38.25
N PRO A 420 -39.16 26.88 -37.60
CA PRO A 420 -39.36 25.54 -38.15
C PRO A 420 -40.17 25.63 -39.44
N SER A 421 -39.76 24.87 -40.46
CA SER A 421 -40.40 24.94 -41.78
C SER A 421 -41.46 23.86 -41.98
N GLN A 422 -41.35 22.74 -41.24
CA GLN A 422 -42.22 21.59 -41.35
CA GLN A 422 -42.29 21.62 -41.34
C GLN A 422 -42.15 20.69 -40.12
N ILE A 423 -43.23 19.95 -39.83
CA ILE A 423 -43.42 18.98 -38.75
C ILE A 423 -43.74 17.66 -39.39
N LEU A 424 -43.07 16.60 -38.96
CA LEU A 424 -43.20 15.24 -39.51
C LEU A 424 -43.39 14.21 -38.43
N PHE A 425 -44.06 13.08 -38.76
CA PHE A 425 -44.22 11.93 -37.85
C PHE A 425 -43.35 10.76 -38.39
N ASN A 426 -42.97 9.78 -37.52
CA ASN A 426 -42.11 8.69 -37.99
C ASN A 426 -42.93 7.52 -38.54
N ASN A 427 -44.27 7.60 -38.40
CA ASN A 427 -45.26 6.59 -38.81
C ASN A 427 -46.31 7.20 -39.77
N LEU B 12 72.22 -43.23 31.51
CA LEU B 12 71.00 -42.39 31.44
C LEU B 12 71.37 -40.97 31.02
N ALA B 13 70.44 -40.27 30.33
CA ALA B 13 70.62 -38.90 29.81
C ALA B 13 70.83 -37.89 30.95
N HIS B 14 71.34 -36.71 30.59
CA HIS B 14 71.65 -35.66 31.57
C HIS B 14 70.42 -34.80 31.87
N TYR B 15 69.38 -34.84 31.00
CA TYR B 15 68.13 -34.11 31.24
C TYR B 15 67.38 -34.80 32.41
N PRO B 16 66.37 -34.17 33.05
CA PRO B 16 65.76 -34.79 34.24
C PRO B 16 65.22 -36.21 33.96
N ASN B 17 65.59 -37.16 34.86
CA ASN B 17 65.17 -38.57 34.83
C ASN B 17 64.22 -38.83 36.00
N VAL B 18 62.93 -38.86 35.69
CA VAL B 18 61.82 -39.09 36.62
C VAL B 18 61.67 -40.61 36.84
N LEU B 19 61.75 -41.08 38.11
CA LEU B 19 61.64 -42.52 38.44
C LEU B 19 60.22 -43.00 38.10
N LYS B 20 60.08 -44.21 37.52
CA LYS B 20 58.82 -44.81 37.08
C LYS B 20 57.73 -44.76 38.16
N GLY B 21 56.55 -44.33 37.78
CA GLY B 21 55.39 -44.27 38.65
C GLY B 21 55.32 -43.12 39.63
N THR B 22 56.29 -42.21 39.62
CA THR B 22 56.31 -41.08 40.54
C THR B 22 55.51 -39.90 39.90
N PHE B 23 54.99 -40.08 38.65
CA PHE B 23 54.10 -39.16 37.91
C PHE B 23 52.99 -39.98 37.25
N PRO B 24 51.68 -39.55 37.31
CA PRO B 24 50.60 -40.39 36.77
C PRO B 24 50.76 -40.72 35.29
N THR B 25 50.63 -42.01 34.99
CA THR B 25 50.73 -42.61 33.66
C THR B 25 49.31 -42.67 33.01
N GLU B 26 48.26 -42.39 33.80
CA GLU B 26 46.86 -42.42 33.40
C GLU B 26 46.06 -41.34 34.12
N SER B 27 44.92 -40.96 33.54
CA SER B 27 44.01 -39.95 34.08
C SER B 27 43.52 -40.36 35.48
N GLN B 28 43.60 -39.42 36.43
CA GLN B 28 43.23 -39.59 37.83
C GLN B 28 41.78 -39.22 38.10
N VAL B 29 41.10 -40.07 38.86
CA VAL B 29 39.75 -39.80 39.34
C VAL B 29 39.85 -39.90 40.88
N LEU B 30 39.52 -38.78 41.56
CA LEU B 30 39.64 -38.61 43.01
C LEU B 30 38.33 -38.30 43.65
N GLU B 31 38.19 -38.64 44.93
CA GLU B 31 36.95 -38.35 45.63
C GLU B 31 36.94 -36.93 46.11
N LEU B 32 35.74 -36.34 46.27
CA LEU B 32 35.61 -35.02 46.89
C LEU B 32 36.16 -35.13 48.29
N GLY B 33 37.02 -34.21 48.66
CA GLY B 33 37.70 -34.23 49.95
C GLY B 33 39.12 -34.75 49.88
N GLU B 34 39.49 -35.48 48.80
CA GLU B 34 40.84 -35.99 48.60
C GLU B 34 41.77 -34.87 48.07
N THR B 35 43.07 -35.07 48.21
CA THR B 35 44.10 -34.15 47.71
C THR B 35 44.95 -34.92 46.71
N LEU B 36 45.15 -34.33 45.52
CA LEU B 36 46.01 -34.92 44.50
C LEU B 36 47.42 -34.50 44.80
N GLU B 37 48.29 -35.47 45.14
CA GLU B 37 49.70 -35.17 45.40
C GLU B 37 50.57 -35.93 44.44
N ILE B 38 51.40 -35.18 43.72
CA ILE B 38 52.37 -35.71 42.78
C ILE B 38 53.72 -35.19 43.22
N THR B 39 54.64 -36.11 43.47
CA THR B 39 55.99 -35.73 43.87
C THR B 39 56.93 -36.47 42.94
N PRO B 40 57.25 -35.92 41.75
CA PRO B 40 58.20 -36.60 40.86
C PRO B 40 59.56 -36.76 41.53
N GLU B 41 60.11 -37.96 41.48
CA GLU B 41 61.41 -38.27 42.05
C GLU B 41 62.44 -38.30 40.93
N LEU B 42 63.37 -37.37 40.99
CA LEU B 42 64.43 -37.24 40.01
C LEU B 42 65.65 -38.03 40.46
N LEU B 43 66.14 -38.87 39.55
CA LEU B 43 67.35 -39.66 39.75
C LEU B 43 68.55 -38.70 39.88
N ASN B 44 68.53 -37.60 39.07
CA ASN B 44 69.49 -36.49 39.00
C ASN B 44 68.73 -35.15 39.32
N PRO B 45 68.44 -34.87 40.61
CA PRO B 45 67.61 -33.68 40.94
C PRO B 45 68.34 -32.35 40.96
N GLU B 46 69.67 -32.36 41.01
CA GLU B 46 70.51 -31.16 41.11
C GLU B 46 70.28 -30.19 39.93
N GLY B 47 69.90 -28.96 40.29
CA GLY B 47 69.69 -27.85 39.36
C GLY B 47 68.43 -27.89 38.55
N ALA B 48 67.49 -28.78 38.94
CA ALA B 48 66.22 -28.91 38.25
C ALA B 48 65.20 -27.90 38.78
N THR B 49 64.41 -27.34 37.85
CA THR B 49 63.35 -26.41 38.15
C THR B 49 62.07 -27.03 37.60
N TYR B 50 60.92 -26.77 38.27
CA TYR B 50 59.62 -27.32 37.91
C TYR B 50 58.62 -26.24 37.48
N SER B 51 57.61 -26.64 36.71
CA SER B 51 56.52 -25.80 36.23
C SER B 51 55.29 -26.67 36.08
N TRP B 52 54.30 -26.44 36.96
CA TRP B 52 53.05 -27.19 36.99
C TRP B 52 51.96 -26.36 36.39
N LEU B 53 51.46 -26.78 35.21
CA LEU B 53 50.40 -26.12 34.47
C LEU B 53 49.07 -26.83 34.67
N VAL B 54 48.07 -26.11 35.21
CA VAL B 54 46.70 -26.58 35.43
C VAL B 54 45.88 -25.87 34.37
N ASN B 55 45.29 -26.63 33.42
CA ASN B 55 44.55 -26.14 32.25
C ASN B 55 45.40 -25.06 31.50
N GLY B 56 46.69 -25.37 31.32
CA GLY B 56 47.65 -24.52 30.63
C GLY B 56 48.19 -23.32 31.38
N LYS B 57 47.67 -23.06 32.59
CA LYS B 57 48.10 -21.93 33.40
C LYS B 57 49.04 -22.40 34.53
N GLU B 58 50.18 -21.74 34.72
CA GLU B 58 51.14 -22.13 35.76
C GLU B 58 50.51 -21.95 37.13
N TYR B 59 50.51 -23.03 37.90
CA TYR B 59 49.92 -23.13 39.23
C TYR B 59 50.99 -23.20 40.32
N SER B 60 52.14 -23.86 40.04
CA SER B 60 53.20 -24.03 41.04
C SER B 60 54.57 -24.23 40.35
N THR B 61 55.67 -23.90 41.07
CA THR B 61 57.10 -24.03 40.68
C THR B 61 57.78 -24.99 41.69
N GLU B 62 56.99 -25.51 42.65
CA GLU B 62 57.45 -26.41 43.69
C GLU B 62 57.75 -27.81 43.10
N PRO B 63 58.73 -28.56 43.69
CA PRO B 63 59.06 -29.90 43.13
C PRO B 63 57.97 -30.94 43.40
N THR B 64 56.91 -30.57 44.12
CA THR B 64 55.80 -31.41 44.51
C THR B 64 54.48 -30.63 44.29
N PHE B 65 53.50 -31.31 43.67
CA PHE B 65 52.18 -30.78 43.35
C PHE B 65 51.18 -31.24 44.35
N SER B 66 50.46 -30.29 44.92
CA SER B 66 49.37 -30.56 45.86
C SER B 66 48.15 -29.78 45.42
N TYR B 67 47.02 -30.46 45.25
CA TYR B 67 45.79 -29.80 44.80
C TYR B 67 44.58 -30.45 45.47
N LYS B 68 43.86 -29.72 46.36
CA LYS B 68 42.69 -30.27 47.08
C LYS B 68 41.50 -30.34 46.16
N ILE B 69 40.89 -31.54 46.09
CA ILE B 69 39.68 -31.82 45.29
C ILE B 69 38.50 -31.52 46.22
N ASP B 70 38.27 -30.22 46.46
CA ASP B 70 37.26 -29.73 47.39
C ASP B 70 36.00 -29.30 46.63
N ASN B 71 36.00 -29.45 45.31
CA ASN B 71 34.83 -29.08 44.49
C ASN B 71 34.70 -29.98 43.26
N PRO B 72 33.48 -30.25 42.70
CA PRO B 72 33.41 -30.96 41.42
C PRO B 72 34.31 -30.26 40.42
N CYS B 73 35.31 -30.98 39.87
CA CYS B 73 36.27 -30.36 38.96
C CYS B 73 36.74 -31.35 37.93
N ARG B 74 37.51 -30.84 36.97
CA ARG B 74 38.19 -31.56 35.87
C ARG B 74 39.26 -30.63 35.36
N ALA B 75 40.45 -31.14 35.09
CA ALA B 75 41.60 -30.34 34.67
C ALA B 75 42.64 -31.15 33.95
N ASP B 76 43.39 -30.48 33.06
CA ASP B 76 44.56 -31.01 32.35
C ASP B 76 45.76 -30.61 33.14
N LEU B 77 46.73 -31.51 33.33
CA LEU B 77 47.88 -31.18 34.14
C LEU B 77 49.18 -31.53 33.43
N SER B 78 50.11 -30.56 33.34
CA SER B 78 51.44 -30.74 32.77
C SER B 78 52.49 -30.45 33.81
N CYS B 79 53.60 -31.16 33.71
CA CYS B 79 54.74 -30.95 34.56
C CYS B 79 55.96 -30.84 33.69
N ILE B 80 56.54 -29.64 33.63
CA ILE B 80 57.75 -29.38 32.88
C ILE B 80 58.90 -29.32 33.88
N ILE B 81 59.87 -30.22 33.75
CA ILE B 81 61.06 -30.25 34.61
C ILE B 81 62.25 -29.98 33.72
N LYS B 82 63.04 -28.93 34.04
CA LYS B 82 64.19 -28.56 33.21
C LYS B 82 65.45 -28.43 34.04
N ASN B 83 66.60 -28.67 33.38
CA ASN B 83 67.94 -28.51 33.94
C ASN B 83 68.87 -28.02 32.82
N LYS B 84 70.15 -27.76 33.13
CA LYS B 84 71.17 -27.24 32.20
C LYS B 84 71.21 -28.03 30.85
N TYR B 85 70.94 -29.34 30.89
CA TYR B 85 71.06 -30.26 29.75
C TYR B 85 69.77 -30.51 28.96
N GLY B 86 68.62 -30.25 29.55
CA GLY B 86 67.36 -30.46 28.85
C GLY B 86 66.10 -30.21 29.64
N LYS B 87 64.98 -30.36 28.97
CA LYS B 87 63.64 -30.12 29.45
C LYS B 87 62.76 -31.35 29.19
N VAL B 88 61.94 -31.72 30.17
CA VAL B 88 61.03 -32.85 30.00
C VAL B 88 59.61 -32.37 30.37
N GLU B 89 58.61 -32.87 29.65
CA GLU B 89 57.22 -32.53 29.90
C GLU B 89 56.34 -33.79 29.92
N SER B 91 52.32 -35.18 30.92
CA SER B 91 50.96 -34.70 31.01
C SER B 91 50.01 -35.78 31.45
N THR B 92 49.01 -35.36 32.20
CA THR B 92 47.93 -36.20 32.67
C THR B 92 46.71 -35.28 32.82
N SER B 93 45.66 -35.83 33.38
CA SER B 93 44.46 -35.09 33.68
C SER B 93 43.88 -35.64 34.96
N PHE B 94 43.08 -34.83 35.64
CA PHE B 94 42.44 -35.26 36.86
C PHE B 94 41.03 -34.71 36.90
N SER B 95 40.16 -35.42 37.60
CA SER B 95 38.76 -35.07 37.77
C SER B 95 38.27 -35.67 39.06
N SER B 96 37.16 -35.12 39.60
CA SER B 96 36.50 -35.56 40.81
C SER B 96 35.46 -36.61 40.52
N ASN B 97 35.29 -37.56 41.44
CA ASN B 97 34.25 -38.59 41.34
C ASN B 97 33.02 -38.08 42.07
N HIS B 98 32.27 -37.22 41.42
CA HIS B 98 31.08 -36.60 42.00
C HIS B 98 29.83 -37.07 41.27
N ASN B 99 28.68 -36.96 41.95
CA ASN B 99 27.41 -37.41 41.42
C ASN B 99 26.38 -36.33 41.66
N PHE B 100 26.01 -35.63 40.57
CA PHE B 100 25.10 -34.50 40.64
C PHE B 100 23.63 -34.96 40.80
N SER B 101 23.39 -36.27 41.01
CA SER B 101 22.06 -36.84 41.27
C SER B 101 21.76 -36.89 42.77
N LYS B 102 22.84 -36.79 43.59
CA LYS B 102 22.80 -36.88 45.05
C LYS B 102 22.47 -35.48 45.66
N GLY B 103 21.62 -34.72 44.99
CA GLY B 103 21.22 -33.42 45.48
C GLY B 103 20.69 -32.49 44.44
N PHE B 104 21.01 -31.22 44.57
CA PHE B 104 20.45 -30.27 43.61
C PHE B 104 21.41 -29.12 43.31
N PHE B 105 21.23 -28.50 42.14
CA PHE B 105 21.95 -27.29 41.79
C PHE B 105 21.15 -26.09 42.26
N TYR B 106 21.81 -25.09 42.76
CA TYR B 106 21.13 -23.87 43.11
C TYR B 106 21.89 -22.75 42.41
N VAL B 107 21.13 -21.85 41.75
CA VAL B 107 21.70 -20.73 41.01
C VAL B 107 21.73 -19.54 41.96
N ALA B 108 22.95 -19.12 42.33
CA ALA B 108 23.22 -18.04 43.28
C ALA B 108 24.58 -17.50 43.02
N ASP B 109 24.85 -16.22 43.38
CA ASP B 109 26.14 -15.54 43.18
C ASP B 109 26.59 -15.60 41.68
N GLY B 110 25.63 -15.57 40.77
CA GLY B 110 25.85 -15.58 39.33
C GLY B 110 26.52 -16.80 38.74
N THR B 111 26.29 -17.97 39.34
CA THR B 111 26.91 -19.24 38.93
C THR B 111 26.08 -20.41 39.42
N PHE B 112 26.46 -21.62 38.98
CA PHE B 112 25.87 -22.88 39.40
C PHE B 112 26.58 -23.43 40.59
N ASN B 113 25.85 -23.65 41.67
CA ASN B 113 26.37 -24.27 42.88
C ASN B 113 25.74 -25.64 43.06
N PHE B 114 26.30 -26.51 43.88
CA PHE B 114 25.65 -27.83 44.13
C PHE B 114 25.56 -28.12 45.64
N TYR B 115 24.43 -28.68 46.09
CA TYR B 115 24.28 -29.13 47.46
C TYR B 115 24.05 -30.58 47.45
N ASP B 116 24.97 -31.36 48.03
CA ASP B 116 24.83 -32.80 48.17
C ASP B 116 24.00 -33.10 49.44
N THR B 117 22.74 -33.54 49.26
CA THR B 117 21.82 -33.74 50.40
C THR B 117 22.15 -35.01 51.21
N GLU B 118 23.05 -35.88 50.70
CA GLU B 118 23.55 -37.09 51.34
C GLU B 118 24.72 -36.76 52.27
N LYS B 119 25.70 -35.96 51.78
CA LYS B 119 26.87 -35.51 52.52
C LYS B 119 26.57 -34.24 53.34
N LYS B 120 25.44 -33.55 53.05
CA LYS B 120 25.01 -32.26 53.65
C LYS B 120 26.16 -31.24 53.38
N THR B 121 26.59 -31.19 52.09
CA THR B 121 27.72 -30.38 51.70
C THR B 121 27.35 -29.52 50.47
N ALA B 122 27.69 -28.21 50.53
CA ALA B 122 27.52 -27.23 49.47
C ALA B 122 28.84 -27.00 48.74
N TYR B 123 28.77 -26.97 47.41
CA TYR B 123 29.88 -26.75 46.50
C TYR B 123 29.57 -25.47 45.73
N GLN B 124 30.30 -24.39 46.04
CA GLN B 124 30.06 -23.08 45.43
C GLN B 124 30.81 -22.95 44.12
N ASP B 125 30.11 -22.47 43.08
CA ASP B 125 30.69 -22.21 41.74
C ASP B 125 31.36 -23.48 41.14
N CYS B 126 30.56 -24.50 40.85
CA CYS B 126 30.96 -25.76 40.22
C CYS B 126 31.19 -25.56 38.73
N TYR B 127 30.52 -24.57 38.16
CA TYR B 127 30.63 -24.23 36.76
C TYR B 127 32.08 -23.79 36.42
N ALA B 128 32.73 -22.99 37.27
CA ALA B 128 34.09 -22.55 37.02
C ALA B 128 35.07 -23.70 37.11
N SER B 129 34.97 -24.49 38.20
CA SER B 129 35.90 -25.60 38.45
C SER B 129 35.71 -26.75 37.44
N LEU B 130 34.59 -26.80 36.69
CA LEU B 130 34.35 -27.86 35.66
C LEU B 130 34.56 -27.36 34.21
N ASN B 131 34.84 -26.04 34.02
CA ASN B 131 35.00 -25.42 32.73
C ASN B 131 36.19 -24.46 32.70
N ALA B 132 37.30 -24.86 33.35
CA ALA B 132 38.59 -24.16 33.40
C ALA B 132 38.41 -22.66 33.66
N GLY B 133 37.67 -22.35 34.71
CA GLY B 133 37.47 -20.98 35.17
C GLY B 133 36.49 -20.11 34.41
N LYS B 134 35.71 -20.70 33.44
CA LYS B 134 34.70 -19.94 32.70
C LYS B 134 33.67 -19.32 33.64
N THR B 135 33.14 -18.18 33.24
CA THR B 135 32.15 -17.45 34.02
C THR B 135 30.92 -17.27 33.15
N LEU B 136 29.77 -16.95 33.76
CA LEU B 136 28.50 -16.71 33.07
C LEU B 136 28.23 -15.20 32.97
N GLY B 137 29.12 -14.42 33.59
CA GLY B 137 29.04 -12.97 33.63
C GLY B 137 27.74 -12.43 34.18
N ILE B 138 27.20 -13.05 35.24
CA ILE B 138 25.93 -12.59 35.81
C ILE B 138 26.27 -11.62 36.95
N GLY B 139 26.20 -10.33 36.63
CA GLY B 139 26.44 -9.25 37.57
C GLY B 139 25.32 -9.09 38.58
N ASN B 140 25.50 -8.14 39.49
CA ASN B 140 24.57 -7.81 40.57
C ASN B 140 23.21 -7.33 40.05
N TYR B 141 23.20 -6.59 38.92
CA TYR B 141 21.98 -6.03 38.35
C TYR B 141 21.48 -6.87 37.16
N ASP B 142 22.11 -8.04 36.93
CA ASP B 142 21.76 -8.98 35.86
C ASP B 142 20.85 -10.11 36.36
N SER B 143 20.03 -10.66 35.44
CA SER B 143 19.12 -11.77 35.74
C SER B 143 19.59 -13.02 35.03
N ALA B 144 19.35 -14.17 35.67
CA ALA B 144 19.65 -15.49 35.17
C ALA B 144 18.35 -16.25 35.01
N ASN B 145 18.00 -16.54 33.77
CA ASN B 145 16.75 -17.23 33.43
C ASN B 145 17.13 -18.54 32.75
N ILE B 146 16.87 -19.66 33.43
CA ILE B 146 17.29 -21.00 32.98
C ILE B 146 16.08 -21.91 32.80
N ILE B 147 16.14 -22.74 31.76
CA ILE B 147 15.17 -23.79 31.48
C ILE B 147 15.94 -25.08 31.28
N HIS B 148 15.56 -26.07 32.09
CA HIS B 148 16.08 -27.42 32.02
C HIS B 148 15.20 -28.20 31.04
N SER B 149 15.72 -28.43 29.83
CA SER B 149 15.02 -29.15 28.78
C SER B 149 16.04 -29.88 27.91
N ASN B 150 15.65 -31.00 27.30
CA ASN B 150 16.45 -31.83 26.37
C ASN B 150 17.83 -32.19 26.98
N GLY B 151 17.87 -32.39 28.29
CA GLY B 151 19.09 -32.71 29.04
C GLY B 151 20.11 -31.59 29.10
N LYS B 152 19.67 -30.34 28.82
CA LYS B 152 20.53 -29.15 28.83
C LYS B 152 19.97 -28.09 29.76
N PHE B 153 20.81 -27.21 30.27
CA PHE B 153 20.42 -26.01 30.99
C PHE B 153 20.56 -24.87 30.00
N TYR B 154 19.45 -24.30 29.55
CA TYR B 154 19.48 -23.16 28.66
C TYR B 154 19.42 -21.92 29.49
N LEU B 155 20.48 -21.13 29.49
CA LEU B 155 20.56 -19.92 30.28
C LEU B 155 20.49 -18.67 29.39
N LEU B 156 19.62 -17.74 29.79
CA LEU B 156 19.49 -16.41 29.20
C LEU B 156 19.84 -15.39 30.28
N VAL B 157 20.86 -14.55 30.01
CA VAL B 157 21.31 -13.51 30.92
C VAL B 157 20.64 -12.18 30.50
N GLY B 158 19.87 -11.60 31.41
CA GLY B 158 19.21 -10.33 31.23
C GLY B 158 20.16 -9.27 31.71
N THR B 159 20.88 -8.63 30.78
CA THR B 159 21.92 -7.67 31.09
C THR B 159 21.84 -6.50 30.12
N SER B 160 22.21 -5.29 30.58
CA SER B 160 22.20 -4.08 29.76
C SER B 160 23.41 -4.05 28.78
N THR B 161 24.42 -4.90 29.03
CA THR B 161 25.60 -5.06 28.18
C THR B 161 25.20 -5.78 26.88
N SER B 162 25.50 -5.16 25.74
CA SER B 162 25.16 -5.58 24.39
C SER B 162 26.16 -6.55 23.78
N ASN B 163 27.46 -6.22 23.82
CA ASN B 163 28.49 -6.99 23.14
C ASN B 163 29.11 -8.01 24.10
N ARG B 164 28.36 -9.08 24.30
CA ARG B 164 28.70 -10.22 25.13
C ARG B 164 27.76 -11.35 24.80
N ASP B 165 28.08 -12.54 25.28
CA ASP B 165 27.21 -13.69 25.13
C ASP B 165 26.09 -13.57 26.13
N HIS B 166 24.84 -13.81 25.67
CA HIS B 166 23.61 -13.71 26.47
C HIS B 166 22.95 -15.07 26.68
N PHE B 167 23.03 -15.96 25.69
CA PHE B 167 22.43 -17.29 25.70
C PHE B 167 23.53 -18.35 25.82
N TYR B 168 23.38 -19.25 26.78
CA TYR B 168 24.34 -20.32 27.07
C TYR B 168 23.67 -21.71 27.11
N ILE B 169 24.38 -22.72 26.58
CA ILE B 169 23.97 -24.12 26.66
C ILE B 169 25.02 -24.82 27.53
N VAL B 170 24.55 -25.34 28.66
CA VAL B 170 25.31 -26.06 29.68
C VAL B 170 24.69 -27.44 29.80
N ASP B 171 25.49 -28.51 29.76
CA ASP B 171 24.96 -29.86 29.92
C ASP B 171 24.43 -30.01 31.38
N ALA B 172 23.16 -30.41 31.53
CA ALA B 172 22.49 -30.52 32.82
C ALA B 172 23.10 -31.60 33.69
N LYS B 173 23.56 -32.70 33.06
CA LYS B 173 24.12 -33.84 33.75
C LYS B 173 25.50 -33.52 34.32
N THR B 174 26.39 -32.97 33.51
CA THR B 174 27.77 -32.76 33.90
C THR B 174 28.10 -31.32 34.30
N LEU B 175 27.32 -30.33 33.82
CA LEU B 175 27.50 -28.89 34.05
C LEU B 175 28.61 -28.35 33.12
N TYR B 176 28.89 -29.11 32.03
CA TYR B 176 29.86 -28.75 31.01
C TYR B 176 29.30 -27.71 30.07
N TYR B 177 30.08 -26.69 29.83
CA TYR B 177 29.75 -25.67 28.85
C TYR B 177 29.71 -26.31 27.46
N GLU B 178 28.65 -26.03 26.69
CA GLU B 178 28.60 -26.58 25.36
C GLU B 178 28.75 -25.48 24.34
N ASN B 179 27.95 -24.40 24.47
CA ASN B 179 27.98 -23.28 23.54
C ASN B 179 27.33 -22.03 24.15
N SER B 180 27.56 -20.88 23.52
CA SER B 180 26.98 -19.59 23.93
C SER B 180 26.99 -18.60 22.74
N ALA B 181 26.13 -17.56 22.80
CA ALA B 181 26.00 -16.58 21.72
C ALA B 181 25.43 -15.26 22.20
N VAL B 182 25.59 -14.24 21.37
CA VAL B 182 25.04 -12.90 21.56
C VAL B 182 23.59 -12.94 21.10
N VAL B 183 22.70 -12.27 21.83
CA VAL B 183 21.33 -12.18 21.36
C VAL B 183 21.04 -10.69 21.25
N GLY B 184 21.01 -10.05 22.41
CA GLY B 184 20.78 -8.63 22.62
C GLY B 184 20.65 -8.35 24.10
N ALA B 185 20.92 -7.11 24.47
CA ALA B 185 20.80 -6.56 25.81
C ALA B 185 19.34 -6.53 26.26
N ASN B 186 19.12 -6.63 27.60
CA ASN B 186 17.85 -6.51 28.33
C ASN B 186 16.79 -7.54 27.86
N LEU B 187 17.21 -8.80 27.74
CA LEU B 187 16.32 -9.89 27.37
C LEU B 187 16.29 -10.89 28.51
N SER B 188 15.14 -11.07 29.16
CA SER B 188 15.04 -11.93 30.34
C SER B 188 13.93 -13.01 30.23
N GLY B 189 13.27 -13.11 29.07
CA GLY B 189 12.21 -14.11 28.88
C GLY B 189 12.71 -15.26 28.03
N LEU B 190 12.68 -16.48 28.57
CA LEU B 190 13.12 -17.69 27.87
C LEU B 190 12.02 -18.77 27.85
N THR B 191 11.84 -19.39 26.68
CA THR B 191 10.91 -20.50 26.38
C THR B 191 11.63 -21.52 25.53
N ILE B 192 11.48 -22.81 25.83
CA ILE B 192 12.05 -23.86 24.99
C ILE B 192 10.82 -24.54 24.32
N LEU B 193 10.75 -24.42 22.99
CA LEU B 193 9.62 -24.94 22.20
C LEU B 193 9.72 -26.46 22.01
N ASN B 194 10.92 -26.94 21.66
CA ASN B 194 11.21 -28.34 21.37
C ASN B 194 12.72 -28.56 21.42
N GLU B 195 13.25 -29.59 20.72
CA GLU B 195 14.68 -29.92 20.73
C GLU B 195 15.49 -28.96 19.85
N GLN B 196 14.84 -28.36 18.86
CA GLN B 196 15.50 -27.53 17.87
C GLN B 196 15.37 -26.01 18.15
N TYR B 197 14.24 -25.56 18.73
CA TYR B 197 14.02 -24.14 18.90
C TYR B 197 13.58 -23.72 20.27
N GLY B 198 13.93 -22.47 20.59
CA GLY B 198 13.52 -21.75 21.77
C GLY B 198 13.02 -20.36 21.44
N LEU B 199 12.53 -19.62 22.42
CA LEU B 199 12.12 -18.22 22.27
C LEU B 199 12.82 -17.34 23.28
N VAL B 200 13.34 -16.21 22.84
CA VAL B 200 13.96 -15.21 23.70
C VAL B 200 13.11 -13.96 23.55
N THR B 201 12.54 -13.48 24.66
CA THR B 201 11.65 -12.33 24.68
C THR B 201 12.25 -11.28 25.65
N GLY B 202 11.78 -10.05 25.50
CA GLY B 202 12.24 -8.90 26.27
C GLY B 202 12.02 -7.61 25.51
N ASP B 203 12.17 -7.66 24.16
CA ASP B 203 11.98 -6.54 23.22
C ASP B 203 11.05 -6.96 22.08
N GLY B 204 10.29 -8.01 22.34
CA GLY B 204 9.37 -8.64 21.40
C GLY B 204 9.62 -10.14 21.46
N ILE B 205 9.62 -10.83 20.30
CA ILE B 205 9.83 -12.28 20.26
C ILE B 205 10.92 -12.61 19.29
N ARG B 206 11.88 -13.38 19.77
CA ARG B 206 12.99 -13.90 18.97
C ARG B 206 12.98 -15.40 19.00
N ARG B 207 13.10 -16.04 17.84
CA ARG B 207 13.23 -17.49 17.79
C ARG B 207 14.70 -17.79 17.77
N ILE B 208 15.16 -18.65 18.66
CA ILE B 208 16.57 -19.01 18.71
C ILE B 208 16.70 -20.50 18.33
N ASP B 209 17.68 -20.80 17.44
CA ASP B 209 18.01 -22.16 17.03
C ASP B 209 18.89 -22.73 18.12
N LEU B 210 18.47 -23.82 18.78
CA LEU B 210 19.20 -24.36 19.94
C LEU B 210 20.51 -25.10 19.53
N LYS B 211 20.85 -25.18 18.22
CA LYS B 211 22.08 -25.81 17.75
C LYS B 211 23.06 -24.73 17.27
N SER B 212 22.66 -23.90 16.29
CA SER B 212 23.51 -22.83 15.73
C SER B 212 23.55 -21.58 16.59
N LEU B 213 22.47 -21.34 17.36
CA LEU B 213 22.25 -20.22 18.30
C LEU B 213 22.04 -18.90 17.50
N ASN B 214 21.62 -19.01 16.23
CA ASN B 214 21.16 -17.86 15.45
C ASN B 214 19.76 -17.54 15.93
N ASN B 215 19.40 -16.25 15.96
CA ASN B 215 18.08 -15.86 16.38
C ASN B 215 17.45 -14.99 15.29
N VAL B 216 16.12 -15.08 15.20
CA VAL B 216 15.31 -14.32 14.24
C VAL B 216 14.34 -13.50 15.07
N ARG B 217 14.34 -12.19 14.84
CA ARG B 217 13.48 -11.26 15.54
C ARG B 217 12.17 -11.24 14.75
N ILE B 218 11.20 -12.04 15.19
CA ILE B 218 9.87 -12.28 14.59
C ILE B 218 8.88 -11.16 14.97
N LYS B 219 8.86 -10.75 16.24
CA LYS B 219 7.99 -9.67 16.69
C LYS B 219 8.87 -8.65 17.39
N ASN B 220 8.71 -7.40 17.02
CA ASN B 220 9.46 -6.30 17.60
C ASN B 220 8.45 -5.41 18.34
N GLU B 221 8.42 -5.54 19.69
CA GLU B 221 7.52 -4.80 20.57
C GLU B 221 8.27 -4.48 21.83
N ARG B 222 8.53 -3.19 22.05
CA ARG B 222 9.30 -2.66 23.17
C ARG B 222 8.72 -3.18 24.50
N LEU B 223 9.59 -3.77 25.35
CA LEU B 223 9.29 -4.29 26.69
C LEU B 223 8.38 -5.57 26.64
N LEU B 224 8.11 -6.16 25.45
CA LEU B 224 7.33 -7.40 25.40
C LEU B 224 8.21 -8.54 25.86
N CYS B 225 7.85 -9.13 27.01
CA CYS B 225 8.62 -10.18 27.66
C CYS B 225 7.72 -11.30 28.19
N PHE B 226 8.11 -12.57 27.98
CA PHE B 226 7.38 -13.69 28.59
C PHE B 226 8.09 -13.98 29.89
N TYR B 227 7.68 -13.34 31.00
CA TYR B 227 8.32 -13.55 32.29
C TYR B 227 8.19 -15.02 32.67
N ASN B 228 7.09 -15.66 32.25
CA ASN B 228 6.77 -17.07 32.41
C ASN B 228 6.00 -17.55 31.22
N SER B 229 6.27 -18.78 30.81
CA SER B 229 5.62 -19.43 29.68
C SER B 229 5.61 -20.94 29.87
N ILE B 230 4.89 -21.66 28.99
CA ILE B 230 4.74 -23.13 29.01
C ILE B 230 4.24 -23.56 27.64
N ILE B 231 4.54 -24.78 27.24
CA ILE B 231 4.04 -25.37 25.99
C ILE B 231 2.84 -26.22 26.40
N TYR B 232 1.68 -25.98 25.78
CA TYR B 232 0.47 -26.72 26.12
C TYR B 232 -0.39 -26.83 24.88
N ASN B 233 -0.67 -28.08 24.48
CA ASN B 233 -1.50 -28.42 23.34
C ASN B 233 -1.15 -27.60 22.09
N GLY B 234 0.11 -27.65 21.68
CA GLY B 234 0.60 -26.96 20.49
C GLY B 234 0.70 -25.45 20.57
N LYS B 235 0.48 -24.90 21.78
CA LYS B 235 0.51 -23.45 22.04
C LYS B 235 1.56 -23.05 23.09
N VAL B 236 2.01 -21.80 23.01
CA VAL B 236 2.87 -21.17 24.02
C VAL B 236 2.01 -20.27 24.89
N LEU B 237 1.80 -20.62 26.14
CA LEU B 237 1.05 -19.76 27.08
C LEU B 237 2.00 -18.78 27.70
N SER B 238 1.65 -17.47 27.77
CA SER B 238 2.58 -16.50 28.37
C SER B 238 1.91 -15.62 29.47
N ASN B 239 2.78 -15.14 30.38
CA ASN B 239 2.65 -14.19 31.46
C ASN B 239 3.61 -13.07 31.16
N ASP B 240 3.10 -11.94 30.65
CA ASP B 240 3.93 -10.84 30.18
C ASP B 240 3.80 -9.61 31.05
N THR B 241 3.49 -9.77 32.33
CA THR B 241 3.38 -8.63 33.22
C THR B 241 4.06 -8.89 34.57
N TYR B 242 4.43 -7.81 35.25
CA TYR B 242 5.00 -7.86 36.57
C TYR B 242 4.29 -6.83 37.48
N LYS B 243 3.33 -6.06 36.91
CA LYS B 243 2.67 -4.92 37.55
C LYS B 243 1.35 -4.56 36.86
N ASP B 244 1.40 -4.19 35.56
CA ASP B 244 0.23 -3.75 34.80
C ASP B 244 -0.76 -4.88 34.51
N GLU B 245 -2.04 -4.50 34.39
CA GLU B 245 -3.15 -5.41 34.08
C GLU B 245 -2.94 -5.95 32.67
N SER B 246 -2.93 -7.27 32.58
CA SER B 246 -2.71 -7.97 31.33
C SER B 246 -3.42 -9.31 31.38
N LYS B 247 -3.83 -9.84 30.25
CA LYS B 247 -4.41 -11.18 30.26
C LYS B 247 -3.32 -12.19 29.80
N VAL B 248 -3.50 -13.48 30.14
CA VAL B 248 -2.65 -14.54 29.63
C VAL B 248 -2.84 -14.56 28.13
N LYS B 249 -1.75 -14.65 27.37
CA LYS B 249 -1.78 -14.70 25.91
C LYS B 249 -1.11 -15.95 25.39
N TYR B 250 -1.61 -16.52 24.30
CA TYR B 250 -0.95 -17.68 23.74
C TYR B 250 -0.71 -17.49 22.24
N TYR B 251 0.33 -18.18 21.75
CA TYR B 251 0.86 -18.18 20.39
C TYR B 251 0.87 -19.63 19.92
N ASP B 252 0.94 -19.86 18.62
CA ASP B 252 0.99 -21.22 18.06
C ASP B 252 2.45 -21.61 17.91
N VAL B 253 2.84 -22.78 18.45
CA VAL B 253 4.22 -23.27 18.39
C VAL B 253 4.69 -23.41 16.91
N ASN B 254 3.87 -24.00 16.03
CA ASN B 254 4.22 -24.19 14.61
C ASN B 254 4.36 -22.87 13.87
N GLU B 255 3.50 -21.88 14.19
CA GLU B 255 3.56 -20.54 13.58
C GLU B 255 4.87 -19.84 14.02
N LEU B 256 5.24 -19.96 15.31
CA LEU B 256 6.47 -19.40 15.87
C LEU B 256 7.71 -20.02 15.23
N ILE B 257 7.69 -21.33 14.90
CA ILE B 257 8.81 -22.04 14.29
C ILE B 257 8.99 -21.58 12.82
N ALA B 258 7.89 -21.40 12.08
CA ALA B 258 7.88 -21.05 10.64
C ALA B 258 8.02 -19.54 10.34
N ALA B 259 7.66 -18.66 11.30
CA ALA B 259 7.68 -17.21 11.15
C ALA B 259 9.07 -16.68 10.68
N LYS B 260 9.04 -15.80 9.69
CA LYS B 260 10.23 -15.13 9.13
C LYS B 260 10.45 -13.83 9.92
N GLU B 261 11.62 -13.17 9.71
CA GLU B 261 11.96 -11.91 10.36
C GLU B 261 10.83 -10.89 10.11
N GLY B 262 10.25 -10.40 11.22
CA GLY B 262 9.19 -9.41 11.20
C GLY B 262 7.77 -9.94 11.10
N GLU B 263 7.59 -11.22 10.69
CA GLU B 263 6.26 -11.85 10.60
C GLU B 263 5.66 -12.13 11.97
N ALA B 264 5.23 -11.07 12.72
CA ALA B 264 4.66 -11.21 14.06
C ALA B 264 3.55 -12.26 14.08
N PRO B 265 3.62 -13.25 14.98
CA PRO B 265 2.60 -14.32 14.97
C PRO B 265 1.31 -13.89 15.67
N ALA B 266 0.21 -14.64 15.44
CA ALA B 266 -1.09 -14.36 16.03
C ALA B 266 -1.06 -14.62 17.52
N VAL B 267 -1.63 -13.72 18.28
CA VAL B 267 -1.68 -13.82 19.73
C VAL B 267 -3.14 -13.79 20.14
N THR B 268 -3.54 -14.73 20.98
CA THR B 268 -4.89 -14.86 21.49
C THR B 268 -4.85 -14.69 22.99
N GLU B 269 -5.83 -13.99 23.57
CA GLU B 269 -5.96 -13.84 25.01
C GLU B 269 -6.92 -14.87 25.58
N LEU B 270 -6.61 -15.31 26.79
CA LEU B 270 -7.44 -16.15 27.65
C LEU B 270 -8.01 -15.25 28.72
N ASP B 271 -9.21 -15.55 29.21
CA ASP B 271 -9.83 -14.68 30.23
C ASP B 271 -9.18 -14.98 31.60
N ILE B 272 -7.92 -14.53 31.77
CA ILE B 272 -7.11 -14.67 32.98
C ILE B 272 -6.37 -13.36 33.18
N ILE B 273 -6.92 -12.47 34.04
CA ILE B 273 -6.33 -11.16 34.38
C ILE B 273 -5.13 -11.39 35.29
N GLN B 274 -3.96 -10.88 34.88
CA GLN B 274 -2.74 -10.96 35.67
C GLN B 274 -2.20 -9.55 35.87
N LYS B 275 -1.79 -9.26 37.10
CA LYS B 275 -1.26 -7.95 37.50
C LYS B 275 0.10 -8.14 38.18
N GLN B 276 0.74 -9.29 37.94
CA GLN B 276 2.04 -9.66 38.49
C GLN B 276 2.66 -10.89 37.76
N LYS B 277 3.93 -11.22 38.11
CA LYS B 277 4.58 -12.40 37.58
C LYS B 277 4.04 -13.63 38.24
N ILE B 278 3.56 -14.59 37.44
CA ILE B 278 3.10 -15.89 37.91
C ILE B 278 3.37 -16.89 36.78
N ASN B 279 3.76 -18.09 37.13
CA ASN B 279 4.08 -19.14 36.19
C ASN B 279 2.86 -20.02 35.87
N PHE B 280 3.06 -21.00 35.00
CA PHE B 280 2.11 -22.03 34.57
C PHE B 280 2.64 -23.38 34.97
N VAL B 281 1.82 -24.19 35.59
CA VAL B 281 2.29 -25.51 36.00
C VAL B 281 1.37 -26.57 35.40
N LEU B 282 1.95 -27.64 34.90
CA LEU B 282 1.22 -28.81 34.41
C LEU B 282 0.94 -29.71 35.60
N ALA B 283 -0.32 -29.88 35.99
CA ALA B 283 -0.66 -30.72 37.16
C ALA B 283 -0.89 -32.16 36.74
N LYS B 284 -1.05 -33.09 37.73
CA LYS B 284 -1.21 -34.53 37.51
C LYS B 284 -2.52 -34.84 36.74
N ASP B 285 -3.53 -33.94 36.78
CA ASP B 285 -4.78 -34.13 36.03
C ASP B 285 -4.56 -33.89 34.50
N GLY B 286 -3.36 -33.47 34.13
CA GLY B 286 -2.94 -33.18 32.77
C GLY B 286 -3.30 -31.80 32.27
N ASN B 287 -3.76 -30.92 33.18
CA ASN B 287 -4.20 -29.58 32.87
C ASN B 287 -3.16 -28.59 33.37
N VAL B 288 -3.18 -27.37 32.82
CA VAL B 288 -2.24 -26.31 33.16
C VAL B 288 -2.95 -25.35 34.11
N TYR B 289 -2.25 -24.97 35.17
CA TYR B 289 -2.73 -24.06 36.18
C TYR B 289 -1.88 -22.82 36.29
N THR B 290 -2.55 -21.71 36.46
CA THR B 290 -1.91 -20.43 36.69
C THR B 290 -2.82 -19.70 37.69
N LEU B 291 -2.50 -18.44 37.97
CA LEU B 291 -3.29 -17.60 38.86
C LEU B 291 -3.84 -16.40 38.12
N GLU B 292 -4.99 -15.94 38.61
CA GLU B 292 -5.65 -14.73 38.17
C GLU B 292 -5.68 -13.78 39.33
N SER B 293 -5.44 -12.52 39.08
CA SER B 293 -5.46 -11.47 40.09
C SER B 293 -6.91 -11.12 40.42
N ALA B 294 -7.26 -11.14 41.71
CA ALA B 294 -8.57 -10.80 42.27
C ALA B 294 -8.42 -9.73 43.36
N ASP B 295 -9.52 -9.04 43.71
CA ASP B 295 -9.52 -7.90 44.65
C ASP B 295 -9.06 -8.33 46.07
N ASN B 296 -9.68 -9.38 46.61
CA ASN B 296 -9.44 -9.85 47.98
C ASN B 296 -8.76 -11.25 47.99
N GLY B 297 -7.85 -11.45 47.07
CA GLY B 297 -7.10 -12.70 46.97
C GLY B 297 -6.68 -12.96 45.56
N CYS B 298 -6.92 -14.19 45.09
CA CYS B 298 -6.59 -14.61 43.73
C CYS B 298 -7.46 -15.79 43.35
N ASN B 299 -7.50 -16.10 42.06
CA ASN B 299 -8.16 -17.30 41.57
C ASN B 299 -7.15 -18.27 41.05
N ILE B 300 -7.33 -19.55 41.39
CA ILE B 300 -6.56 -20.66 40.85
C ILE B 300 -7.31 -21.07 39.59
N VAL B 301 -6.65 -20.95 38.42
CA VAL B 301 -7.25 -21.18 37.09
C VAL B 301 -6.73 -22.49 36.48
N LYS B 302 -7.68 -23.37 36.15
CA LYS B 302 -7.47 -24.65 35.46
C LYS B 302 -7.67 -24.39 33.97
N ILE B 303 -6.61 -24.49 33.16
CA ILE B 303 -6.71 -24.30 31.73
C ILE B 303 -6.87 -25.70 31.20
N LYS B 304 -8.10 -26.08 30.81
CA LYS B 304 -8.35 -27.41 30.30
C LYS B 304 -7.73 -27.55 28.85
N ASN B 305 -7.66 -28.78 28.31
CA ASN B 305 -7.03 -29.09 27.02
C ASN B 305 -7.69 -28.36 25.86
N ASP B 306 -8.96 -27.97 25.99
CA ASP B 306 -9.69 -27.24 24.92
C ASP B 306 -9.60 -25.73 25.18
N PHE B 307 -8.79 -25.35 26.19
CA PHE B 307 -8.44 -23.99 26.64
C PHE B 307 -9.68 -23.32 27.31
N THR B 308 -10.65 -24.13 27.80
CA THR B 308 -11.78 -23.58 28.58
C THR B 308 -11.27 -23.46 30.00
N LEU B 309 -11.87 -22.58 30.82
CA LEU B 309 -11.33 -22.31 32.14
C LEU B 309 -12.27 -22.65 33.28
N GLU B 310 -11.71 -23.28 34.31
CA GLU B 310 -12.32 -23.56 35.62
C GLU B 310 -11.57 -22.71 36.63
N LYS B 311 -12.30 -21.94 37.44
CA LYS B 311 -11.67 -21.04 38.40
C LYS B 311 -12.14 -21.31 39.85
N VAL B 312 -11.17 -21.22 40.80
CA VAL B 312 -11.33 -21.43 42.25
C VAL B 312 -10.74 -20.23 42.98
N PHE B 313 -11.52 -19.60 43.84
CA PHE B 313 -11.02 -18.47 44.60
C PHE B 313 -10.19 -18.96 45.85
N ALA B 314 -9.02 -18.33 46.04
CA ALA B 314 -8.07 -18.56 47.15
C ALA B 314 -7.95 -17.26 47.95
N ASN B 315 -8.47 -17.21 49.19
CA ASN B 315 -8.54 -16.00 50.02
C ASN B 315 -7.15 -15.68 50.64
N PHE B 316 -6.19 -15.41 49.76
CA PHE B 316 -4.82 -15.00 50.10
C PHE B 316 -4.23 -14.38 48.88
N GLN B 317 -3.37 -13.40 49.06
CA GLN B 317 -2.70 -12.71 47.96
C GLN B 317 -1.44 -13.51 47.58
N PRO B 318 -1.17 -13.75 46.27
CA PRO B 318 0.05 -14.48 45.91
C PRO B 318 1.33 -13.68 46.12
N ALA B 319 2.45 -14.38 46.37
CA ALA B 319 3.75 -13.73 46.57
C ALA B 319 4.21 -13.13 45.26
N LYS B 320 4.80 -11.92 45.37
CA LYS B 320 5.19 -11.06 44.28
C LYS B 320 6.47 -10.33 44.62
N GLY B 321 7.21 -9.98 43.58
CA GLY B 321 8.40 -9.13 43.62
C GLY B 321 8.00 -7.75 43.11
N PRO B 322 8.65 -6.64 43.51
CA PRO B 322 8.16 -5.31 43.04
C PRO B 322 8.65 -4.91 41.62
N TYR B 323 9.92 -5.23 41.28
CA TYR B 323 10.58 -4.82 40.06
C TYR B 323 10.44 -5.83 38.90
N HIS B 324 10.77 -5.35 37.68
CA HIS B 324 10.82 -6.10 36.42
C HIS B 324 11.88 -7.22 36.50
N SER B 325 12.87 -7.02 37.37
CA SER B 325 14.02 -7.88 37.57
C SER B 325 13.83 -8.93 38.70
N SER B 326 12.83 -8.76 39.59
CA SER B 326 12.65 -9.73 40.68
C SER B 326 12.09 -11.09 40.15
N PRO B 327 12.57 -12.25 40.68
CA PRO B 327 12.08 -13.54 40.13
C PRO B 327 10.62 -13.81 40.44
N THR B 328 10.01 -14.69 39.64
CA THR B 328 8.63 -15.14 39.82
C THR B 328 8.59 -16.02 41.06
N ILE B 329 7.67 -15.74 41.99
CA ILE B 329 7.58 -16.61 43.15
C ILE B 329 6.61 -17.68 42.70
N GLY B 330 7.11 -18.55 41.83
CA GLY B 330 6.36 -19.60 41.17
C GLY B 330 5.87 -20.75 42.02
N VAL B 332 4.46 -24.91 42.21
CA VAL B 332 5.09 -26.14 41.73
C VAL B 332 4.04 -27.26 41.89
N ALA B 333 3.94 -28.10 40.86
CA ALA B 333 3.00 -29.20 40.79
C ALA B 333 3.69 -30.53 40.97
N SER B 334 3.00 -31.47 41.63
CA SER B 334 3.43 -32.84 41.83
C SER B 334 3.06 -33.66 40.58
N GLU B 335 3.96 -34.57 40.18
CA GLU B 335 3.74 -35.46 39.04
C GLU B 335 3.07 -36.75 39.47
N THR B 336 3.08 -37.03 40.78
CA THR B 336 2.58 -38.28 41.35
C THR B 336 1.33 -38.06 42.26
N GLU B 337 1.06 -36.82 42.68
CA GLU B 337 -0.11 -36.51 43.51
C GLU B 337 -0.85 -35.30 42.94
N ASN B 338 -2.16 -35.22 43.18
CA ASN B 338 -3.06 -34.15 42.72
C ASN B 338 -2.89 -32.94 43.65
N ILE B 339 -1.69 -32.34 43.58
CA ILE B 339 -1.23 -31.27 44.44
C ILE B 339 -0.49 -30.17 43.66
N ILE B 340 -0.69 -28.94 44.14
CA ILE B 340 0.03 -27.75 43.71
C ILE B 340 0.42 -26.99 44.97
N TYR B 341 1.70 -26.66 45.09
CA TYR B 341 2.20 -25.84 46.17
C TYR B 341 2.25 -24.42 45.68
N LEU B 342 1.82 -23.46 46.52
CA LEU B 342 1.88 -22.05 46.11
C LEU B 342 2.12 -21.15 47.33
N VAL B 343 2.83 -20.05 47.09
CA VAL B 343 3.29 -19.09 48.10
C VAL B 343 2.30 -17.88 48.28
N SER B 344 1.98 -17.53 49.53
CA SER B 344 1.20 -16.33 49.83
C SER B 344 2.16 -15.17 50.07
N THR B 345 1.64 -13.95 50.02
CA THR B 345 2.39 -12.69 50.16
C THR B 345 3.13 -12.64 51.57
N ASP B 346 2.53 -13.26 52.61
CA ASP B 346 3.06 -13.29 53.97
C ASP B 346 4.24 -14.28 54.12
N GLY B 347 4.46 -15.12 53.12
CA GLY B 347 5.56 -16.09 53.15
C GLY B 347 5.15 -17.46 53.61
N ALA B 348 3.84 -17.77 53.52
CA ALA B 348 3.26 -19.07 53.86
C ALA B 348 3.13 -19.95 52.59
N ILE B 349 3.10 -21.28 52.77
CA ILE B 349 2.95 -22.19 51.65
C ILE B 349 1.67 -22.95 51.82
N TYR B 350 0.88 -22.94 50.75
CA TYR B 350 -0.38 -23.61 50.63
C TYR B 350 -0.22 -24.83 49.75
N LYS B 351 -0.79 -25.97 50.19
CA LYS B 351 -0.80 -27.22 49.44
C LYS B 351 -2.18 -27.38 48.88
N TYR B 352 -2.39 -26.99 47.61
CA TYR B 352 -3.70 -27.10 46.96
C TYR B 352 -3.85 -28.50 46.43
N ILE B 353 -4.83 -29.21 46.98
CA ILE B 353 -5.30 -30.53 46.57
C ILE B 353 -6.32 -30.25 45.51
N LEU B 354 -6.06 -30.68 44.25
CA LEU B 354 -6.92 -30.41 43.08
C LEU B 354 -8.36 -30.81 43.36
N GLY B 355 -9.27 -29.85 43.22
CA GLY B 355 -10.69 -30.07 43.43
C GLY B 355 -11.19 -29.86 44.85
N ASP B 356 -10.27 -29.79 45.82
CA ASP B 356 -10.61 -29.59 47.24
C ASP B 356 -10.24 -28.15 47.65
N SER B 357 -11.24 -27.26 47.69
CA SER B 357 -11.03 -25.85 48.06
C SER B 357 -10.78 -25.73 49.58
N ASP B 358 -11.05 -26.82 50.38
CA ASP B 358 -10.77 -26.85 51.81
C ASP B 358 -9.27 -26.84 52.11
N SER B 359 -8.46 -27.33 51.15
CA SER B 359 -7.00 -27.40 51.23
C SER B 359 -6.36 -25.99 51.15
N LEU B 360 -7.18 -24.93 50.87
CA LEU B 360 -6.77 -23.54 50.77
C LEU B 360 -7.16 -22.73 52.00
N LYS B 361 -7.86 -23.34 52.96
CA LYS B 361 -8.37 -22.65 54.16
C LYS B 361 -7.24 -22.33 55.15
N ALA B 362 -6.13 -23.09 55.10
CA ALA B 362 -4.98 -22.88 55.98
C ALA B 362 -3.67 -23.24 55.28
N PRO B 363 -2.53 -22.56 55.60
CA PRO B 363 -1.25 -22.94 54.97
C PRO B 363 -0.79 -24.33 55.38
N PHE B 364 -0.02 -24.97 54.49
CA PHE B 364 0.62 -26.26 54.71
C PHE B 364 1.87 -26.01 55.56
N ILE B 365 2.60 -24.93 55.24
CA ILE B 365 3.76 -24.41 55.95
C ILE B 365 3.45 -22.97 56.30
N ALA B 366 3.35 -22.67 57.59
CA ALA B 366 3.06 -21.34 58.11
C ALA B 366 4.20 -20.35 57.82
N ALA B 367 3.83 -19.08 57.72
CA ALA B 367 4.76 -17.98 57.52
C ALA B 367 5.52 -17.68 58.81
N GLU B 368 6.75 -17.14 58.68
CA GLU B 368 7.56 -16.66 59.82
C GLU B 368 7.69 -15.16 59.66
N SER B 369 7.39 -14.39 60.73
CA SER B 369 7.37 -12.92 60.68
C SER B 369 8.75 -12.36 60.27
N GLY B 370 8.72 -11.40 59.33
CA GLY B 370 9.91 -10.75 58.79
C GLY B 370 10.74 -11.62 57.86
N VAL B 371 10.17 -12.77 57.42
CA VAL B 371 10.79 -13.76 56.53
C VAL B 371 9.85 -13.95 55.36
N SER B 372 10.37 -13.79 54.13
CA SER B 372 9.56 -13.95 52.93
C SER B 372 10.21 -14.96 51.97
N ILE B 373 9.41 -15.60 51.10
CA ILE B 373 9.84 -16.56 50.09
C ILE B 373 10.16 -15.73 48.83
N THR B 374 11.44 -15.77 48.42
CA THR B 374 11.98 -14.87 47.41
C THR B 374 12.46 -15.56 46.13
N ALA B 375 12.03 -16.80 45.88
CA ALA B 375 12.36 -17.52 44.66
C ALA B 375 11.26 -18.51 44.34
N PRO B 376 11.14 -19.01 43.09
CA PRO B 376 10.07 -20.01 42.80
C PRO B 376 10.26 -21.29 43.58
N LEU B 377 9.14 -21.95 43.92
CA LEU B 377 9.17 -23.23 44.62
C LEU B 377 9.71 -24.29 43.70
N GLN B 378 10.39 -25.27 44.27
CA GLN B 378 10.87 -26.43 43.52
C GLN B 378 10.45 -27.70 44.28
N LEU B 379 10.20 -28.79 43.54
CA LEU B 379 9.76 -30.05 44.12
C LEU B 379 10.56 -31.21 43.52
N ASN B 380 11.02 -32.09 44.42
CA ASN B 380 11.71 -33.31 44.04
C ASN B 380 10.63 -34.31 43.74
N GLN B 381 10.42 -34.66 42.47
CA GLN B 381 9.35 -35.57 42.05
C GLN B 381 9.61 -37.05 42.45
N GLN B 382 10.78 -37.35 43.04
CA GLN B 382 11.12 -38.71 43.47
C GLN B 382 10.83 -38.88 44.95
N SER B 383 11.13 -37.85 45.77
CA SER B 383 10.94 -37.91 47.23
C SER B 383 9.74 -37.09 47.73
N GLY B 384 9.29 -36.12 46.95
CA GLY B 384 8.18 -35.25 47.35
C GLY B 384 8.66 -34.07 48.18
N GLU B 385 9.99 -33.90 48.33
CA GLU B 385 10.63 -32.81 49.06
C GLU B 385 10.39 -31.46 48.35
N LEU B 386 10.06 -30.44 49.15
CA LEU B 386 9.80 -29.09 48.68
C LEU B 386 10.99 -28.21 49.03
N TYR B 387 11.56 -27.55 48.03
CA TYR B 387 12.70 -26.63 48.16
C TYR B 387 12.15 -25.22 48.19
N VAL B 388 12.24 -24.55 49.36
CA VAL B 388 11.76 -23.19 49.61
C VAL B 388 12.95 -22.24 49.88
N THR B 389 12.96 -21.08 49.17
CA THR B 389 13.99 -20.04 49.34
C THR B 389 13.40 -18.91 50.18
N TYR B 390 14.01 -18.66 51.36
CA TYR B 390 13.62 -17.61 52.30
C TYR B 390 14.64 -16.49 52.38
N THR B 391 14.19 -15.26 52.68
CA THR B 391 15.05 -14.09 52.90
C THR B 391 14.52 -13.30 54.11
N GLU B 392 15.39 -13.06 55.12
CA GLU B 392 15.04 -12.24 56.27
C GLU B 392 15.21 -10.80 55.82
N GLU B 393 14.07 -10.13 55.65
CA GLU B 393 13.88 -8.78 55.11
C GLU B 393 14.85 -7.75 55.75
N ARG B 394 14.93 -7.73 57.08
CA ARG B 394 15.73 -6.77 57.83
C ARG B 394 17.25 -7.02 57.76
N LYS B 395 17.68 -8.28 57.59
CA LYS B 395 19.10 -8.66 57.66
C LYS B 395 19.77 -8.98 56.29
N ASP B 396 18.97 -9.21 55.21
CA ASP B 396 19.41 -9.63 53.87
C ASP B 396 20.25 -10.94 54.00
N GLU B 397 19.61 -11.97 54.56
CA GLU B 397 20.22 -13.28 54.74
C GLU B 397 19.23 -14.29 54.18
N SER B 398 19.70 -15.06 53.19
CA SER B 398 18.87 -16.03 52.50
C SER B 398 19.31 -17.46 52.79
N LYS B 399 18.33 -18.37 52.74
CA LYS B 399 18.52 -19.79 52.97
C LYS B 399 17.61 -20.62 52.06
N ILE B 400 18.00 -21.87 51.80
CA ILE B 400 17.19 -22.84 51.08
C ILE B 400 16.78 -23.89 52.12
N VAL B 401 15.47 -23.97 52.39
CA VAL B 401 14.96 -24.95 53.34
C VAL B 401 14.31 -26.08 52.52
N VAL B 402 14.74 -27.31 52.80
CA VAL B 402 14.22 -28.53 52.16
C VAL B 402 13.27 -29.19 53.14
N TYR B 403 11.95 -29.20 52.80
CA TYR B 403 10.88 -29.82 53.59
C TYR B 403 10.48 -31.18 53.08
N SER B 404 10.03 -32.06 53.95
CA SER B 404 9.52 -33.38 53.56
C SER B 404 8.07 -33.24 53.11
N LYS B 405 7.47 -34.32 52.52
CA LYS B 405 6.05 -34.35 52.10
C LYS B 405 5.13 -33.86 53.21
N ASP B 406 5.55 -34.13 54.47
CA ASP B 406 4.85 -33.86 55.73
C ASP B 406 5.23 -32.49 56.34
N GLY B 407 6.07 -31.71 55.67
CA GLY B 407 6.46 -30.38 56.13
C GLY B 407 7.54 -30.32 57.21
N LYS B 408 8.37 -31.38 57.33
CA LYS B 408 9.43 -31.35 58.33
C LYS B 408 10.73 -30.91 57.65
N VAL B 409 11.51 -30.03 58.34
CA VAL B 409 12.76 -29.47 57.83
C VAL B 409 13.76 -30.60 57.76
N LEU B 410 14.34 -30.80 56.57
CA LEU B 410 15.35 -31.82 56.33
C LEU B 410 16.74 -31.20 56.20
N HIS B 411 16.84 -30.05 55.48
CA HIS B 411 18.09 -29.35 55.19
C HIS B 411 17.93 -27.85 55.24
N THR B 412 19.03 -27.13 55.54
CA THR B 412 19.10 -25.68 55.53
C THR B 412 20.41 -25.33 54.86
N VAL B 413 20.33 -24.65 53.72
CA VAL B 413 21.50 -24.22 52.96
C VAL B 413 21.65 -22.72 53.16
N ASP B 414 22.71 -22.27 53.86
CA ASP B 414 22.91 -20.84 54.07
C ASP B 414 23.46 -20.24 52.79
N CYS B 415 22.83 -19.14 52.33
CA CYS B 415 23.21 -18.49 51.08
C CYS B 415 23.73 -17.06 51.34
N GLY B 416 23.58 -16.60 52.57
CA GLY B 416 24.01 -15.28 53.00
C GLY B 416 23.33 -14.14 52.28
N GLU B 417 24.14 -13.20 51.77
CA GLU B 417 23.71 -11.98 51.10
C GLU B 417 23.27 -12.20 49.65
N SER B 418 23.56 -13.37 49.08
CA SER B 418 23.20 -13.70 47.70
C SER B 418 22.00 -14.65 47.66
N VAL B 419 20.86 -14.13 47.17
CA VAL B 419 19.58 -14.83 47.04
C VAL B 419 19.64 -15.86 45.88
N PRO B 420 19.36 -17.16 46.14
CA PRO B 420 19.31 -18.11 45.03
C PRO B 420 18.08 -17.80 44.16
N SER B 421 18.24 -17.82 42.83
CA SER B 421 17.16 -17.49 41.91
C SER B 421 16.40 -18.73 41.43
N GLN B 422 17.05 -19.91 41.50
CA GLN B 422 16.49 -21.14 40.97
C GLN B 422 17.20 -22.37 41.51
N ILE B 423 16.46 -23.51 41.57
CA ILE B 423 16.90 -24.84 41.97
C ILE B 423 16.68 -25.76 40.77
N LEU B 424 17.71 -26.52 40.43
CA LEU B 424 17.73 -27.44 39.27
C LEU B 424 18.23 -28.82 39.68
N PHE B 425 17.79 -29.85 38.94
CA PHE B 425 18.27 -31.24 39.10
C PHE B 425 19.10 -31.58 37.84
N ASN B 426 20.00 -32.57 37.92
CA ASN B 426 20.81 -32.95 36.75
C ASN B 426 20.07 -33.95 35.80
N ASN B 427 18.93 -34.50 36.27
CA ASN B 427 18.10 -35.51 35.61
C ASN B 427 16.66 -35.00 35.41
N LEU C 12 -68.35 38.20 -16.30
CA LEU C 12 -67.14 37.80 -15.59
C LEU C 12 -66.36 39.03 -15.12
N ALA C 13 -65.68 38.91 -13.96
CA ALA C 13 -64.91 39.97 -13.30
C ALA C 13 -63.75 40.47 -14.16
N HIS C 14 -63.22 41.65 -13.83
CA HIS C 14 -62.16 42.27 -14.61
C HIS C 14 -60.78 41.78 -14.15
N TYR C 15 -60.68 41.13 -12.96
CA TYR C 15 -59.41 40.53 -12.52
C TYR C 15 -59.09 39.31 -13.42
N PRO C 16 -57.85 38.78 -13.47
CA PRO C 16 -57.58 37.69 -14.43
C PRO C 16 -58.51 36.48 -14.26
N ASN C 17 -59.07 36.01 -15.39
CA ASN C 17 -59.96 34.85 -15.49
C ASN C 17 -59.24 33.70 -16.21
N VAL C 18 -58.73 32.75 -15.42
CA VAL C 18 -58.00 31.56 -15.87
C VAL C 18 -59.01 30.49 -16.29
N LEU C 19 -58.96 30.01 -17.55
CA LEU C 19 -59.90 28.98 -18.01
C LEU C 19 -59.65 27.66 -17.24
N LYS C 20 -60.74 26.95 -16.83
CA LYS C 20 -60.66 25.71 -16.05
C LYS C 20 -59.78 24.66 -16.74
N GLY C 21 -58.95 24.01 -15.93
CA GLY C 21 -58.03 22.97 -16.42
C GLY C 21 -56.77 23.45 -17.10
N THR C 22 -56.56 24.79 -17.20
CA THR C 22 -55.35 25.28 -17.85
C THR C 22 -54.24 25.48 -16.74
N PHE C 23 -54.58 25.16 -15.48
CA PHE C 23 -53.70 25.17 -14.29
C PHE C 23 -53.96 23.89 -13.49
N PRO C 24 -52.92 23.15 -13.00
CA PRO C 24 -53.16 21.87 -12.31
C PRO C 24 -54.08 21.98 -11.10
N THR C 25 -55.09 21.11 -11.06
CA THR C 25 -56.09 20.98 -10.01
C THR C 25 -55.66 19.87 -9.02
N GLU C 26 -54.59 19.10 -9.37
CA GLU C 26 -54.02 18.02 -8.58
C GLU C 26 -52.51 18.04 -8.64
N SER C 27 -51.87 17.47 -7.61
CA SER C 27 -50.42 17.37 -7.48
C SER C 27 -49.85 16.54 -8.64
N GLN C 28 -48.80 17.08 -9.29
CA GLN C 28 -48.16 16.51 -10.46
C GLN C 28 -47.00 15.60 -10.12
N VAL C 29 -46.92 14.43 -10.79
CA VAL C 29 -45.82 13.49 -10.63
C VAL C 29 -45.23 13.30 -12.02
N LEU C 30 -43.93 13.59 -12.15
CA LEU C 30 -43.23 13.54 -13.44
C LEU C 30 -42.00 12.66 -13.37
N GLU C 31 -41.57 12.11 -14.51
CA GLU C 31 -40.36 11.29 -14.54
C GLU C 31 -39.13 12.17 -14.60
N LEU C 32 -37.98 11.65 -14.15
CA LEU C 32 -36.71 12.35 -14.29
C LEU C 32 -36.46 12.51 -15.79
N GLY C 33 -36.12 13.71 -16.21
CA GLY C 33 -35.91 14.03 -17.61
C GLY C 33 -37.09 14.73 -18.27
N GLU C 34 -38.30 14.65 -17.66
CA GLU C 34 -39.52 15.31 -18.15
C GLU C 34 -39.51 16.79 -17.78
N THR C 35 -40.32 17.60 -18.50
CA THR C 35 -40.46 19.04 -18.24
C THR C 35 -41.90 19.35 -17.85
N LEU C 36 -42.09 20.04 -16.71
CA LEU C 36 -43.39 20.47 -16.25
C LEU C 36 -43.73 21.77 -16.94
N GLU C 37 -44.78 21.76 -17.78
CA GLU C 37 -45.25 22.97 -18.46
C GLU C 37 -46.68 23.26 -18.09
N ILE C 38 -46.91 24.46 -17.59
CA ILE C 38 -48.24 24.99 -17.28
C ILE C 38 -48.37 26.24 -18.12
N THR C 39 -49.49 26.41 -18.80
CA THR C 39 -49.73 27.60 -19.60
C THR C 39 -51.14 28.06 -19.26
N PRO C 40 -51.32 28.88 -18.19
CA PRO C 40 -52.67 29.37 -17.89
C PRO C 40 -53.22 30.20 -19.03
N GLU C 41 -54.47 29.92 -19.42
CA GLU C 41 -55.14 30.64 -20.48
C GLU C 41 -56.09 31.65 -19.86
N LEU C 42 -55.77 32.92 -20.08
CA LEU C 42 -56.57 34.02 -19.58
C LEU C 42 -57.59 34.42 -20.61
N LEU C 43 -58.85 34.46 -20.17
CA LEU C 43 -59.97 34.89 -20.98
C LEU C 43 -59.76 36.38 -21.37
N ASN C 44 -59.22 37.16 -20.41
CA ASN C 44 -58.87 38.59 -20.48
C ASN C 44 -57.34 38.76 -20.20
N PRO C 45 -56.45 38.46 -21.19
CA PRO C 45 -55.01 38.47 -20.90
C PRO C 45 -54.35 39.86 -20.93
N GLU C 46 -55.02 40.87 -21.49
CA GLU C 46 -54.51 42.23 -21.67
C GLU C 46 -54.11 42.88 -20.32
N GLY C 47 -52.84 43.28 -20.24
CA GLY C 47 -52.28 43.96 -19.07
C GLY C 47 -51.96 43.11 -17.87
N ALA C 48 -52.02 41.78 -18.04
CA ALA C 48 -51.74 40.84 -16.96
C ALA C 48 -50.26 40.57 -16.84
N THR C 49 -49.80 40.43 -15.59
CA THR C 49 -48.42 40.09 -15.28
C THR C 49 -48.45 38.83 -14.43
N TYR C 50 -47.43 37.98 -14.55
CA TYR C 50 -47.37 36.70 -13.85
C TYR C 50 -46.22 36.63 -12.88
N SER C 51 -46.39 35.77 -11.89
CA SER C 51 -45.40 35.47 -10.87
C SER C 51 -45.50 33.98 -10.54
N TRP C 52 -44.43 33.25 -10.82
CA TRP C 52 -44.36 31.81 -10.55
C TRP C 52 -43.42 31.59 -9.40
N LEU C 53 -43.97 31.12 -8.27
CA LEU C 53 -43.20 30.86 -7.06
C LEU C 53 -43.00 29.37 -6.89
N VAL C 54 -41.72 28.93 -6.91
CA VAL C 54 -41.29 27.55 -6.65
C VAL C 54 -40.79 27.56 -5.22
N ASN C 55 -41.54 26.87 -4.32
CA ASN C 55 -41.27 26.82 -2.89
C ASN C 55 -41.21 28.26 -2.32
N GLY C 56 -42.16 29.10 -2.71
CA GLY C 56 -42.27 30.47 -2.26
C GLY C 56 -41.30 31.48 -2.86
N LYS C 57 -40.33 31.02 -3.68
CA LYS C 57 -39.32 31.89 -4.28
C LYS C 57 -39.66 32.13 -5.75
N GLU C 58 -39.69 33.42 -6.20
CA GLU C 58 -40.04 33.73 -7.59
C GLU C 58 -39.02 33.12 -8.53
N TYR C 59 -39.54 32.36 -9.49
CA TYR C 59 -38.77 31.62 -10.46
C TYR C 59 -38.95 32.20 -11.85
N SER C 60 -40.18 32.60 -12.21
CA SER C 60 -40.48 33.13 -13.55
C SER C 60 -41.55 34.21 -13.50
N THR C 61 -41.57 35.09 -14.54
CA THR C 61 -42.52 36.19 -14.76
C THR C 61 -43.21 35.94 -16.14
N GLU C 62 -42.82 34.85 -16.81
CA GLU C 62 -43.37 34.49 -18.11
C GLU C 62 -44.84 33.99 -17.98
N PRO C 63 -45.67 34.16 -19.03
CA PRO C 63 -47.09 33.72 -18.93
C PRO C 63 -47.26 32.20 -18.97
N THR C 64 -46.15 31.48 -19.15
CA THR C 64 -46.10 30.02 -19.24
C THR C 64 -44.90 29.55 -18.38
N PHE C 65 -45.15 28.55 -17.53
CA PHE C 65 -44.15 27.99 -16.64
C PHE C 65 -43.55 26.76 -17.24
N SER C 66 -42.22 26.71 -17.27
CA SER C 66 -41.47 25.59 -17.78
C SER C 66 -40.40 25.25 -16.77
N TYR C 67 -40.36 23.99 -16.30
CA TYR C 67 -39.42 23.56 -15.28
C TYR C 67 -38.96 22.13 -15.56
N LYS C 68 -37.68 21.93 -15.94
CA LYS C 68 -37.18 20.59 -16.23
C LYS C 68 -36.97 19.82 -14.93
N ILE C 69 -37.53 18.59 -14.87
CA ILE C 69 -37.43 17.67 -13.73
C ILE C 69 -36.14 16.87 -13.97
N ASP C 70 -35.00 17.54 -13.74
CA ASP C 70 -33.68 17.01 -14.00
C ASP C 70 -33.04 16.45 -12.71
N ASN C 71 -33.78 16.49 -11.58
CA ASN C 71 -33.30 16.04 -10.29
C ASN C 71 -34.43 15.53 -9.38
N PRO C 72 -34.19 14.53 -8.48
CA PRO C 72 -35.27 14.14 -7.54
C PRO C 72 -35.76 15.37 -6.81
N CYS C 73 -37.09 15.60 -6.80
CA CYS C 73 -37.63 16.79 -6.15
C CYS C 73 -39.07 16.54 -5.59
N ARG C 74 -39.50 17.54 -4.84
CA ARG C 74 -40.82 17.82 -4.34
C ARG C 74 -40.82 19.31 -4.12
N ALA C 75 -41.82 19.99 -4.71
CA ALA C 75 -41.91 21.45 -4.64
C ALA C 75 -43.36 21.91 -4.67
N ASP C 76 -43.61 23.05 -4.01
CA ASP C 76 -44.88 23.76 -3.99
C ASP C 76 -44.85 24.78 -5.09
N LEU C 77 -45.93 24.92 -5.85
CA LEU C 77 -45.92 25.89 -6.93
C LEU C 77 -47.13 26.80 -6.86
N SER C 78 -46.88 28.11 -6.91
CA SER C 78 -47.92 29.15 -6.90
C SER C 78 -47.82 29.97 -8.14
N CYS C 79 -48.96 30.43 -8.58
CA CYS C 79 -49.04 31.30 -9.73
C CYS C 79 -49.91 32.47 -9.38
N ILE C 80 -49.28 33.65 -9.29
CA ILE C 80 -49.98 34.90 -9.00
C ILE C 80 -50.10 35.67 -10.32
N ILE C 81 -51.33 35.91 -10.76
CA ILE C 81 -51.61 36.67 -11.99
C ILE C 81 -52.33 37.95 -11.57
N LYS C 82 -51.80 39.12 -11.95
CA LYS C 82 -52.38 40.41 -11.57
C LYS C 82 -52.54 41.32 -12.74
N ASN C 83 -53.43 42.30 -12.57
CA ASN C 83 -53.72 43.33 -13.55
C ASN C 83 -54.23 44.57 -12.80
N LYS C 84 -54.71 45.59 -13.53
CA LYS C 84 -55.20 46.84 -12.98
C LYS C 84 -56.38 46.64 -12.00
N TYR C 85 -57.24 45.63 -12.26
CA TYR C 85 -58.47 45.39 -11.51
C TYR C 85 -58.34 44.36 -10.34
N GLY C 86 -57.34 43.51 -10.37
CA GLY C 86 -57.17 42.54 -9.31
C GLY C 86 -56.02 41.57 -9.47
N LYS C 87 -55.84 40.73 -8.46
CA LYS C 87 -54.79 39.74 -8.31
C LYS C 87 -55.42 38.37 -7.99
N VAL C 88 -54.92 37.31 -8.64
CA VAL C 88 -55.41 35.96 -8.40
C VAL C 88 -54.21 35.04 -8.11
N GLU C 89 -54.40 34.06 -7.20
CA GLU C 89 -53.36 33.11 -6.85
C GLU C 89 -53.90 31.68 -6.83
N SER C 91 -52.50 27.47 -6.50
CA SER C 91 -51.38 26.67 -6.00
C SER C 91 -51.56 25.19 -6.32
N THR C 92 -50.44 24.52 -6.53
CA THR C 92 -50.34 23.08 -6.74
C THR C 92 -48.97 22.66 -6.23
N SER C 93 -48.61 21.42 -6.46
CA SER C 93 -47.31 20.90 -6.09
C SER C 93 -46.87 19.90 -7.13
N PHE C 94 -45.56 19.68 -7.23
CA PHE C 94 -45.01 18.73 -8.18
C PHE C 94 -43.88 17.98 -7.51
N SER C 95 -43.62 16.78 -8.02
CA SER C 95 -42.59 15.88 -7.52
C SER C 95 -42.16 14.96 -8.63
N SER C 96 -40.97 14.38 -8.47
CA SER C 96 -40.40 13.43 -9.41
C SER C 96 -40.73 12.00 -9.01
N ASN C 97 -40.89 11.13 -10.01
CA ASN C 97 -41.11 9.71 -9.77
C ASN C 97 -39.73 9.03 -9.80
N HIS C 98 -39.02 9.07 -8.67
CA HIS C 98 -37.67 8.51 -8.57
C HIS C 98 -37.63 7.33 -7.57
N ASN C 99 -36.58 6.50 -7.63
CA ASN C 99 -36.36 5.34 -6.78
C ASN C 99 -34.92 5.38 -6.25
N PHE C 100 -34.78 5.70 -4.95
CA PHE C 100 -33.46 5.83 -4.36
C PHE C 100 -32.85 4.44 -4.00
N SER C 101 -33.48 3.33 -4.43
CA SER C 101 -32.95 1.97 -4.29
C SER C 101 -32.00 1.64 -5.42
N LYS C 102 -32.12 2.37 -6.55
CA LYS C 102 -31.40 2.17 -7.82
C LYS C 102 -30.00 2.85 -7.81
N GLY C 103 -29.33 2.77 -6.65
CA GLY C 103 -27.99 3.30 -6.47
C GLY C 103 -27.64 3.55 -5.03
N PHE C 104 -26.90 4.66 -4.79
CA PHE C 104 -26.45 5.06 -3.44
C PHE C 104 -26.42 6.61 -3.26
N PHE C 105 -26.52 7.08 -2.01
CA PHE C 105 -26.29 8.49 -1.66
C PHE C 105 -24.81 8.69 -1.37
N TYR C 106 -24.28 9.88 -1.68
CA TYR C 106 -22.90 10.19 -1.32
C TYR C 106 -22.90 11.60 -0.75
N VAL C 107 -22.32 11.74 0.44
CA VAL C 107 -22.26 13.03 1.14
C VAL C 107 -21.05 13.76 0.60
N ALA C 108 -21.27 14.93 -0.03
CA ALA C 108 -20.24 15.78 -0.64
C ALA C 108 -20.79 17.18 -0.83
N ASP C 109 -19.92 18.20 -0.63
CA ASP C 109 -20.22 19.65 -0.71
C ASP C 109 -21.41 20.00 0.25
N GLY C 110 -21.35 19.42 1.44
CA GLY C 110 -22.30 19.60 2.54
C GLY C 110 -23.75 19.25 2.29
N THR C 111 -24.00 18.21 1.50
CA THR C 111 -25.35 17.77 1.16
C THR C 111 -25.39 16.31 0.72
N PHE C 112 -26.61 15.74 0.65
CA PHE C 112 -26.91 14.43 0.12
C PHE C 112 -27.07 14.50 -1.37
N ASN C 113 -26.17 13.84 -2.08
CA ASN C 113 -26.20 13.69 -3.53
C ASN C 113 -26.53 12.24 -3.82
N PHE C 114 -27.09 11.91 -5.01
CA PHE C 114 -27.40 10.51 -5.37
C PHE C 114 -26.77 10.12 -6.70
N TYR C 115 -26.32 8.85 -6.79
CA TYR C 115 -25.78 8.26 -8.00
C TYR C 115 -26.54 7.00 -8.31
N ASP C 116 -27.23 7.01 -9.48
CA ASP C 116 -28.01 5.90 -10.01
C ASP C 116 -27.06 4.97 -10.78
N THR C 117 -26.84 3.77 -10.23
CA THR C 117 -25.92 2.78 -10.80
C THR C 117 -26.50 2.11 -12.09
N GLU C 118 -27.79 2.35 -12.43
CA GLU C 118 -28.41 1.80 -13.64
C GLU C 118 -28.32 2.81 -14.81
N LYS C 119 -28.58 4.10 -14.51
CA LYS C 119 -28.50 5.21 -15.45
C LYS C 119 -27.04 5.74 -15.60
N LYS C 120 -26.14 5.42 -14.62
CA LYS C 120 -24.77 5.95 -14.50
C LYS C 120 -24.85 7.51 -14.49
N THR C 121 -25.83 8.04 -13.73
CA THR C 121 -26.11 9.46 -13.60
C THR C 121 -26.07 9.83 -12.13
N ALA C 122 -25.45 11.00 -11.83
CA ALA C 122 -25.33 11.61 -10.50
C ALA C 122 -26.20 12.86 -10.39
N TYR C 123 -26.97 12.93 -9.30
CA TYR C 123 -27.88 14.03 -8.98
C TYR C 123 -27.35 14.80 -7.76
N GLN C 124 -26.86 16.02 -7.98
CA GLN C 124 -26.28 16.85 -6.93
C GLN C 124 -27.34 17.58 -6.12
N ASP C 125 -27.13 17.65 -4.80
CA ASP C 125 -27.94 18.31 -3.79
C ASP C 125 -29.44 17.85 -3.84
N CYS C 126 -29.65 16.51 -3.81
CA CYS C 126 -31.00 15.94 -3.73
C CYS C 126 -31.70 16.39 -2.46
N TYR C 127 -30.93 16.60 -1.36
CA TYR C 127 -31.52 16.99 -0.08
C TYR C 127 -32.35 18.29 -0.23
N ALA C 128 -31.77 19.39 -0.75
CA ALA C 128 -32.43 20.70 -0.92
C ALA C 128 -33.61 20.63 -1.92
N SER C 129 -33.47 19.91 -3.04
CA SER C 129 -34.51 19.81 -4.07
C SER C 129 -35.68 18.95 -3.56
N LEU C 130 -35.43 18.08 -2.58
CA LEU C 130 -36.48 17.29 -1.96
C LEU C 130 -36.98 17.91 -0.65
N ASN C 131 -36.41 19.06 -0.19
CA ASN C 131 -36.85 19.69 1.07
C ASN C 131 -36.92 21.24 0.93
N ALA C 132 -37.61 21.71 -0.13
CA ALA C 132 -37.90 23.12 -0.42
C ALA C 132 -36.68 24.05 -0.25
N GLY C 133 -35.50 23.63 -0.71
CA GLY C 133 -34.29 24.43 -0.59
C GLY C 133 -33.63 24.48 0.78
N LYS C 134 -34.05 23.56 1.70
CA LYS C 134 -33.44 23.46 3.05
C LYS C 134 -32.00 23.06 2.90
N THR C 135 -31.18 23.53 3.83
CA THR C 135 -29.75 23.25 3.84
C THR C 135 -29.42 22.53 5.17
N LEU C 136 -28.29 21.84 5.21
CA LEU C 136 -27.82 21.17 6.41
C LEU C 136 -26.75 22.02 7.10
N GLY C 137 -26.39 23.14 6.45
CA GLY C 137 -25.40 24.11 6.91
C GLY C 137 -24.05 23.48 7.16
N ILE C 138 -23.68 22.55 6.29
CA ILE C 138 -22.41 21.86 6.40
C ILE C 138 -21.44 22.67 5.56
N GLY C 139 -20.51 23.32 6.23
CA GLY C 139 -19.46 24.10 5.59
C GLY C 139 -18.24 23.24 5.34
N ASN C 140 -17.24 23.80 4.67
CA ASN C 140 -16.00 23.08 4.32
C ASN C 140 -15.17 22.68 5.54
N TYR C 141 -15.24 23.48 6.62
CA TYR C 141 -14.46 23.25 7.83
C TYR C 141 -15.34 22.59 8.92
N ASP C 142 -16.57 22.20 8.53
CA ASP C 142 -17.56 21.49 9.35
C ASP C 142 -17.63 20.02 8.94
N SER C 143 -17.84 19.12 9.90
CA SER C 143 -17.94 17.70 9.63
C SER C 143 -19.37 17.22 9.63
N ALA C 144 -19.62 16.20 8.81
CA ALA C 144 -20.92 15.54 8.67
C ALA C 144 -20.75 14.10 9.10
N ASN C 145 -21.36 13.75 10.21
CA ASN C 145 -21.25 12.42 10.81
C ASN C 145 -22.65 11.83 10.79
N ILE C 146 -22.86 10.81 9.95
CA ILE C 146 -24.16 10.18 9.76
C ILE C 146 -24.15 8.69 10.11
N ILE C 147 -25.22 8.23 10.77
CA ILE C 147 -25.45 6.83 11.08
C ILE C 147 -26.82 6.45 10.53
N HIS C 148 -26.83 5.42 9.70
CA HIS C 148 -28.03 4.89 9.09
C HIS C 148 -28.57 3.81 10.03
N SER C 149 -29.66 4.14 10.74
CA SER C 149 -30.29 3.23 11.71
C SER C 149 -31.79 3.46 11.81
N ASN C 150 -32.54 2.38 12.11
N ASN C 150 -32.54 2.36 12.08
CA ASN C 150 -34.00 2.42 12.32
CA ASN C 150 -34.00 2.28 12.25
C ASN C 150 -34.74 3.04 11.08
C ASN C 150 -34.71 3.03 11.08
N GLY C 151 -34.15 2.87 9.87
CA GLY C 151 -34.69 3.46 8.64
C GLY C 151 -34.53 4.98 8.57
N LYS C 152 -33.56 5.53 9.33
CA LYS C 152 -33.31 6.96 9.38
C LYS C 152 -31.82 7.28 9.22
N PHE C 153 -31.52 8.48 8.71
CA PHE C 153 -30.16 9.00 8.66
C PHE C 153 -30.02 9.99 9.79
N TYR C 154 -29.25 9.63 10.79
CA TYR C 154 -29.00 10.52 11.93
C TYR C 154 -27.75 11.28 11.62
N LEU C 155 -27.87 12.59 11.44
CA LEU C 155 -26.75 13.46 11.09
C LEU C 155 -26.39 14.36 12.26
N LEU C 156 -25.09 14.38 12.58
CA LEU C 156 -24.46 15.27 13.53
C LEU C 156 -23.49 16.15 12.79
N VAL C 157 -23.69 17.49 12.86
CA VAL C 157 -22.82 18.46 12.23
C VAL C 157 -21.82 18.95 13.29
N GLY C 158 -20.53 18.75 13.01
CA GLY C 158 -19.43 19.21 13.83
C GLY C 158 -19.08 20.60 13.34
N THR C 159 -19.57 21.61 14.03
CA THR C 159 -19.44 23.01 13.63
C THR C 159 -19.19 23.87 14.87
N SER C 160 -18.43 24.98 14.70
CA SER C 160 -18.11 25.90 15.79
C SER C 160 -19.34 26.79 16.15
N THR C 161 -20.44 26.80 15.32
CA THR C 161 -21.64 27.57 15.63
C THR C 161 -22.46 26.88 16.73
N SER C 162 -22.69 27.61 17.83
CA SER C 162 -23.42 27.15 18.99
C SER C 162 -24.94 27.16 18.78
N ASN C 163 -25.50 28.30 18.37
CA ASN C 163 -26.92 28.48 18.24
C ASN C 163 -27.38 28.18 16.81
N ARG C 164 -27.45 26.90 16.54
CA ARG C 164 -27.95 26.30 15.31
C ARG C 164 -28.28 24.84 15.57
N ASP C 165 -29.04 24.21 14.67
CA ASP C 165 -29.31 22.79 14.75
C ASP C 165 -28.06 22.00 14.40
N HIS C 166 -27.71 21.04 15.23
CA HIS C 166 -26.54 20.20 15.03
C HIS C 166 -26.94 18.81 14.66
N PHE C 167 -28.03 18.32 15.26
CA PHE C 167 -28.53 16.97 15.05
C PHE C 167 -29.77 16.98 14.17
N TYR C 168 -29.77 16.16 13.12
CA TYR C 168 -30.85 16.07 12.14
C TYR C 168 -31.33 14.62 11.94
N ILE C 169 -32.65 14.43 11.79
CA ILE C 169 -33.27 13.16 11.43
C ILE C 169 -33.86 13.34 10.03
N VAL C 170 -33.31 12.57 9.09
CA VAL C 170 -33.66 12.52 7.68
C VAL C 170 -34.14 11.09 7.38
N ASP C 171 -35.27 10.95 6.69
CA ASP C 171 -35.77 9.62 6.32
C ASP C 171 -34.81 8.99 5.29
N ALA C 172 -34.34 7.75 5.53
CA ALA C 172 -33.36 7.07 4.67
C ALA C 172 -33.90 6.81 3.24
N LYS C 173 -35.16 6.37 3.14
CA LYS C 173 -35.80 6.01 1.88
C LYS C 173 -36.00 7.22 0.94
N THR C 174 -36.54 8.31 1.49
CA THR C 174 -37.02 9.47 0.76
C THR C 174 -36.16 10.75 0.89
N LEU C 175 -35.25 10.79 1.89
CA LEU C 175 -34.37 11.95 2.13
C LEU C 175 -35.20 13.14 2.63
N TYR C 176 -36.40 12.84 3.17
CA TYR C 176 -37.31 13.83 3.77
C TYR C 176 -36.89 14.16 5.16
N TYR C 177 -36.71 15.44 5.38
CA TYR C 177 -36.40 15.99 6.67
C TYR C 177 -37.51 15.60 7.67
N GLU C 178 -37.13 15.11 8.84
CA GLU C 178 -38.16 14.78 9.82
C GLU C 178 -38.07 15.75 10.99
N ASN C 179 -36.86 15.92 11.54
CA ASN C 179 -36.66 16.80 12.69
C ASN C 179 -35.17 17.18 12.83
N SER C 180 -34.89 18.21 13.65
CA SER C 180 -33.54 18.67 13.96
C SER C 180 -33.54 19.45 15.29
N ALA C 181 -32.38 19.54 15.94
CA ALA C 181 -32.26 20.23 17.22
C ALA C 181 -30.84 20.70 17.48
N VAL C 182 -30.72 21.60 18.46
CA VAL C 182 -29.47 22.13 18.96
C VAL C 182 -28.92 21.15 19.93
N VAL C 183 -27.62 20.88 19.86
CA VAL C 183 -26.96 20.01 20.83
C VAL C 183 -25.85 20.89 21.42
N GLY C 184 -24.82 21.18 20.60
CA GLY C 184 -23.71 22.04 20.99
C GLY C 184 -22.68 22.16 19.89
N ALA C 185 -21.80 23.17 20.00
CA ALA C 185 -20.72 23.40 19.04
C ALA C 185 -19.59 22.37 19.20
N ASN C 186 -18.88 22.06 18.08
CA ASN C 186 -17.67 21.24 18.00
C ASN C 186 -17.92 19.80 18.51
N LEU C 187 -19.03 19.20 18.07
CA LEU C 187 -19.41 17.85 18.42
C LEU C 187 -19.43 17.04 17.17
N SER C 188 -18.53 16.04 17.06
CA SER C 188 -18.43 15.24 15.84
C SER C 188 -18.50 13.74 16.08
N GLY C 189 -18.81 13.34 17.30
CA GLY C 189 -18.95 11.93 17.64
C GLY C 189 -20.40 11.52 17.78
N LEU C 190 -20.84 10.60 16.93
CA LEU C 190 -22.23 10.12 16.95
C LEU C 190 -22.27 8.57 17.12
N THR C 191 -23.16 8.11 18.01
CA THR C 191 -23.45 6.71 18.32
C THR C 191 -24.95 6.53 18.41
N ILE C 192 -25.49 5.48 17.80
CA ILE C 192 -26.90 5.16 17.94
C ILE C 192 -26.92 3.88 18.84
N LEU C 193 -27.49 4.01 20.07
CA LEU C 193 -27.55 2.92 21.05
C LEU C 193 -28.64 1.92 20.72
N ASN C 194 -29.83 2.41 20.32
CA ASN C 194 -31.01 1.62 20.00
C ASN C 194 -32.01 2.50 19.23
N GLU C 195 -33.32 2.17 19.25
CA GLU C 195 -34.36 2.93 18.53
C GLU C 195 -34.74 4.21 19.24
N GLN C 196 -34.49 4.27 20.56
CA GLN C 196 -34.90 5.42 21.38
CA GLN C 196 -34.88 5.39 21.42
C GLN C 196 -33.74 6.38 21.66
N TYR C 197 -32.48 5.89 21.82
CA TYR C 197 -31.39 6.76 22.20
C TYR C 197 -30.15 6.65 21.35
N GLY C 198 -29.43 7.78 21.34
CA GLY C 198 -28.13 7.94 20.71
C GLY C 198 -27.17 8.65 21.65
N LEU C 199 -25.91 8.79 21.23
CA LEU C 199 -24.88 9.53 21.99
C LEU C 199 -24.22 10.55 21.13
N VAL C 200 -24.01 11.74 21.67
CA VAL C 200 -23.29 12.80 20.97
C VAL C 200 -22.07 13.12 21.84
N THR C 201 -20.90 12.98 21.27
CA THR C 201 -19.65 13.20 21.99
C THR C 201 -18.83 14.27 21.23
N GLY C 202 -17.86 14.84 21.93
CA GLY C 202 -16.99 15.91 21.44
C GLY C 202 -16.44 16.75 22.57
N ASP C 203 -17.26 16.95 23.63
CA ASP C 203 -16.94 17.72 24.84
C ASP C 203 -17.24 16.90 26.08
N GLY C 204 -17.32 15.59 25.87
CA GLY C 204 -17.68 14.61 26.87
C GLY C 204 -18.72 13.70 26.28
N ILE C 205 -19.74 13.28 27.06
CA ILE C 205 -20.79 12.37 26.57
C ILE C 205 -22.18 12.95 26.84
N ARG C 206 -22.98 12.99 25.78
CA ARG C 206 -24.36 13.45 25.82
C ARG C 206 -25.26 12.37 25.32
N ARG C 207 -26.35 12.10 26.05
CA ARG C 207 -27.37 11.16 25.57
C ARG C 207 -28.41 11.96 24.86
N ILE C 208 -28.80 11.53 23.66
CA ILE C 208 -29.83 12.24 22.91
C ILE C 208 -31.03 11.27 22.73
N ASP C 209 -32.25 11.78 22.96
CA ASP C 209 -33.50 11.05 22.73
C ASP C 209 -33.81 11.18 21.24
N LEU C 210 -33.89 10.06 20.52
CA LEU C 210 -34.05 10.09 19.06
C LEU C 210 -35.49 10.48 18.62
N LYS C 211 -36.42 10.75 19.58
CA LYS C 211 -37.79 11.17 19.25
C LYS C 211 -37.95 12.66 19.59
N SER C 212 -37.72 13.06 20.86
CA SER C 212 -37.87 14.44 21.32
C SER C 212 -36.67 15.32 20.96
N LEU C 213 -35.49 14.70 20.84
CA LEU C 213 -34.18 15.29 20.50
C LEU C 213 -33.65 16.15 21.68
N ASN C 214 -34.12 15.85 22.90
CA ASN C 214 -33.53 16.41 24.13
C ASN C 214 -32.23 15.69 24.37
N ASN C 215 -31.21 16.39 24.89
CA ASN C 215 -29.94 15.75 25.19
C ASN C 215 -29.60 16.02 26.64
N VAL C 216 -28.91 15.09 27.28
CA VAL C 216 -28.46 15.19 28.66
C VAL C 216 -26.95 15.07 28.63
N ARG C 217 -26.25 16.02 29.22
CA ARG C 217 -24.80 16.03 29.28
C ARG C 217 -24.41 15.19 30.49
N ILE C 218 -24.13 13.89 30.27
CA ILE C 218 -23.78 12.89 31.29
C ILE C 218 -22.34 13.08 31.78
N LYS C 219 -21.37 13.17 30.86
CA LYS C 219 -19.95 13.34 31.17
C LYS C 219 -19.47 14.62 30.49
N ASN C 220 -18.76 15.45 31.25
CA ASN C 220 -18.23 16.71 30.76
C ASN C 220 -16.71 16.60 30.82
N GLU C 221 -16.08 16.37 29.67
CA GLU C 221 -14.62 16.19 29.53
C GLU C 221 -14.20 16.82 28.22
N ARG C 222 -13.40 17.89 28.32
CA ARG C 222 -12.93 18.69 27.18
C ARG C 222 -12.25 17.79 26.14
N LEU C 223 -12.70 17.91 24.87
CA LEU C 223 -12.18 17.19 23.70
C LEU C 223 -12.44 15.65 23.77
N LEU C 224 -13.27 15.14 24.72
CA LEU C 224 -13.60 13.72 24.74
C LEU C 224 -14.62 13.46 23.63
N CYS C 225 -14.21 12.68 22.62
CA CYS C 225 -14.98 12.41 21.42
C CYS C 225 -14.87 10.95 21.02
N PHE C 226 -16.00 10.32 20.65
CA PHE C 226 -15.95 8.98 20.09
C PHE C 226 -15.90 9.17 18.58
N TYR C 227 -14.68 9.26 17.99
CA TYR C 227 -14.53 9.45 16.55
C TYR C 227 -15.21 8.30 15.83
N ASN C 228 -15.13 7.12 16.43
CA ASN C 228 -15.79 5.90 15.99
C ASN C 228 -16.24 5.12 17.17
N SER C 229 -17.38 4.43 17.05
CA SER C 229 -17.97 3.63 18.10
C SER C 229 -18.83 2.53 17.49
N ILE C 230 -19.27 1.56 18.32
CA ILE C 230 -20.11 0.43 17.94
C ILE C 230 -20.76 -0.11 19.18
N ILE C 231 -21.94 -0.74 19.02
CA ILE C 231 -22.63 -1.44 20.09
C ILE C 231 -22.24 -2.91 19.99
N TYR C 232 -21.73 -3.47 21.08
CA TYR C 232 -21.31 -4.86 21.12
C TYR C 232 -21.49 -5.42 22.50
N ASN C 233 -22.32 -6.48 22.60
CA ASN C 233 -22.62 -7.22 23.85
C ASN C 233 -22.92 -6.27 25.00
N GLY C 234 -23.91 -5.40 24.79
CA GLY C 234 -24.38 -4.47 25.79
C GLY C 234 -23.44 -3.32 26.13
N LYS C 235 -22.37 -3.18 25.34
CA LYS C 235 -21.34 -2.14 25.54
C LYS C 235 -21.19 -1.22 24.33
N VAL C 236 -20.70 0.00 24.59
CA VAL C 236 -20.31 0.96 23.56
C VAL C 236 -18.79 0.94 23.46
N LEU C 237 -18.24 0.41 22.37
CA LEU C 237 -16.79 0.44 22.15
C LEU C 237 -16.43 1.78 21.52
N SER C 238 -15.39 2.48 22.00
CA SER C 238 -15.07 3.78 21.39
C SER C 238 -13.59 3.94 20.98
N ASN C 239 -13.40 4.76 19.95
CA ASN C 239 -12.14 5.23 19.40
C ASN C 239 -12.13 6.71 19.61
N ASP C 240 -11.34 7.18 20.59
CA ASP C 240 -11.35 8.56 21.01
C ASP C 240 -10.03 9.31 20.68
N THR C 241 -9.31 8.88 19.64
CA THR C 241 -8.07 9.55 19.27
C THR C 241 -7.95 9.71 17.74
N TYR C 242 -7.17 10.72 17.31
CA TYR C 242 -6.89 10.96 15.88
C TYR C 242 -5.39 11.15 15.68
N LYS C 243 -4.59 11.09 16.78
CA LYS C 243 -3.16 11.40 16.82
C LYS C 243 -2.48 10.79 18.07
N ASP C 244 -2.91 11.22 19.28
CA ASP C 244 -2.29 10.80 20.54
C ASP C 244 -2.57 9.34 20.88
N GLU C 245 -1.63 8.73 21.61
CA GLU C 245 -1.72 7.36 22.06
C GLU C 245 -2.87 7.25 23.07
N SER C 246 -3.80 6.35 22.75
CA SER C 246 -4.99 6.08 23.55
C SER C 246 -5.42 4.66 23.39
N LYS C 247 -6.13 4.12 24.40
CA LYS C 247 -6.65 2.76 24.32
C LYS C 247 -8.12 2.76 23.99
N VAL C 248 -8.63 1.69 23.30
CA VAL C 248 -10.07 1.53 23.07
C VAL C 248 -10.73 1.49 24.45
N LYS C 249 -11.82 2.23 24.59
CA LYS C 249 -12.55 2.29 25.86
C LYS C 249 -13.98 1.88 25.63
N TYR C 250 -14.60 1.20 26.62
CA TYR C 250 -16.00 0.86 26.46
C TYR C 250 -16.78 1.29 27.70
N TYR C 251 -18.08 1.54 27.46
CA TYR C 251 -19.09 2.02 28.42
C TYR C 251 -20.27 1.03 28.37
N ASP C 252 -21.13 1.03 29.38
CA ASP C 252 -22.27 0.15 29.42
C ASP C 252 -23.46 0.88 28.81
N VAL C 253 -24.15 0.23 27.84
CA VAL C 253 -25.30 0.83 27.14
C VAL C 253 -26.41 1.17 28.15
N ASN C 254 -26.75 0.25 29.06
CA ASN C 254 -27.82 0.49 30.05
C ASN C 254 -27.47 1.62 31.01
N GLU C 255 -26.19 1.73 31.44
CA GLU C 255 -25.71 2.80 32.31
C GLU C 255 -25.82 4.15 31.58
N LEU C 256 -25.47 4.19 30.29
CA LEU C 256 -25.56 5.38 29.44
C LEU C 256 -27.01 5.84 29.26
N ILE C 257 -27.96 4.90 29.15
CA ILE C 257 -29.40 5.20 28.98
C ILE C 257 -29.99 5.76 30.28
N ALA C 258 -29.61 5.21 31.44
CA ALA C 258 -30.12 5.56 32.78
C ALA C 258 -29.44 6.78 33.42
N ALA C 259 -28.20 7.11 33.01
CA ALA C 259 -27.38 8.18 33.60
C ALA C 259 -28.09 9.52 33.56
N LYS C 260 -28.11 10.21 34.72
CA LYS C 260 -28.66 11.57 34.86
C LYS C 260 -27.56 12.59 34.52
N GLU C 261 -27.92 13.88 34.37
CA GLU C 261 -26.99 14.97 34.08
C GLU C 261 -25.83 14.94 35.11
N GLY C 262 -24.62 14.79 34.59
CA GLY C 262 -23.40 14.76 35.38
C GLY C 262 -22.97 13.41 35.92
N GLU C 263 -23.86 12.39 35.87
CA GLU C 263 -23.53 11.04 36.39
C GLU C 263 -22.61 10.30 35.41
N ALA C 264 -21.32 10.74 35.28
CA ALA C 264 -20.31 10.14 34.39
C ALA C 264 -20.26 8.62 34.54
N PRO C 265 -20.39 7.88 33.41
CA PRO C 265 -20.47 6.42 33.53
C PRO C 265 -19.09 5.77 33.63
N ALA C 266 -19.06 4.50 34.07
CA ALA C 266 -17.83 3.73 34.18
C ALA C 266 -17.22 3.46 32.79
N VAL C 267 -15.90 3.64 32.68
CA VAL C 267 -15.19 3.43 31.44
C VAL C 267 -14.13 2.38 31.71
N THR C 268 -14.04 1.39 30.84
CA THR C 268 -13.06 0.33 30.91
C THR C 268 -12.21 0.37 29.66
N GLU C 269 -10.90 0.17 29.81
CA GLU C 269 -9.97 0.11 28.68
C GLU C 269 -9.72 -1.32 28.26
N LEU C 270 -9.56 -1.51 26.95
CA LEU C 270 -9.14 -2.74 26.29
C LEU C 270 -7.70 -2.56 25.87
N ASP C 271 -6.91 -3.66 25.83
CA ASP C 271 -5.51 -3.58 25.41
C ASP C 271 -5.44 -3.43 23.87
N ILE C 272 -5.83 -2.25 23.37
CA ILE C 272 -5.82 -1.88 21.95
C ILE C 272 -5.33 -0.44 21.88
N ILE C 273 -4.01 -0.25 21.62
CA ILE C 273 -3.37 1.06 21.48
C ILE C 273 -3.73 1.64 20.15
N GLN C 274 -4.32 2.84 20.17
CA GLN C 274 -4.70 3.55 18.95
C GLN C 274 -4.04 4.90 18.94
N LYS C 275 -3.45 5.26 17.80
CA LYS C 275 -2.76 6.53 17.61
C LYS C 275 -3.36 7.29 16.41
N GLN C 276 -4.58 6.91 16.01
CA GLN C 276 -5.32 7.50 14.88
C GLN C 276 -6.80 7.11 14.90
N LYS C 277 -7.60 7.72 14.00
CA LYS C 277 -9.00 7.36 13.85
C LYS C 277 -9.12 6.04 13.12
N ILE C 278 -9.83 5.10 13.73
CA ILE C 278 -10.12 3.81 13.13
C ILE C 278 -11.48 3.37 13.69
N ASN C 279 -12.29 2.74 12.82
CA ASN C 279 -13.61 2.29 13.20
C ASN C 279 -13.59 0.84 13.73
N PHE C 280 -14.77 0.37 14.12
CA PHE C 280 -15.09 -0.98 14.58
C PHE C 280 -16.04 -1.61 13.62
N VAL C 281 -15.77 -2.82 13.19
CA VAL C 281 -16.70 -3.46 12.24
C VAL C 281 -17.14 -4.81 12.82
N LEU C 282 -18.41 -5.13 12.67
CA LEU C 282 -18.96 -6.43 13.06
C LEU C 282 -18.79 -7.36 11.88
N ALA C 283 -17.97 -8.40 12.03
CA ALA C 283 -17.71 -9.34 10.93
C ALA C 283 -18.73 -10.50 10.95
N LYS C 284 -18.73 -11.34 9.88
CA LYS C 284 -19.66 -12.45 9.72
C LYS C 284 -19.47 -13.53 10.82
N ASP C 285 -18.29 -13.57 11.47
CA ASP C 285 -18.04 -14.52 12.58
C ASP C 285 -18.77 -14.08 13.87
N GLY C 286 -19.42 -12.91 13.81
CA GLY C 286 -20.16 -12.33 14.93
C GLY C 286 -19.30 -11.54 15.89
N ASN C 287 -17.98 -11.37 15.58
CA ASN C 287 -17.03 -10.62 16.42
C ASN C 287 -16.78 -9.23 15.86
N VAL C 288 -16.26 -8.33 16.69
CA VAL C 288 -15.97 -6.95 16.32
C VAL C 288 -14.48 -6.81 16.11
N TYR C 289 -14.10 -6.16 15.02
CA TYR C 289 -12.73 -5.92 14.64
C TYR C 289 -12.38 -4.47 14.54
N THR C 290 -11.21 -4.12 14.98
CA THR C 290 -10.65 -2.78 14.89
C THR C 290 -9.15 -2.97 14.62
N LEU C 291 -8.40 -1.85 14.61
CA LEU C 291 -6.96 -1.87 14.41
C LEU C 291 -6.25 -1.30 15.62
N GLU C 292 -5.03 -1.76 15.82
CA GLU C 292 -4.13 -1.33 16.86
C GLU C 292 -2.90 -0.81 16.17
N SER C 293 -2.36 0.28 16.68
CA SER C 293 -1.18 0.91 16.10
C SER C 293 0.07 0.14 16.57
N ALA C 294 0.89 -0.31 15.60
CA ALA C 294 2.14 -1.05 15.80
C ALA C 294 3.31 -0.31 15.12
N ASP C 295 4.57 -0.63 15.50
CA ASP C 295 5.76 0.07 15.00
C ASP C 295 5.94 -0.05 13.47
N ASN C 296 5.89 -1.29 12.94
CA ASN C 296 6.14 -1.59 11.54
C ASN C 296 4.86 -2.09 10.83
N GLY C 297 3.74 -1.50 11.18
CA GLY C 297 2.45 -1.86 10.59
C GLY C 297 1.33 -1.62 11.54
N CYS C 298 0.44 -2.59 11.65
CA CYS C 298 -0.72 -2.50 12.54
C CYS C 298 -1.21 -3.90 12.88
N ASN C 299 -2.02 -4.01 13.93
CA ASN C 299 -2.64 -5.29 14.28
C ASN C 299 -4.10 -5.22 14.05
N ILE C 300 -4.65 -6.27 13.46
CA ILE C 300 -6.10 -6.43 13.28
C ILE C 300 -6.57 -7.11 14.55
N VAL C 301 -7.37 -6.40 15.40
CA VAL C 301 -7.81 -6.96 16.67
C VAL C 301 -9.27 -7.50 16.57
N LYS C 302 -9.44 -8.80 16.90
CA LYS C 302 -10.71 -9.52 17.04
C LYS C 302 -11.19 -9.35 18.48
N ILE C 303 -12.29 -8.64 18.70
CA ILE C 303 -12.79 -8.48 20.07
C ILE C 303 -13.86 -9.55 20.22
N LYS C 304 -13.53 -10.63 20.97
CA LYS C 304 -14.44 -11.75 21.17
C LYS C 304 -15.61 -11.32 22.11
N ASN C 305 -16.72 -12.08 22.08
CA ASN C 305 -17.91 -11.76 22.85
C ASN C 305 -17.65 -11.57 24.35
N ASP C 306 -16.56 -12.17 24.89
CA ASP C 306 -16.18 -12.04 26.31
C ASP C 306 -15.14 -10.91 26.47
N PHE C 307 -14.88 -10.18 25.37
CA PHE C 307 -14.01 -9.01 25.24
C PHE C 307 -12.51 -9.42 25.40
N THR C 308 -12.18 -10.73 25.16
CA THR C 308 -10.78 -11.18 25.07
C THR C 308 -10.32 -10.81 23.66
N LEU C 309 -9.03 -10.66 23.44
CA LEU C 309 -8.53 -10.21 22.14
C LEU C 309 -7.64 -11.20 21.45
N GLU C 310 -7.89 -11.34 20.14
CA GLU C 310 -7.08 -12.11 19.18
C GLU C 310 -6.49 -11.09 18.25
N LYS C 311 -5.18 -11.10 18.04
CA LYS C 311 -4.50 -10.12 17.21
C LYS C 311 -3.68 -10.80 16.10
N VAL C 312 -3.79 -10.25 14.88
CA VAL C 312 -3.11 -10.70 13.68
C VAL C 312 -2.35 -9.50 13.11
N PHE C 313 -1.03 -9.67 12.87
CA PHE C 313 -0.19 -8.58 12.36
C PHE C 313 -0.32 -8.43 10.83
N ALA C 314 -0.54 -7.18 10.41
CA ALA C 314 -0.62 -6.68 9.05
C ALA C 314 0.59 -5.76 8.82
N ASN C 315 1.50 -6.17 7.88
CA ASN C 315 2.74 -5.47 7.54
CA ASN C 315 2.75 -5.45 7.56
C ASN C 315 2.46 -4.30 6.57
N PHE C 316 1.57 -3.37 6.99
CA PHE C 316 1.18 -2.17 6.24
C PHE C 316 0.58 -1.16 7.22
N GLN C 317 0.95 0.10 7.09
CA GLN C 317 0.44 1.16 7.95
C GLN C 317 -0.99 1.51 7.49
N PRO C 318 -1.99 1.65 8.40
CA PRO C 318 -3.34 2.00 7.93
C PRO C 318 -3.45 3.43 7.46
N ALA C 319 -4.40 3.71 6.51
CA ALA C 319 -4.72 5.02 5.97
C ALA C 319 -5.31 5.92 7.04
N LYS C 320 -4.82 7.15 7.09
CA LYS C 320 -5.12 8.15 8.11
C LYS C 320 -5.30 9.55 7.49
N GLY C 321 -6.05 10.40 8.19
CA GLY C 321 -6.24 11.82 7.91
C GLY C 321 -5.39 12.62 8.90
N PRO C 322 -4.95 13.85 8.59
CA PRO C 322 -4.05 14.55 9.55
C PRO C 322 -4.78 15.23 10.74
N TYR C 323 -5.92 15.91 10.44
CA TYR C 323 -6.68 16.73 11.38
C TYR C 323 -7.77 15.97 12.16
N HIS C 324 -8.25 16.62 13.24
CA HIS C 324 -9.36 16.21 14.10
C HIS C 324 -10.67 16.11 13.28
N SER C 325 -10.74 16.88 12.18
CA SER C 325 -11.89 17.02 11.29
C SER C 325 -11.88 16.02 10.10
N SER C 326 -10.72 15.41 9.75
CA SER C 326 -10.67 14.50 8.60
C SER C 326 -11.42 13.17 8.91
N PRO C 327 -12.20 12.64 7.94
CA PRO C 327 -12.97 11.41 8.20
C PRO C 327 -12.09 10.21 8.45
N THR C 328 -12.67 9.21 9.12
CA THR C 328 -12.01 7.95 9.40
C THR C 328 -11.89 7.19 8.10
N ILE C 329 -10.68 6.69 7.74
CA ILE C 329 -10.58 5.91 6.53
C ILE C 329 -10.92 4.49 6.99
N GLY C 330 -12.21 4.32 7.27
CA GLY C 330 -12.80 3.12 7.82
C GLY C 330 -12.81 1.87 6.98
N VAL C 332 -14.49 -2.07 6.16
CA VAL C 332 -15.87 -2.47 5.93
C VAL C 332 -15.87 -3.99 5.93
N ALA C 333 -16.85 -4.57 6.59
CA ALA C 333 -17.04 -6.02 6.72
C ALA C 333 -18.21 -6.48 5.86
N SER C 334 -18.06 -7.66 5.30
CA SER C 334 -19.09 -8.37 4.57
C SER C 334 -20.02 -9.10 5.54
N GLU C 335 -21.34 -9.09 5.23
CA GLU C 335 -22.35 -9.77 6.05
C GLU C 335 -22.56 -11.19 5.56
N THR C 336 -22.08 -11.50 4.35
CA THR C 336 -22.27 -12.79 3.68
C THR C 336 -20.96 -13.59 3.53
N GLU C 337 -19.79 -12.94 3.65
CA GLU C 337 -18.50 -13.61 3.53
C GLU C 337 -17.59 -13.21 4.69
N ASN C 338 -16.66 -14.09 5.08
CA ASN C 338 -15.70 -13.89 6.17
C ASN C 338 -14.56 -13.01 5.68
N ILE C 339 -14.91 -11.75 5.41
CA ILE C 339 -14.06 -10.74 4.79
C ILE C 339 -14.17 -9.39 5.48
N ILE C 340 -13.04 -8.69 5.51
CA ILE C 340 -12.91 -7.29 5.91
C ILE C 340 -12.01 -6.60 4.87
N TYR C 341 -12.51 -5.50 4.32
CA TYR C 341 -11.73 -4.66 3.44
C TYR C 341 -11.10 -3.54 4.27
N LEU C 342 -9.81 -3.25 4.08
CA LEU C 342 -9.15 -2.19 4.83
C LEU C 342 -8.12 -1.49 3.92
N VAL C 343 -7.84 -0.21 4.23
CA VAL C 343 -7.03 0.70 3.43
C VAL C 343 -5.64 0.96 4.06
N SER C 344 -4.58 0.77 3.25
CA SER C 344 -3.18 1.07 3.56
C SER C 344 -2.92 2.55 3.41
N THR C 345 -1.76 3.01 3.91
CA THR C 345 -1.37 4.41 3.87
C THR C 345 -1.09 4.83 2.40
N ASP C 346 -0.58 3.90 1.55
CA ASP C 346 -0.29 4.15 0.13
C ASP C 346 -1.53 4.26 -0.76
N GLY C 347 -2.72 3.92 -0.25
CA GLY C 347 -3.95 3.98 -1.00
C GLY C 347 -4.34 2.67 -1.64
N ALA C 348 -3.84 1.55 -1.08
CA ALA C 348 -4.17 0.19 -1.53
C ALA C 348 -5.33 -0.40 -0.67
N ILE C 349 -6.12 -1.33 -1.25
CA ILE C 349 -7.21 -2.00 -0.51
C ILE C 349 -6.79 -3.46 -0.31
N TYR C 350 -6.84 -3.90 0.95
CA TYR C 350 -6.55 -5.25 1.36
C TYR C 350 -7.86 -5.95 1.68
N LYS C 351 -8.03 -7.19 1.21
CA LYS C 351 -9.19 -8.02 1.49
C LYS C 351 -8.77 -9.06 2.50
N TYR C 352 -9.05 -8.81 3.79
CA TYR C 352 -8.70 -9.72 4.86
C TYR C 352 -9.75 -10.81 5.00
N ILE C 353 -9.34 -12.07 4.79
CA ILE C 353 -10.14 -13.28 4.98
C ILE C 353 -9.89 -13.71 6.41
N LEU C 354 -10.93 -13.63 7.24
CA LEU C 354 -10.84 -13.90 8.69
C LEU C 354 -10.09 -15.21 8.97
N GLY C 355 -9.02 -15.10 9.77
CA GLY C 355 -8.15 -16.22 10.17
C GLY C 355 -7.06 -16.60 9.18
N ASP C 356 -7.06 -15.97 7.97
CA ASP C 356 -6.07 -16.21 6.92
C ASP C 356 -5.16 -15.00 6.79
N SER C 357 -4.03 -15.02 7.49
CA SER C 357 -3.05 -13.93 7.47
C SER C 357 -2.33 -13.84 6.10
N ASP C 358 -2.51 -14.85 5.22
CA ASP C 358 -1.93 -14.89 3.87
C ASP C 358 -2.60 -13.88 2.97
N SER C 359 -3.89 -13.56 3.26
CA SER C 359 -4.73 -12.60 2.54
C SER C 359 -4.27 -11.16 2.74
N LEU C 360 -3.29 -10.92 3.65
CA LEU C 360 -2.69 -9.61 3.98
C LEU C 360 -1.31 -9.43 3.37
N LYS C 361 -0.80 -10.45 2.66
CA LYS C 361 0.55 -10.41 2.09
C LYS C 361 0.61 -9.50 0.83
N ALA C 362 -0.55 -9.29 0.16
CA ALA C 362 -0.64 -8.45 -1.03
C ALA C 362 -2.02 -7.73 -1.12
N PRO C 363 -2.10 -6.50 -1.70
CA PRO C 363 -3.41 -5.84 -1.79
C PRO C 363 -4.35 -6.54 -2.75
N PHE C 364 -5.66 -6.36 -2.50
CA PHE C 364 -6.74 -6.87 -3.35
C PHE C 364 -6.88 -5.90 -4.52
N ILE C 365 -6.77 -4.59 -4.21
CA ILE C 365 -6.78 -3.47 -5.13
C ILE C 365 -5.49 -2.68 -4.87
N ALA C 366 -4.61 -2.64 -5.86
CA ALA C 366 -3.34 -1.94 -5.78
C ALA C 366 -3.53 -0.43 -5.71
N ALA C 367 -2.55 0.23 -5.10
CA ALA C 367 -2.48 1.68 -4.99
C ALA C 367 -2.05 2.30 -6.33
N GLU C 368 -2.41 3.56 -6.54
CA GLU C 368 -1.99 4.34 -7.71
C GLU C 368 -1.16 5.49 -7.16
N SER C 369 0.00 5.76 -7.78
CA SER C 369 0.91 6.84 -7.36
C SER C 369 0.20 8.21 -7.44
N GLY C 370 0.35 9.00 -6.35
CA GLY C 370 -0.23 10.33 -6.20
C GLY C 370 -1.73 10.35 -5.98
N VAL C 371 -2.31 9.17 -5.68
CA VAL C 371 -3.74 8.96 -5.46
C VAL C 371 -3.92 8.28 -4.11
N SER C 372 -4.77 8.87 -3.24
CA SER C 372 -5.03 8.32 -1.92
C SER C 372 -6.53 8.14 -1.69
N ILE C 373 -6.90 7.22 -0.76
CA ILE C 373 -8.28 6.92 -0.37
C ILE C 373 -8.58 7.84 0.80
N THR C 374 -9.55 8.75 0.61
CA THR C 374 -9.83 9.85 1.52
C THR C 374 -11.22 9.80 2.21
N ALA C 375 -11.83 8.62 2.26
CA ALA C 375 -13.11 8.43 2.93
C ALA C 375 -13.27 6.99 3.36
N PRO C 376 -14.18 6.66 4.32
CA PRO C 376 -14.32 5.25 4.71
C PRO C 376 -14.85 4.41 3.57
N LEU C 377 -14.43 3.13 3.53
CA LEU C 377 -14.92 2.17 2.56
C LEU C 377 -16.38 1.86 2.81
N GLN C 378 -17.11 1.57 1.74
CA GLN C 378 -18.51 1.16 1.85
C GLN C 378 -18.71 -0.10 1.01
N LEU C 379 -19.63 -0.97 1.43
CA LEU C 379 -19.91 -2.23 0.79
C LEU C 379 -21.40 -2.39 0.61
N ASN C 380 -21.80 -2.87 -0.57
CA ASN C 380 -23.17 -3.21 -0.90
C ASN C 380 -23.37 -4.65 -0.48
N GLN C 381 -24.14 -4.88 0.60
CA GLN C 381 -24.29 -6.22 1.16
C GLN C 381 -25.17 -7.15 0.29
N GLN C 382 -25.74 -6.64 -0.82
CA GLN C 382 -26.56 -7.45 -1.72
C GLN C 382 -25.72 -7.94 -2.90
N SER C 383 -24.84 -7.08 -3.45
CA SER C 383 -24.01 -7.38 -4.63
C SER C 383 -22.54 -7.65 -4.30
N GLY C 384 -22.06 -7.21 -3.15
CA GLY C 384 -20.66 -7.35 -2.76
C GLY C 384 -19.77 -6.25 -3.31
N GLU C 385 -20.37 -5.23 -3.97
CA GLU C 385 -19.69 -4.08 -4.56
C GLU C 385 -19.03 -3.21 -3.49
N LEU C 386 -17.75 -2.84 -3.74
CA LEU C 386 -16.92 -2.02 -2.87
C LEU C 386 -16.87 -0.61 -3.39
N TYR C 387 -17.18 0.37 -2.52
CA TYR C 387 -17.25 1.80 -2.87
C TYR C 387 -16.05 2.52 -2.27
N VAL C 388 -15.10 2.89 -3.13
CA VAL C 388 -13.83 3.52 -2.75
C VAL C 388 -13.79 4.99 -3.21
N THR C 389 -13.43 5.91 -2.28
CA THR C 389 -13.28 7.34 -2.54
C THR C 389 -11.80 7.66 -2.68
N TYR C 390 -11.40 8.14 -3.88
CA TYR C 390 -10.02 8.53 -4.21
C TYR C 390 -9.87 10.04 -4.38
N THR C 391 -8.67 10.58 -4.11
CA THR C 391 -8.33 11.99 -4.30
C THR C 391 -6.92 12.08 -4.87
N GLU C 392 -6.78 12.80 -6.00
CA GLU C 392 -5.49 13.08 -6.62
C GLU C 392 -4.92 14.24 -5.82
N GLU C 393 -3.87 13.95 -5.04
CA GLU C 393 -3.21 14.85 -4.09
C GLU C 393 -2.76 16.20 -4.74
N ARG C 394 -2.12 16.15 -5.92
CA ARG C 394 -1.57 17.32 -6.59
C ARG C 394 -2.64 18.24 -7.22
N LYS C 395 -3.79 17.72 -7.71
CA LYS C 395 -4.77 18.59 -8.39
C LYS C 395 -6.09 18.80 -7.57
N ASP C 396 -6.35 18.00 -6.51
CA ASP C 396 -7.57 18.08 -5.67
C ASP C 396 -8.80 17.72 -6.54
N GLU C 397 -8.79 16.49 -7.08
CA GLU C 397 -9.89 15.95 -7.88
C GLU C 397 -10.25 14.59 -7.27
N SER C 398 -11.50 14.46 -6.85
CA SER C 398 -11.97 13.26 -6.19
C SER C 398 -12.99 12.51 -7.04
N LYS C 399 -13.02 11.20 -6.83
CA LYS C 399 -13.93 10.28 -7.51
C LYS C 399 -14.39 9.17 -6.57
N ILE C 400 -15.54 8.57 -6.89
CA ILE C 400 -16.05 7.39 -6.22
C ILE C 400 -15.93 6.24 -7.24
N VAL C 401 -15.09 5.25 -6.94
CA VAL C 401 -14.92 4.10 -7.82
C VAL C 401 -15.65 2.94 -7.18
N VAL C 402 -16.58 2.33 -7.94
CA VAL C 402 -17.36 1.19 -7.49
C VAL C 402 -16.72 -0.03 -8.14
N TYR C 403 -16.21 -0.95 -7.31
CA TYR C 403 -15.59 -2.21 -7.73
C TYR C 403 -16.52 -3.37 -7.51
N SER C 404 -16.40 -4.41 -8.33
CA SER C 404 -17.14 -5.65 -8.13
C SER C 404 -16.42 -6.51 -7.07
N LYS C 405 -17.04 -7.63 -6.61
CA LYS C 405 -16.43 -8.59 -5.67
C LYS C 405 -15.03 -9.00 -6.11
N ASP C 406 -14.84 -9.03 -7.46
CA ASP C 406 -13.65 -9.47 -8.19
C ASP C 406 -12.68 -8.32 -8.52
N GLY C 407 -13.00 -7.11 -8.06
CA GLY C 407 -12.14 -5.94 -8.25
C GLY C 407 -12.20 -5.27 -9.61
N LYS C 408 -13.31 -5.45 -10.36
CA LYS C 408 -13.46 -4.79 -11.66
C LYS C 408 -14.23 -3.49 -11.48
N VAL C 409 -13.78 -2.40 -12.13
CA VAL C 409 -14.38 -1.08 -12.04
C VAL C 409 -15.74 -1.16 -12.73
N LEU C 410 -16.79 -0.76 -12.00
CA LEU C 410 -18.16 -0.77 -12.49
C LEU C 410 -18.69 0.65 -12.69
N HIS C 411 -18.25 1.59 -11.86
CA HIS C 411 -18.69 2.98 -11.90
C HIS C 411 -17.60 3.94 -11.50
N THR C 412 -17.64 5.15 -12.04
CA THR C 412 -16.74 6.23 -11.67
C THR C 412 -17.62 7.46 -11.53
N VAL C 413 -17.69 8.02 -10.34
CA VAL C 413 -18.48 9.22 -10.07
C VAL C 413 -17.49 10.36 -9.88
N ASP C 414 -17.45 11.33 -10.80
CA ASP C 414 -16.54 12.46 -10.68
C ASP C 414 -17.14 13.42 -9.66
N CYS C 415 -16.34 13.79 -8.65
CA CYS C 415 -16.80 14.64 -7.56
C CYS C 415 -16.06 15.98 -7.57
N GLY C 416 -15.05 16.10 -8.44
CA GLY C 416 -14.25 17.30 -8.59
C GLY C 416 -13.50 17.71 -7.34
N GLU C 417 -13.64 18.99 -6.96
CA GLU C 417 -12.96 19.63 -5.83
C GLU C 417 -13.61 19.31 -4.48
N SER C 418 -14.79 18.72 -4.48
CA SER C 418 -15.49 18.37 -3.25
C SER C 418 -15.39 16.87 -2.98
N VAL C 419 -14.66 16.51 -1.91
CA VAL C 419 -14.41 15.14 -1.44
C VAL C 419 -15.67 14.55 -0.77
N PRO C 420 -16.19 13.39 -1.26
CA PRO C 420 -17.33 12.77 -0.57
C PRO C 420 -16.86 12.22 0.78
N SER C 421 -17.65 12.40 1.85
CA SER C 421 -17.25 11.96 3.18
C SER C 421 -17.85 10.60 3.54
N GLN C 422 -18.96 10.21 2.86
CA GLN C 422 -19.68 8.98 3.20
C GLN C 422 -20.60 8.57 2.08
N ILE C 423 -20.92 7.27 2.02
CA ILE C 423 -21.80 6.59 1.08
C ILE C 423 -22.87 5.89 1.90
N LEU C 424 -24.14 6.11 1.53
CA LEU C 424 -25.31 5.58 2.21
C LEU C 424 -26.28 4.96 1.23
N PHE C 425 -27.09 3.96 1.70
CA PHE C 425 -28.14 3.31 0.92
C PHE C 425 -29.47 3.74 1.51
N ASN C 426 -30.56 3.72 0.72
CA ASN C 426 -31.88 4.17 1.22
C ASN C 426 -32.63 3.04 1.98
N ASN C 427 -32.11 1.80 1.87
CA ASN C 427 -32.66 0.56 2.42
C ASN C 427 -31.65 -0.15 3.37
N ASP D 3 53.97 38.77 40.04
CA ASP D 3 55.14 39.63 40.15
C ASP D 3 56.03 39.25 41.36
N CYS D 4 55.43 38.71 42.45
CA CYS D 4 56.17 38.35 43.66
C CYS D 4 55.98 36.86 44.01
N GLU D 5 55.47 36.07 43.04
CA GLU D 5 55.26 34.63 43.18
C GLU D 5 56.63 33.96 43.44
N ASP D 6 56.66 33.01 44.40
CA ASP D 6 57.86 32.30 44.81
C ASP D 6 57.53 31.11 45.71
N LEU D 7 57.97 29.93 45.31
CA LEU D 7 57.87 28.68 46.06
C LEU D 7 59.27 28.30 46.52
N HIS D 8 59.44 27.88 47.79
CA HIS D 8 60.78 27.48 48.27
C HIS D 8 61.16 26.09 47.69
N LEU D 9 62.47 25.77 47.64
CA LEU D 9 62.95 24.47 47.11
C LEU D 9 62.53 23.34 48.05
N GLY D 10 62.58 23.60 49.36
CA GLY D 10 62.15 22.67 50.40
C GLY D 10 60.65 22.69 50.61
N ASN D 11 59.92 23.51 49.81
CA ASN D 11 58.46 23.68 49.80
C ASN D 11 57.82 22.89 48.67
N LEU D 12 58.65 22.51 47.65
CA LEU D 12 58.25 21.66 46.52
C LEU D 12 58.16 20.22 47.02
N ALA D 13 57.22 19.43 46.47
CA ALA D 13 56.98 18.03 46.85
C ALA D 13 58.19 17.15 46.59
N HIS D 14 58.28 15.99 47.28
CA HIS D 14 59.43 15.10 47.14
C HIS D 14 59.23 14.13 45.97
N TYR D 15 57.98 14.00 45.43
CA TYR D 15 57.73 13.18 44.26
C TYR D 15 58.37 13.86 43.02
N PRO D 16 58.57 13.18 41.86
CA PRO D 16 59.26 13.84 40.73
C PRO D 16 58.60 15.15 40.29
N ASN D 17 59.43 16.21 40.12
CA ASN D 17 59.04 17.54 39.68
C ASN D 17 59.60 17.78 38.28
N VAL D 18 58.73 17.65 37.28
CA VAL D 18 59.03 17.84 35.85
C VAL D 18 58.96 19.35 35.54
N LEU D 19 60.05 19.95 35.01
CA LEU D 19 60.08 21.38 34.65
C LEU D 19 59.08 21.65 33.52
N LYS D 20 58.37 22.79 33.59
CA LYS D 20 57.33 23.19 32.62
C LYS D 20 57.82 23.11 31.16
N GLY D 21 57.01 22.50 30.31
CA GLY D 21 57.29 22.39 28.88
C GLY D 21 58.32 21.37 28.46
N THR D 22 58.83 20.54 29.38
CA THR D 22 59.82 19.53 29.05
C THR D 22 59.08 18.21 28.62
N PHE D 23 57.72 18.23 28.66
CA PHE D 23 56.83 17.16 28.22
C PHE D 23 55.66 17.78 27.40
N PRO D 24 55.22 17.17 26.23
CA PRO D 24 54.16 17.80 25.41
C PRO D 24 52.85 18.03 26.16
N THR D 25 52.37 19.26 26.05
CA THR D 25 51.15 19.81 26.65
C THR D 25 49.99 19.72 25.64
N GLU D 26 50.29 19.32 24.39
CA GLU D 26 49.34 19.15 23.29
C GLU D 26 49.70 17.95 22.43
N SER D 27 48.69 17.39 21.72
CA SER D 27 48.86 16.26 20.82
C SER D 27 49.82 16.63 19.67
N GLN D 28 50.80 15.75 19.41
CA GLN D 28 51.85 15.95 18.41
C GLN D 28 51.49 15.37 17.05
N VAL D 29 51.72 16.14 16.00
CA VAL D 29 51.54 15.71 14.61
C VAL D 29 52.90 15.94 13.95
N LEU D 30 53.56 14.84 13.60
CA LEU D 30 54.90 14.83 13.05
C LEU D 30 54.90 14.28 11.64
N GLU D 31 55.69 14.89 10.76
CA GLU D 31 55.83 14.42 9.39
C GLU D 31 56.51 13.05 9.35
N LEU D 32 56.30 12.32 8.27
CA LEU D 32 56.97 11.04 8.12
C LEU D 32 58.50 11.31 7.99
N GLY D 33 59.30 10.45 8.63
CA GLY D 33 60.75 10.62 8.62
C GLY D 33 61.28 11.30 9.87
N GLU D 34 60.43 12.06 10.59
CA GLU D 34 60.79 12.77 11.82
C GLU D 34 60.87 11.81 13.02
N THR D 35 61.53 12.25 14.09
CA THR D 35 61.68 11.48 15.34
C THR D 35 61.07 12.28 16.47
N LEU D 36 60.16 11.65 17.25
CA LEU D 36 59.58 12.28 18.43
C LEU D 36 60.52 12.07 19.59
N GLU D 37 61.08 13.16 20.14
CA GLU D 37 61.96 13.10 21.30
C GLU D 37 61.40 13.90 22.43
N ILE D 38 61.24 13.25 23.57
CA ILE D 38 60.76 13.85 24.81
C ILE D 38 61.81 13.56 25.86
N THR D 39 62.30 14.61 26.51
CA THR D 39 63.29 14.42 27.56
C THR D 39 62.81 15.22 28.78
N PRO D 40 61.97 14.61 29.64
CA PRO D 40 61.51 15.32 30.84
C PRO D 40 62.69 15.68 31.74
N GLU D 41 62.72 16.94 32.18
CA GLU D 41 63.77 17.46 33.06
C GLU D 41 63.23 17.50 34.47
N LEU D 42 63.84 16.69 35.34
CA LEU D 42 63.45 16.61 36.74
C LEU D 42 64.29 17.56 37.58
N LEU D 43 63.60 18.37 38.36
CA LEU D 43 64.21 19.31 39.29
C LEU D 43 64.98 18.51 40.37
N ASN D 44 64.38 17.37 40.79
CA ASN D 44 64.87 16.37 41.75
C ASN D 44 65.01 15.00 41.03
N PRO D 45 66.07 14.77 40.22
CA PRO D 45 66.13 13.53 39.43
C PRO D 45 66.63 12.29 40.18
N GLU D 46 67.25 12.49 41.36
CA GLU D 46 67.84 11.41 42.16
C GLU D 46 66.79 10.36 42.59
N GLY D 47 67.08 9.11 42.23
CA GLY D 47 66.27 7.95 42.56
C GLY D 47 65.04 7.74 41.72
N ALA D 48 64.86 8.53 40.67
CA ALA D 48 63.69 8.44 39.80
C ALA D 48 63.87 7.36 38.74
N THR D 49 62.76 6.67 38.44
CA THR D 49 62.68 5.64 37.42
C THR D 49 61.54 6.04 36.48
N TYR D 50 61.66 5.70 35.19
CA TYR D 50 60.68 6.08 34.15
C TYR D 50 60.01 4.86 33.53
N SER D 51 58.81 5.08 32.96
CA SER D 51 58.01 4.08 32.27
C SER D 51 57.23 4.76 31.17
N TRP D 52 57.61 4.50 29.93
CA TRP D 52 56.99 5.09 28.75
C TRP D 52 56.06 4.09 28.14
N LEU D 53 54.76 4.40 28.17
CA LEU D 53 53.73 3.52 27.64
C LEU D 53 53.22 4.05 26.32
N VAL D 54 53.39 3.25 25.27
CA VAL D 54 52.89 3.52 23.92
C VAL D 54 51.67 2.63 23.77
N ASN D 55 50.49 3.25 23.64
CA ASN D 55 49.20 2.58 23.59
C ASN D 55 49.05 1.61 24.78
N GLY D 56 49.42 2.08 25.96
CA GLY D 56 49.34 1.32 27.21
C GLY D 56 50.37 0.23 27.44
N LYS D 57 51.24 -0.02 26.45
CA LYS D 57 52.28 -1.04 26.52
C LYS D 57 53.65 -0.38 26.75
N GLU D 58 54.41 -0.86 27.74
CA GLU D 58 55.71 -0.27 28.06
C GLU D 58 56.66 -0.42 26.87
N TYR D 59 57.22 0.71 26.47
CA TYR D 59 58.11 0.86 25.34
C TYR D 59 59.53 1.14 25.80
N SER D 60 59.70 1.97 26.85
CA SER D 60 61.02 2.36 27.33
C SER D 60 61.01 2.61 28.84
N THR D 61 62.20 2.52 29.47
CA THR D 61 62.47 2.77 30.90
C THR D 61 63.53 3.88 30.98
N GLU D 62 63.97 4.36 29.79
CA GLU D 62 65.00 5.40 29.66
C GLU D 62 64.43 6.77 30.09
N PRO D 63 65.29 7.69 30.62
CA PRO D 63 64.77 9.01 31.06
C PRO D 63 64.38 9.92 29.90
N THR D 64 64.62 9.47 28.68
CA THR D 64 64.34 10.20 27.45
C THR D 64 63.65 9.24 26.44
N PHE D 65 62.58 9.73 25.83
CA PHE D 65 61.81 8.99 24.83
C PHE D 65 62.21 9.38 23.43
N SER D 66 62.52 8.38 22.61
CA SER D 66 62.87 8.56 21.21
C SER D 66 62.06 7.58 20.39
N TYR D 67 61.28 8.07 19.42
CA TYR D 67 60.42 7.22 18.61
C TYR D 67 60.40 7.73 17.17
N LYS D 68 60.98 6.96 16.22
CA LYS D 68 61.02 7.41 14.82
C LYS D 68 59.64 7.21 14.18
N ILE D 69 59.12 8.29 13.54
CA ILE D 69 57.86 8.30 12.80
C ILE D 69 58.21 7.86 11.37
N ASP D 70 58.52 6.56 11.22
CA ASP D 70 58.97 5.93 9.99
C ASP D 70 57.81 5.26 9.27
N ASN D 71 56.62 5.32 9.86
CA ASN D 71 55.45 4.68 9.33
C ASN D 71 54.18 5.44 9.71
N PRO D 72 53.10 5.47 8.87
CA PRO D 72 51.82 6.03 9.36
C PRO D 72 51.53 5.48 10.75
N CYS D 73 51.27 6.36 11.72
CA CYS D 73 51.03 5.92 13.10
C CYS D 73 50.10 6.90 13.80
N ARG D 74 49.45 6.40 14.84
CA ARG D 74 48.64 7.09 15.81
C ARG D 74 48.90 6.36 17.10
N ALA D 75 49.18 7.07 18.18
CA ALA D 75 49.47 6.43 19.45
C ALA D 75 49.18 7.35 20.62
N ASP D 76 48.81 6.75 21.76
CA ASP D 76 48.64 7.39 23.05
C ASP D 76 49.94 7.23 23.79
N LEU D 77 50.43 8.28 24.44
CA LEU D 77 51.71 8.16 25.12
C LEU D 77 51.59 8.66 26.56
N SER D 78 52.03 7.80 27.50
CA SER D 78 52.10 8.13 28.91
C SER D 78 53.52 8.02 29.40
N CYS D 79 53.83 8.88 30.37
CA CYS D 79 55.12 8.86 31.01
C CYS D 79 54.90 8.84 32.49
N ILE D 80 55.26 7.72 33.11
CA ILE D 80 55.14 7.53 34.55
C ILE D 80 56.54 7.66 35.14
N ILE D 81 56.75 8.67 35.99
CA ILE D 81 58.04 8.90 36.66
C ILE D 81 57.79 8.67 38.16
N LYS D 82 58.55 7.76 38.79
CA LYS D 82 58.36 7.42 40.20
C LYS D 82 59.65 7.49 40.98
N ASN D 83 59.53 7.72 42.29
CA ASN D 83 60.64 7.74 43.24
C ASN D 83 60.09 7.28 44.59
N LYS D 84 60.96 7.18 45.61
CA LYS D 84 60.63 6.71 46.96
C LYS D 84 59.37 7.42 47.55
N TYR D 85 59.17 8.71 47.22
CA TYR D 85 58.13 9.57 47.78
C TYR D 85 56.83 9.64 46.96
N GLY D 86 56.85 9.28 45.67
CA GLY D 86 55.64 9.32 44.86
C GLY D 86 55.82 8.99 43.40
N LYS D 87 54.70 8.98 42.68
CA LYS D 87 54.58 8.63 41.26
C LYS D 87 53.83 9.74 40.52
N VAL D 88 54.30 10.11 39.34
CA VAL D 88 53.63 11.12 38.52
C VAL D 88 53.39 10.54 37.11
N GLU D 89 52.27 10.89 36.49
CA GLU D 89 51.92 10.42 35.17
C GLU D 89 51.41 11.57 34.30
N SER D 91 50.34 12.54 30.14
CA SER D 91 49.88 11.89 28.93
C SER D 91 49.74 12.87 27.78
N THR D 92 50.00 12.34 26.57
CA THR D 92 49.84 13.06 25.32
C THR D 92 49.51 11.99 24.27
N SER D 93 49.37 12.42 23.02
CA SER D 93 49.14 11.53 21.90
C SER D 93 49.92 12.04 20.71
N PHE D 94 50.39 11.14 19.85
CA PHE D 94 51.13 11.54 18.67
C PHE D 94 50.60 10.77 17.48
N SER D 95 50.74 11.37 16.31
CA SER D 95 50.30 10.81 15.04
C SER D 95 51.16 11.37 13.93
N SER D 96 51.17 10.67 12.80
CA SER D 96 51.89 11.07 11.59
C SER D 96 50.97 11.88 10.69
N ASN D 97 51.54 12.85 9.97
CA ASN D 97 50.83 13.66 9.00
C ASN D 97 50.99 12.98 7.65
N HIS D 98 50.18 11.96 7.40
CA HIS D 98 50.24 11.19 6.16
C HIS D 98 48.93 11.36 5.39
N ASN D 99 48.98 11.08 4.07
CA ASN D 99 47.84 11.16 3.16
C ASN D 99 47.85 9.91 2.29
N PHE D 100 46.90 9.00 2.53
CA PHE D 100 46.84 7.76 1.76
C PHE D 100 46.26 7.95 0.33
N SER D 101 45.98 9.21 -0.06
CA SER D 101 45.46 9.60 -1.37
C SER D 101 46.56 9.69 -2.39
N LYS D 102 47.77 9.87 -1.86
CA LYS D 102 48.98 10.11 -2.64
C LYS D 102 49.78 8.79 -2.80
N GLY D 103 49.06 7.71 -3.14
CA GLY D 103 49.64 6.40 -3.41
C GLY D 103 48.60 5.30 -3.56
N PHE D 104 48.95 4.11 -3.09
CA PHE D 104 48.11 2.92 -3.09
C PHE D 104 48.53 1.95 -2.01
N PHE D 105 47.57 1.22 -1.46
CA PHE D 105 47.82 0.14 -0.53
C PHE D 105 48.18 -1.09 -1.32
N TYR D 106 48.85 -2.05 -0.68
CA TYR D 106 49.13 -3.32 -1.32
C TYR D 106 49.17 -4.34 -0.23
N VAL D 107 48.38 -5.39 -0.37
CA VAL D 107 48.32 -6.43 0.66
C VAL D 107 49.48 -7.39 0.37
N ALA D 108 50.38 -7.52 1.32
CA ALA D 108 51.58 -8.35 1.23
C ALA D 108 52.09 -8.67 2.62
N ASP D 109 52.75 -9.85 2.79
CA ASP D 109 53.30 -10.33 4.06
C ASP D 109 52.20 -10.26 5.16
N GLY D 110 50.98 -10.62 4.77
CA GLY D 110 49.79 -10.66 5.62
C GLY D 110 49.34 -9.39 6.29
N THR D 111 49.49 -8.25 5.62
CA THR D 111 49.09 -6.95 6.18
C THR D 111 48.95 -5.91 5.09
N PHE D 112 48.45 -4.73 5.47
CA PHE D 112 48.28 -3.59 4.61
C PHE D 112 49.54 -2.77 4.57
N ASN D 113 50.16 -2.66 3.41
CA ASN D 113 51.35 -1.85 3.20
C ASN D 113 50.93 -0.61 2.39
N PHE D 114 51.82 0.39 2.20
CA PHE D 114 51.44 1.58 1.42
C PHE D 114 52.63 2.14 0.69
N TYR D 115 52.48 2.35 -0.64
CA TYR D 115 53.51 2.97 -1.46
C TYR D 115 53.08 4.38 -1.81
N ASP D 116 53.85 5.39 -1.33
CA ASP D 116 53.62 6.81 -1.60
C ASP D 116 54.33 7.11 -2.89
N THR D 117 53.57 7.25 -3.97
CA THR D 117 54.05 7.46 -5.34
C THR D 117 54.79 8.82 -5.48
N GLU D 118 54.42 9.86 -4.70
CA GLU D 118 55.09 11.19 -4.75
C GLU D 118 56.46 11.14 -4.09
N LYS D 119 56.55 10.48 -2.93
CA LYS D 119 57.79 10.29 -2.18
C LYS D 119 58.57 9.05 -2.68
N LYS D 120 57.93 8.15 -3.48
CA LYS D 120 58.51 6.88 -3.98
C LYS D 120 59.09 6.09 -2.74
N THR D 121 58.27 6.01 -1.68
CA THR D 121 58.61 5.40 -0.39
C THR D 121 57.51 4.39 0.04
N ALA D 122 57.92 3.17 0.40
CA ALA D 122 57.04 2.09 0.86
C ALA D 122 56.97 2.06 2.38
N TYR D 123 55.76 1.87 2.91
CA TYR D 123 55.50 1.78 4.35
C TYR D 123 54.93 0.40 4.61
N GLN D 124 55.74 -0.48 5.24
CA GLN D 124 55.36 -1.86 5.50
C GLN D 124 54.54 -1.96 6.77
N ASP D 125 53.41 -2.70 6.70
CA ASP D 125 52.42 -2.96 7.74
C ASP D 125 51.92 -1.66 8.39
N CYS D 126 51.13 -0.90 7.64
CA CYS D 126 50.54 0.36 8.15
C CYS D 126 49.38 0.07 9.10
N TYR D 127 48.73 -1.10 8.96
CA TYR D 127 47.59 -1.51 9.77
C TYR D 127 47.99 -1.70 11.25
N ALA D 128 49.12 -2.36 11.56
CA ALA D 128 49.55 -2.53 12.96
C ALA D 128 49.85 -1.20 13.63
N SER D 129 50.65 -0.31 12.98
CA SER D 129 51.09 0.99 13.52
C SER D 129 49.95 2.01 13.61
N LEU D 130 48.85 1.82 12.86
CA LEU D 130 47.70 2.71 12.97
C LEU D 130 46.61 2.12 13.88
N ASN D 131 46.78 0.85 14.33
CA ASN D 131 45.82 0.13 15.15
C ASN D 131 46.51 -0.57 16.31
N ALA D 132 47.34 0.19 17.05
CA ALA D 132 48.02 -0.19 18.29
C ALA D 132 48.57 -1.63 18.28
N GLY D 133 49.29 -1.98 17.22
CA GLY D 133 49.91 -3.29 17.11
C GLY D 133 49.02 -4.46 16.75
N LYS D 134 47.73 -4.20 16.39
CA LYS D 134 46.81 -5.26 15.97
C LYS D 134 47.34 -5.97 14.74
N THR D 135 47.05 -7.26 14.65
CA THR D 135 47.48 -8.09 13.54
C THR D 135 46.22 -8.63 12.85
N LEU D 136 46.36 -9.07 11.61
CA LEU D 136 45.25 -9.65 10.84
C LEU D 136 45.38 -11.17 10.86
N GLY D 137 46.49 -11.65 11.42
CA GLY D 137 46.83 -13.07 11.55
C GLY D 137 46.84 -13.83 10.24
N ILE D 138 47.38 -13.21 9.18
CA ILE D 138 47.41 -13.88 7.89
C ILE D 138 48.77 -14.59 7.76
N GLY D 139 48.76 -15.90 8.01
CA GLY D 139 49.96 -16.73 7.89
C GLY D 139 50.31 -16.98 6.44
N ASN D 140 51.43 -17.68 6.21
CA ASN D 140 51.93 -18.02 4.87
C ASN D 140 50.97 -18.94 4.10
N TYR D 141 50.22 -19.80 4.81
CA TYR D 141 49.32 -20.76 4.18
C TYR D 141 47.85 -20.26 4.23
N ASP D 142 47.66 -19.00 4.67
CA ASP D 142 46.37 -18.31 4.77
C ASP D 142 46.15 -17.35 3.59
N SER D 143 44.86 -17.13 3.22
CA SER D 143 44.51 -16.19 2.16
C SER D 143 43.85 -14.95 2.73
N ALA D 144 44.05 -13.83 2.05
CA ALA D 144 43.48 -12.52 2.35
C ALA D 144 42.61 -12.09 1.18
N ASN D 145 41.32 -12.03 1.43
CA ASN D 145 40.32 -11.70 0.41
C ASN D 145 39.64 -10.42 0.86
N ILE D 146 39.87 -9.32 0.13
CA ILE D 146 39.38 -8.00 0.48
C ILE D 146 38.49 -7.38 -0.60
N ILE D 147 37.41 -6.72 -0.17
CA ILE D 147 36.52 -5.98 -1.05
C ILE D 147 36.43 -4.57 -0.51
N HIS D 148 36.76 -3.61 -1.36
CA HIS D 148 36.65 -2.19 -1.08
C HIS D 148 35.27 -1.76 -1.50
N SER D 149 34.40 -1.56 -0.52
CA SER D 149 33.01 -1.16 -0.74
C SER D 149 32.53 -0.31 0.42
N ASN D 150 31.61 0.65 0.14
CA ASN D 150 30.95 1.53 1.11
C ASN D 150 32.00 2.28 1.98
N GLY D 151 33.14 2.63 1.37
CA GLY D 151 34.26 3.33 2.01
C GLY D 151 34.98 2.51 3.07
N LYS D 152 34.88 1.17 2.98
CA LYS D 152 35.49 0.23 3.93
C LYS D 152 36.23 -0.88 3.19
N PHE D 153 37.22 -1.46 3.88
CA PHE D 153 37.91 -2.63 3.39
C PHE D 153 37.38 -3.83 4.16
N TYR D 154 36.61 -4.69 3.48
CA TYR D 154 36.09 -5.88 4.11
C TYR D 154 37.07 -6.99 3.86
N LEU D 155 37.69 -7.52 4.90
CA LEU D 155 38.67 -8.58 4.79
C LEU D 155 38.13 -9.90 5.33
N LEU D 156 38.31 -10.97 4.54
CA LEU D 156 38.02 -12.34 4.91
C LEU D 156 39.32 -13.13 4.86
N VAL D 157 39.71 -13.74 6.00
CA VAL D 157 40.93 -14.55 6.10
C VAL D 157 40.53 -16.04 5.92
N GLY D 158 41.12 -16.65 4.90
CA GLY D 158 40.93 -18.07 4.61
C GLY D 158 42.00 -18.82 5.37
N THR D 159 41.63 -19.37 6.53
CA THR D 159 42.58 -20.03 7.42
C THR D 159 41.94 -21.29 8.00
N SER D 160 42.78 -22.31 8.32
CA SER D 160 42.30 -23.57 8.89
C SER D 160 41.96 -23.42 10.40
N THR D 161 42.37 -22.29 11.03
CA THR D 161 42.06 -22.02 12.45
C THR D 161 40.59 -21.57 12.60
N SER D 162 39.87 -22.30 13.44
CA SER D 162 38.45 -22.13 13.72
C SER D 162 38.16 -21.01 14.73
N ASN D 163 38.85 -21.02 15.89
CA ASN D 163 38.60 -20.10 16.99
C ASN D 163 39.46 -18.86 16.88
N ARG D 164 39.11 -18.01 15.93
CA ARG D 164 39.75 -16.73 15.66
C ARG D 164 38.82 -15.87 14.83
N ASP D 165 39.10 -14.57 14.71
CA ASP D 165 38.35 -13.66 13.86
C ASP D 165 38.72 -13.94 12.42
N HIS D 166 37.71 -14.07 11.55
CA HIS D 166 37.97 -14.34 10.13
C HIS D 166 37.55 -13.16 9.27
N PHE D 167 36.55 -12.39 9.71
CA PHE D 167 36.03 -11.24 8.97
C PHE D 167 36.39 -9.93 9.70
N TYR D 168 36.97 -8.98 8.97
CA TYR D 168 37.43 -7.70 9.51
C TYR D 168 36.90 -6.49 8.71
N ILE D 169 36.54 -5.41 9.42
CA ILE D 169 36.11 -4.16 8.80
C ILE D 169 37.15 -3.12 9.19
N VAL D 170 37.83 -2.58 8.17
CA VAL D 170 38.91 -1.58 8.23
C VAL D 170 38.46 -0.37 7.43
N ASP D 171 38.59 0.84 7.96
CA ASP D 171 38.16 2.03 7.19
C ASP D 171 39.13 2.23 5.99
N ALA D 172 38.61 2.59 4.80
CA ALA D 172 39.42 2.70 3.59
C ALA D 172 40.32 3.97 3.62
N LYS D 173 39.79 5.12 4.03
CA LYS D 173 40.50 6.38 4.05
C LYS D 173 41.61 6.38 5.13
N THR D 174 41.30 5.93 6.34
CA THR D 174 42.23 6.00 7.47
C THR D 174 43.02 4.75 7.73
N LEU D 175 42.49 3.59 7.35
CA LEU D 175 43.04 2.24 7.59
C LEU D 175 42.81 1.90 9.08
N TYR D 176 41.77 2.50 9.74
CA TYR D 176 41.50 2.18 11.13
C TYR D 176 40.58 0.99 11.25
N TYR D 177 40.93 0.10 12.19
CA TYR D 177 40.15 -1.06 12.54
C TYR D 177 38.79 -0.62 13.07
N GLU D 178 37.72 -1.22 12.56
CA GLU D 178 36.39 -0.86 13.06
C GLU D 178 35.81 -2.02 13.84
N ASN D 179 35.82 -3.22 13.24
CA ASN D 179 35.27 -4.42 13.87
C ASN D 179 35.82 -5.69 13.22
N SER D 180 35.62 -6.85 13.88
CA SER D 180 36.00 -8.19 13.40
C SER D 180 35.17 -9.26 14.12
N ALA D 181 35.05 -10.44 13.51
CA ALA D 181 34.26 -11.54 14.07
C ALA D 181 34.69 -12.89 13.55
N VAL D 182 34.27 -13.92 14.27
CA VAL D 182 34.47 -15.32 13.93
C VAL D 182 33.44 -15.68 12.89
N VAL D 183 33.89 -16.34 11.82
CA VAL D 183 32.97 -16.83 10.82
C VAL D 183 33.14 -18.32 10.86
N GLY D 184 34.21 -18.82 10.28
CA GLY D 184 34.55 -20.23 10.25
C GLY D 184 35.85 -20.45 9.53
N ALA D 185 36.47 -21.61 9.73
CA ALA D 185 37.71 -22.00 9.08
C ALA D 185 37.50 -22.34 7.59
N ASN D 186 38.56 -22.11 6.78
CA ASN D 186 38.67 -22.44 5.35
C ASN D 186 37.60 -21.73 4.49
N LEU D 187 37.39 -20.43 4.75
CA LEU D 187 36.44 -19.60 4.00
C LEU D 187 37.20 -18.51 3.30
N SER D 188 37.22 -18.54 1.96
CA SER D 188 38.02 -17.57 1.18
C SER D 188 37.20 -16.81 0.10
N GLY D 189 35.87 -17.00 0.08
CA GLY D 189 35.03 -16.31 -0.88
C GLY D 189 34.26 -15.18 -0.22
N LEU D 190 34.46 -13.95 -0.71
CA LEU D 190 33.79 -12.78 -0.15
C LEU D 190 33.04 -12.00 -1.25
N THR D 191 31.81 -11.59 -0.92
CA THR D 191 30.90 -10.78 -1.76
C THR D 191 30.26 -9.72 -0.88
N ILE D 192 30.16 -8.49 -1.37
CA ILE D 192 29.45 -7.44 -0.63
C ILE D 192 28.19 -7.17 -1.46
N LEU D 193 27.04 -7.52 -0.87
CA LEU D 193 25.72 -7.36 -1.52
C LEU D 193 25.35 -5.89 -1.58
N ASN D 194 25.49 -5.19 -0.45
CA ASN D 194 25.15 -3.78 -0.36
C ASN D 194 25.75 -3.19 0.93
N GLU D 195 25.24 -2.04 1.38
CA GLU D 195 25.70 -1.33 2.58
C GLU D 195 25.38 -2.13 3.90
N GLN D 196 24.52 -3.18 3.84
CA GLN D 196 24.12 -3.92 5.03
C GLN D 196 24.60 -5.37 5.07
N TYR D 197 24.58 -6.03 3.91
CA TYR D 197 24.92 -7.44 3.88
C TYR D 197 26.02 -7.77 2.90
N GLY D 198 26.72 -8.85 3.27
CA GLY D 198 27.77 -9.49 2.48
C GLY D 198 27.55 -11.00 2.45
N LEU D 199 28.35 -11.72 1.65
CA LEU D 199 28.33 -13.18 1.59
C LEU D 199 29.71 -13.73 1.84
N VAL D 200 29.78 -14.77 2.66
CA VAL D 200 31.03 -15.48 2.93
C VAL D 200 30.81 -16.91 2.44
N THR D 201 31.64 -17.32 1.49
CA THR D 201 31.52 -18.64 0.88
C THR D 201 32.86 -19.40 1.11
N GLY D 202 32.79 -20.72 0.95
CA GLY D 202 33.91 -21.62 1.19
C GLY D 202 33.43 -23.02 1.54
N ASP D 203 32.31 -23.10 2.30
CA ASP D 203 31.66 -24.33 2.76
C ASP D 203 30.16 -24.28 2.42
N GLY D 204 29.83 -23.41 1.47
CA GLY D 204 28.48 -23.14 1.02
C GLY D 204 28.31 -21.64 0.98
N ILE D 205 27.14 -21.12 1.39
CA ILE D 205 26.89 -19.67 1.38
C ILE D 205 26.42 -19.21 2.76
N ARG D 206 27.09 -18.18 3.26
CA ARG D 206 26.76 -17.54 4.52
C ARG D 206 26.45 -16.09 4.27
N ARG D 207 25.34 -15.59 4.82
CA ARG D 207 25.03 -14.16 4.77
C ARG D 207 25.62 -13.53 6.00
N ILE D 208 26.38 -12.46 5.84
CA ILE D 208 26.97 -11.76 6.98
C ILE D 208 26.35 -10.35 7.04
N ASP D 209 25.95 -9.92 8.24
CA ASP D 209 25.45 -8.58 8.51
C ASP D 209 26.67 -7.68 8.67
N LEU D 210 26.82 -6.67 7.81
CA LEU D 210 28.05 -5.84 7.82
C LEU D 210 28.10 -4.85 9.03
N LYS D 211 27.09 -4.85 9.92
CA LYS D 211 27.07 -3.99 11.10
C LYS D 211 27.31 -4.85 12.36
N SER D 212 26.46 -5.89 12.61
CA SER D 212 26.58 -6.76 13.78
C SER D 212 27.64 -7.85 13.60
N LEU D 213 27.88 -8.25 12.33
CA LEU D 213 28.83 -9.28 11.86
C LEU D 213 28.35 -10.69 12.24
N ASN D 214 27.02 -10.85 12.49
CA ASN D 214 26.38 -12.15 12.63
C ASN D 214 26.29 -12.77 11.26
N ASN D 215 26.48 -14.09 11.15
CA ASN D 215 26.35 -14.75 9.86
C ASN D 215 25.32 -15.87 9.98
N VAL D 216 24.61 -16.12 8.86
CA VAL D 216 23.58 -17.16 8.72
C VAL D 216 24.08 -18.08 7.63
N ARG D 217 24.16 -19.38 7.93
CA ARG D 217 24.58 -20.37 6.98
C ARG D 217 23.34 -20.78 6.18
N ILE D 218 23.13 -20.13 5.01
CA ILE D 218 22.00 -20.28 4.06
C ILE D 218 22.12 -21.57 3.24
N LYS D 219 23.28 -21.85 2.68
CA LYS D 219 23.53 -23.04 1.89
C LYS D 219 24.76 -23.73 2.47
N ASN D 220 24.65 -25.03 2.68
CA ASN D 220 25.73 -25.84 3.24
C ASN D 220 26.13 -26.84 2.16
N GLU D 221 27.24 -26.55 1.48
CA GLU D 221 27.80 -27.36 0.40
C GLU D 221 29.30 -27.35 0.50
N ARG D 222 29.89 -28.52 0.82
CA ARG D 222 31.33 -28.69 1.02
C ARG D 222 32.11 -28.17 -0.20
N LEU D 223 33.10 -27.29 0.07
CA LEU D 223 34.03 -26.67 -0.88
C LEU D 223 33.32 -25.67 -1.84
N LEU D 224 32.01 -25.33 -1.63
CA LEU D 224 31.36 -24.32 -2.48
C LEU D 224 31.90 -22.96 -2.09
N CYS D 225 32.64 -22.33 -3.01
CA CYS D 225 33.32 -21.05 -2.80
C CYS D 225 33.16 -20.13 -4.01
N PHE D 226 32.82 -18.82 -3.79
CA PHE D 226 32.78 -17.85 -4.90
C PHE D 226 34.14 -17.24 -4.97
N TYR D 227 35.04 -17.83 -5.77
CA TYR D 227 36.43 -17.32 -5.87
C TYR D 227 36.38 -15.87 -6.37
N ASN D 228 35.41 -15.57 -7.26
CA ASN D 228 35.11 -14.26 -7.79
C ASN D 228 33.63 -14.12 -7.95
N SER D 229 33.12 -12.90 -7.70
CA SER D 229 31.71 -12.58 -7.80
C SER D 229 31.53 -11.09 -8.13
N ILE D 230 30.29 -10.68 -8.45
CA ILE D 230 29.90 -9.30 -8.79
C ILE D 230 28.39 -9.19 -8.63
N ILE D 231 27.89 -8.00 -8.34
CA ILE D 231 26.46 -7.71 -8.29
C ILE D 231 26.10 -7.11 -9.65
N TYR D 232 25.10 -7.68 -10.31
CA TYR D 232 24.67 -7.23 -11.64
C TYR D 232 23.19 -7.48 -11.82
N ASN D 233 22.44 -6.39 -12.05
CA ASN D 233 20.98 -6.39 -12.28
C ASN D 233 20.25 -7.25 -11.24
N GLY D 234 20.46 -6.93 -9.96
CA GLY D 234 19.83 -7.60 -8.82
C GLY D 234 20.27 -9.02 -8.57
N LYS D 235 21.35 -9.47 -9.23
CA LYS D 235 21.88 -10.83 -9.14
C LYS D 235 23.37 -10.88 -8.72
N VAL D 236 23.79 -11.99 -8.08
CA VAL D 236 25.17 -12.26 -7.73
C VAL D 236 25.74 -13.22 -8.75
N LEU D 237 26.65 -12.79 -9.59
CA LEU D 237 27.33 -13.66 -10.55
C LEU D 237 28.52 -14.30 -9.86
N SER D 238 28.75 -15.61 -9.98
CA SER D 238 29.90 -16.18 -9.30
C SER D 238 30.71 -17.12 -10.19
N ASN D 239 32.02 -17.16 -9.91
CA ASN D 239 33.07 -18.03 -10.42
C ASN D 239 33.42 -18.95 -9.26
N ASP D 240 33.06 -20.23 -9.38
CA ASP D 240 33.23 -21.15 -8.26
C ASP D 240 34.26 -22.27 -8.56
N THR D 241 35.15 -22.05 -9.53
CA THR D 241 36.12 -23.08 -9.88
C THR D 241 37.56 -22.52 -9.97
N TYR D 242 38.54 -23.40 -9.70
CA TYR D 242 39.98 -23.10 -9.76
C TYR D 242 40.72 -24.17 -10.63
N LYS D 243 39.97 -25.16 -11.15
CA LYS D 243 40.52 -26.34 -11.82
C LYS D 243 39.43 -27.08 -12.66
N ASP D 244 38.34 -27.50 -12.01
CA ASP D 244 37.28 -28.32 -12.59
C ASP D 244 36.34 -27.53 -13.49
N GLU D 245 35.76 -28.21 -14.50
CA GLU D 245 34.81 -27.63 -15.45
C GLU D 245 33.54 -27.26 -14.69
N SER D 246 33.18 -25.99 -14.79
CA SER D 246 32.02 -25.40 -14.12
C SER D 246 31.47 -24.26 -14.93
N LYS D 247 30.21 -23.92 -14.73
CA LYS D 247 29.60 -22.79 -15.42
C LYS D 247 29.41 -21.64 -14.48
N VAL D 248 29.38 -20.40 -15.02
CA VAL D 248 29.07 -19.20 -14.22
C VAL D 248 27.69 -19.41 -13.66
N LYS D 249 27.52 -19.17 -12.35
CA LYS D 249 26.23 -19.34 -11.68
C LYS D 249 25.80 -18.04 -11.05
N TYR D 250 24.49 -17.76 -11.04
CA TYR D 250 24.04 -16.55 -10.38
C TYR D 250 22.89 -16.88 -9.42
N TYR D 251 22.78 -16.05 -8.39
CA TYR D 251 21.79 -16.07 -7.31
C TYR D 251 21.06 -14.72 -7.29
N ASP D 252 19.89 -14.64 -6.69
CA ASP D 252 19.14 -13.39 -6.57
C ASP D 252 19.54 -12.70 -5.28
N VAL D 253 19.93 -11.41 -5.36
CA VAL D 253 20.39 -10.63 -4.20
C VAL D 253 19.28 -10.59 -3.13
N ASN D 254 18.03 -10.29 -3.52
CA ASN D 254 16.91 -10.20 -2.57
C ASN D 254 16.58 -11.56 -1.92
N GLU D 255 16.69 -12.67 -2.67
CA GLU D 255 16.49 -14.02 -2.14
C GLU D 255 17.60 -14.35 -1.10
N LEU D 256 18.87 -13.97 -1.39
CA LEU D 256 20.02 -14.15 -0.50
C LEU D 256 19.86 -13.35 0.79
N ILE D 257 19.27 -12.14 0.73
CA ILE D 257 19.07 -11.27 1.89
C ILE D 257 17.96 -11.85 2.80
N ALA D 258 16.88 -12.39 2.21
CA ALA D 258 15.70 -12.92 2.91
C ALA D 258 15.84 -14.38 3.38
N ALA D 259 16.72 -15.17 2.76
CA ALA D 259 16.90 -16.59 3.07
C ALA D 259 17.21 -16.85 4.57
N LYS D 260 16.50 -17.81 5.14
CA LYS D 260 16.70 -18.24 6.53
C LYS D 260 17.78 -19.33 6.56
N GLU D 261 18.28 -19.69 7.77
CA GLU D 261 19.27 -20.75 7.96
C GLU D 261 18.79 -22.05 7.26
N GLY D 262 19.59 -22.52 6.31
CA GLY D 262 19.31 -23.74 5.57
C GLY D 262 18.51 -23.59 4.30
N GLU D 263 17.76 -22.47 4.14
CA GLU D 263 16.94 -22.20 2.93
C GLU D 263 17.81 -21.89 1.71
N ALA D 264 18.54 -22.89 1.16
CA ALA D 264 19.41 -22.73 0.00
C ALA D 264 18.70 -21.97 -1.14
N PRO D 265 19.27 -20.86 -1.64
CA PRO D 265 18.59 -20.08 -2.67
C PRO D 265 18.75 -20.72 -4.07
N ALA D 266 17.91 -20.29 -5.03
CA ALA D 266 17.96 -20.78 -6.41
C ALA D 266 19.23 -20.33 -7.09
N VAL D 267 19.86 -21.27 -7.81
CA VAL D 267 21.08 -20.99 -8.54
C VAL D 267 20.80 -21.29 -10.00
N THR D 268 21.16 -20.35 -10.87
CA THR D 268 20.98 -20.48 -12.31
C THR D 268 22.33 -20.43 -12.98
N GLU D 269 22.55 -21.26 -13.99
CA GLU D 269 23.78 -21.27 -14.78
C GLU D 269 23.62 -20.46 -16.03
N LEU D 270 24.72 -19.80 -16.41
CA LEU D 270 24.91 -19.08 -17.67
C LEU D 270 25.78 -19.95 -18.55
N ASP D 271 25.62 -19.88 -19.88
CA ASP D 271 26.43 -20.69 -20.80
C ASP D 271 27.85 -20.08 -20.91
N ILE D 272 28.64 -20.20 -19.83
CA ILE D 272 30.01 -19.72 -19.70
C ILE D 272 30.81 -20.79 -18.96
N ILE D 273 31.51 -21.67 -19.72
CA ILE D 273 32.34 -22.75 -19.17
C ILE D 273 33.60 -22.16 -18.59
N GLN D 274 33.88 -22.43 -17.31
CA GLN D 274 35.08 -21.96 -16.65
C GLN D 274 35.82 -23.16 -16.07
N LYS D 275 37.12 -23.20 -16.27
CA LYS D 275 37.99 -24.27 -15.81
C LYS D 275 39.14 -23.69 -14.97
N GLN D 276 38.97 -22.44 -14.48
CA GLN D 276 39.94 -21.70 -13.67
C GLN D 276 39.32 -20.49 -12.98
N LYS D 277 40.10 -19.83 -12.10
CA LYS D 277 39.66 -18.60 -11.44
C LYS D 277 39.72 -17.45 -12.41
N ILE D 278 38.59 -16.77 -12.59
CA ILE D 278 38.51 -15.56 -13.42
C ILE D 278 37.43 -14.67 -12.80
N ASN D 279 37.66 -13.36 -12.83
CA ASN D 279 36.74 -12.40 -12.24
C ASN D 279 35.72 -11.88 -13.28
N PHE D 280 34.82 -11.02 -12.81
CA PHE D 280 33.80 -10.31 -13.57
C PHE D 280 34.08 -8.84 -13.52
N VAL D 281 34.06 -8.16 -14.65
CA VAL D 281 34.32 -6.72 -14.62
C VAL D 281 33.16 -5.99 -15.28
N LEU D 282 32.73 -4.87 -14.68
CA LEU D 282 31.74 -3.98 -15.25
C LEU D 282 32.46 -3.02 -16.16
N ALA D 283 32.20 -3.08 -17.47
CA ALA D 283 32.88 -2.22 -18.44
C ALA D 283 32.11 -0.89 -18.63
N LYS D 284 32.70 0.08 -19.39
CA LYS D 284 32.13 1.40 -19.63
C LYS D 284 30.81 1.32 -20.42
N ASP D 285 30.58 0.22 -21.19
CA ASP D 285 29.34 0.03 -21.95
C ASP D 285 28.17 -0.35 -21.02
N GLY D 286 28.46 -0.53 -19.73
CA GLY D 286 27.50 -0.90 -18.70
C GLY D 286 27.25 -2.40 -18.59
N ASN D 287 28.04 -3.20 -19.34
CA ASN D 287 27.92 -4.67 -19.40
C ASN D 287 29.03 -5.35 -18.60
N VAL D 288 28.73 -6.55 -18.06
CA VAL D 288 29.67 -7.34 -17.28
C VAL D 288 30.36 -8.31 -18.21
N TYR D 289 31.68 -8.40 -18.06
CA TYR D 289 32.54 -9.27 -18.85
C TYR D 289 33.27 -10.26 -17.98
N THR D 290 33.39 -11.47 -18.47
CA THR D 290 34.19 -12.51 -17.84
C THR D 290 34.81 -13.31 -19.00
N LEU D 291 35.52 -14.40 -18.68
CA LEU D 291 36.13 -15.27 -19.66
C LEU D 291 35.53 -16.66 -19.58
N GLU D 292 35.53 -17.33 -20.72
CA GLU D 292 35.13 -18.69 -20.92
C GLU D 292 36.34 -19.48 -21.37
N SER D 293 36.50 -20.68 -20.84
CA SER D 293 37.62 -21.54 -21.17
C SER D 293 37.35 -22.20 -22.53
N ALA D 294 38.33 -22.09 -23.45
CA ALA D 294 38.31 -22.64 -24.81
C ALA D 294 39.57 -23.50 -25.04
N ASP D 295 39.52 -24.39 -26.07
CA ASP D 295 40.59 -25.34 -26.38
C ASP D 295 41.90 -24.63 -26.78
N ASN D 296 41.84 -23.68 -27.73
CA ASN D 296 43.00 -22.99 -28.28
C ASN D 296 43.03 -21.49 -27.88
N GLY D 297 42.63 -21.20 -26.65
CA GLY D 297 42.61 -19.85 -26.10
C GLY D 297 41.50 -19.67 -25.09
N CYS D 298 40.74 -18.57 -25.24
CA CYS D 298 39.60 -18.25 -24.37
C CYS D 298 38.57 -17.40 -25.14
N ASN D 299 37.40 -17.12 -24.51
CA ASN D 299 36.35 -16.24 -25.05
C ASN D 299 36.04 -15.10 -24.09
N ILE D 300 35.97 -13.87 -24.60
CA ILE D 300 35.59 -12.72 -23.79
C ILE D 300 34.08 -12.68 -23.84
N VAL D 301 33.43 -12.85 -22.68
CA VAL D 301 31.98 -12.90 -22.69
C VAL D 301 31.41 -11.58 -22.19
N LYS D 302 30.49 -11.02 -22.99
CA LYS D 302 29.69 -9.85 -22.67
C LYS D 302 28.37 -10.33 -22.11
N ILE D 303 28.06 -10.01 -20.86
CA ILE D 303 26.80 -10.43 -20.24
C ILE D 303 25.87 -9.21 -20.33
N LYS D 304 24.92 -9.21 -21.29
CA LYS D 304 24.02 -8.06 -21.43
C LYS D 304 23.13 -7.95 -20.17
N ASN D 305 22.46 -6.80 -20.00
CA ASN D 305 21.57 -6.54 -18.86
C ASN D 305 20.42 -7.56 -18.75
N ASP D 306 20.04 -8.24 -19.86
CA ASP D 306 19.00 -9.26 -19.87
C ASP D 306 19.65 -10.67 -19.70
N PHE D 307 20.97 -10.69 -19.43
CA PHE D 307 21.84 -11.84 -19.18
C PHE D 307 22.01 -12.71 -20.46
N THR D 308 21.78 -12.12 -21.67
CA THR D 308 22.08 -12.80 -22.95
C THR D 308 23.58 -12.63 -23.16
N LEU D 309 24.21 -13.53 -23.95
CA LEU D 309 25.66 -13.49 -24.07
C LEU D 309 26.14 -13.24 -25.51
N GLU D 310 27.14 -12.34 -25.60
CA GLU D 310 27.92 -12.02 -26.80
C GLU D 310 29.32 -12.51 -26.53
N LYS D 311 29.91 -13.30 -27.43
CA LYS D 311 31.25 -13.85 -27.18
C LYS D 311 32.23 -13.51 -28.30
N VAL D 312 33.48 -13.18 -27.90
CA VAL D 312 34.59 -12.83 -28.78
C VAL D 312 35.77 -13.75 -28.42
N PHE D 313 36.31 -14.51 -29.40
CA PHE D 313 37.44 -15.41 -29.15
C PHE D 313 38.79 -14.64 -29.08
N ALA D 314 39.59 -15.02 -28.06
CA ALA D 314 40.95 -14.55 -27.82
C ALA D 314 41.89 -15.70 -28.03
N ASN D 315 42.88 -15.55 -28.95
CA ASN D 315 43.85 -16.61 -29.29
C ASN D 315 45.08 -16.56 -28.36
N PHE D 316 44.81 -16.64 -27.06
CA PHE D 316 45.81 -16.70 -25.98
C PHE D 316 45.15 -17.34 -24.79
N GLN D 317 45.93 -18.05 -23.98
CA GLN D 317 45.44 -18.71 -22.79
C GLN D 317 45.45 -17.71 -21.61
N PRO D 318 44.39 -17.59 -20.78
CA PRO D 318 44.43 -16.61 -19.68
C PRO D 318 45.34 -17.07 -18.54
N ALA D 319 45.91 -16.10 -17.79
CA ALA D 319 46.78 -16.41 -16.66
C ALA D 319 45.99 -17.05 -15.56
N LYS D 320 46.61 -18.05 -14.93
CA LYS D 320 46.03 -18.91 -13.91
C LYS D 320 47.06 -19.27 -12.83
N GLY D 321 46.55 -19.56 -11.63
CA GLY D 321 47.30 -20.07 -10.49
C GLY D 321 47.01 -21.57 -10.36
N PRO D 322 47.91 -22.40 -9.79
CA PRO D 322 47.61 -23.84 -9.77
C PRO D 322 46.68 -24.29 -8.62
N TYR D 323 46.89 -23.74 -7.40
CA TYR D 323 46.21 -24.11 -6.15
C TYR D 323 44.92 -23.34 -5.89
N HIS D 324 44.10 -23.88 -4.98
CA HIS D 324 42.84 -23.33 -4.48
C HIS D 324 43.07 -21.98 -3.79
N SER D 325 44.31 -21.79 -3.27
CA SER D 325 44.76 -20.65 -2.49
C SER D 325 45.41 -19.54 -3.35
N SER D 326 45.84 -19.83 -4.60
CA SER D 326 46.49 -18.81 -5.45
C SER D 326 45.46 -17.74 -5.91
N PRO D 327 45.84 -16.44 -5.90
CA PRO D 327 44.86 -15.40 -6.25
C PRO D 327 44.44 -15.45 -7.73
N THR D 328 43.29 -14.86 -8.03
CA THR D 328 42.76 -14.75 -9.37
C THR D 328 43.62 -13.76 -10.13
N ILE D 329 44.08 -14.13 -11.33
CA ILE D 329 44.86 -13.15 -12.10
C ILE D 329 43.81 -12.39 -12.89
N GLY D 330 43.08 -11.56 -12.14
CA GLY D 330 41.94 -10.79 -12.61
C GLY D 330 42.19 -9.68 -13.61
N VAL D 332 40.81 -5.97 -15.51
CA VAL D 332 40.40 -4.69 -14.93
C VAL D 332 39.83 -3.85 -16.09
N ALA D 333 38.70 -3.20 -15.82
CA ALA D 333 37.98 -2.37 -16.77
C ALA D 333 38.14 -0.91 -16.45
N SER D 334 38.21 -0.10 -17.50
CA SER D 334 38.26 1.35 -17.41
C SER D 334 36.84 1.92 -17.26
N GLU D 335 36.69 2.95 -16.43
CA GLU D 335 35.41 3.64 -16.21
C GLU D 335 35.23 4.79 -17.20
N THR D 336 36.34 5.21 -17.84
CA THR D 336 36.36 6.37 -18.75
C THR D 336 36.64 5.97 -20.22
N GLU D 337 37.15 4.75 -20.47
CA GLU D 337 37.41 4.29 -21.84
C GLU D 337 36.84 2.86 -22.02
N ASN D 338 36.48 2.51 -23.26
CA ASN D 338 35.92 1.21 -23.65
C ASN D 338 37.06 0.20 -23.76
N ILE D 339 37.69 -0.09 -22.62
CA ILE D 339 38.87 -0.91 -22.47
C ILE D 339 38.75 -1.91 -21.31
N ILE D 340 39.36 -3.07 -21.52
CA ILE D 340 39.57 -4.11 -20.52
C ILE D 340 41.00 -4.58 -20.67
N TYR D 341 41.73 -4.58 -19.56
CA TYR D 341 43.08 -5.11 -19.50
C TYR D 341 42.99 -6.54 -19.00
N LEU D 342 43.69 -7.46 -19.67
CA LEU D 342 43.68 -8.86 -19.27
C LEU D 342 45.08 -9.43 -19.50
N VAL D 343 45.43 -10.45 -18.71
CA VAL D 343 46.74 -11.10 -18.66
C VAL D 343 46.71 -12.47 -19.30
N SER D 344 47.66 -12.75 -20.21
CA SER D 344 47.85 -14.06 -20.83
C SER D 344 48.82 -14.88 -19.97
N THR D 345 48.83 -16.22 -20.19
CA THR D 345 49.55 -17.23 -19.41
C THR D 345 51.10 -16.94 -19.44
N ASP D 346 51.63 -16.38 -20.52
CA ASP D 346 53.06 -16.07 -20.69
C ASP D 346 53.48 -14.82 -19.88
N GLY D 347 52.53 -14.10 -19.32
CA GLY D 347 52.81 -12.92 -18.51
C GLY D 347 52.69 -11.62 -19.29
N ALA D 348 51.96 -11.65 -20.41
CA ALA D 348 51.72 -10.49 -21.25
C ALA D 348 50.39 -9.84 -20.89
N ILE D 349 50.26 -8.52 -21.13
CA ILE D 349 49.02 -7.76 -20.85
C ILE D 349 48.40 -7.34 -22.18
N TYR D 350 47.12 -7.67 -22.35
CA TYR D 350 46.34 -7.32 -23.51
C TYR D 350 45.37 -6.22 -23.14
N LYS D 351 45.26 -5.20 -24.00
CA LYS D 351 44.32 -4.09 -23.86
C LYS D 351 43.19 -4.33 -24.86
N TYR D 352 42.07 -4.91 -24.37
CA TYR D 352 40.91 -5.18 -25.20
C TYR D 352 40.05 -3.94 -25.31
N ILE D 353 39.83 -3.48 -26.55
CA ILE D 353 38.94 -2.37 -26.89
C ILE D 353 37.60 -3.01 -27.14
N LEU D 354 36.53 -2.51 -26.47
CA LEU D 354 35.20 -3.13 -26.59
C LEU D 354 34.74 -3.10 -28.05
N GLY D 355 34.56 -4.29 -28.62
CA GLY D 355 34.07 -4.48 -29.99
C GLY D 355 35.12 -4.61 -31.08
N ASP D 356 36.40 -4.37 -30.73
CA ASP D 356 37.51 -4.47 -31.68
C ASP D 356 38.35 -5.71 -31.33
N SER D 357 38.13 -6.82 -32.07
CA SER D 357 38.88 -8.07 -31.85
C SER D 357 40.34 -7.94 -32.35
N ASP D 358 40.66 -6.86 -33.13
CA ASP D 358 42.01 -6.59 -33.62
C ASP D 358 42.94 -6.17 -32.48
N SER D 359 42.36 -5.62 -31.38
CA SER D 359 43.08 -5.17 -30.18
C SER D 359 43.64 -6.36 -29.37
N LEU D 360 43.26 -7.61 -29.75
CA LEU D 360 43.67 -8.88 -29.13
C LEU D 360 44.74 -9.61 -29.94
N LYS D 361 45.14 -9.05 -31.10
CA LYS D 361 46.13 -9.66 -32.01
C LYS D 361 47.55 -9.57 -31.44
N ALA D 362 47.81 -8.59 -30.57
CA ALA D 362 49.13 -8.38 -29.96
C ALA D 362 49.01 -7.82 -28.53
N PRO D 363 49.93 -8.16 -27.59
CA PRO D 363 49.85 -7.59 -26.24
C PRO D 363 50.12 -6.09 -26.22
N PHE D 364 49.55 -5.42 -25.23
CA PHE D 364 49.74 -3.99 -24.96
C PHE D 364 51.09 -3.83 -24.25
N ILE D 365 51.36 -4.76 -23.31
CA ILE D 365 52.60 -4.91 -22.57
C ILE D 365 53.07 -6.35 -22.78
N ALA D 366 54.22 -6.49 -23.44
CA ALA D 366 54.85 -7.77 -23.76
C ALA D 366 55.29 -8.51 -22.50
N ALA D 367 55.34 -9.82 -22.61
CA ALA D 367 55.82 -10.69 -21.55
C ALA D 367 57.34 -10.63 -21.45
N GLU D 368 57.89 -10.92 -20.26
CA GLU D 368 59.33 -11.04 -20.01
C GLU D 368 59.59 -12.49 -19.65
N SER D 369 60.56 -13.15 -20.31
CA SER D 369 60.86 -14.57 -20.07
C SER D 369 61.24 -14.84 -18.61
N GLY D 370 60.64 -15.87 -18.03
CA GLY D 370 60.83 -16.29 -16.65
C GLY D 370 60.20 -15.40 -15.61
N VAL D 371 59.32 -14.45 -16.03
CA VAL D 371 58.59 -13.52 -15.16
C VAL D 371 57.10 -13.63 -15.49
N SER D 372 56.29 -13.94 -14.48
CA SER D 372 54.84 -14.11 -14.62
C SER D 372 54.08 -13.11 -13.73
N ILE D 373 52.82 -12.81 -14.10
CA ILE D 373 51.92 -11.90 -13.39
C ILE D 373 51.17 -12.77 -12.40
N THR D 374 51.36 -12.52 -11.10
CA THR D 374 50.90 -13.36 -10.01
C THR D 374 49.83 -12.71 -9.09
N ALA D 375 49.16 -11.67 -9.56
CA ALA D 375 48.09 -11.02 -8.80
C ALA D 375 47.12 -10.34 -9.73
N PRO D 376 45.87 -10.02 -9.31
CA PRO D 376 44.94 -9.35 -10.24
C PRO D 376 45.41 -7.98 -10.64
N LEU D 377 45.08 -7.56 -11.87
CA LEU D 377 45.39 -6.22 -12.35
C LEU D 377 44.60 -5.18 -11.60
N GLN D 378 45.16 -4.00 -11.44
CA GLN D 378 44.48 -2.87 -10.81
C GLN D 378 44.68 -1.65 -11.71
N LEU D 379 43.69 -0.76 -11.75
CA LEU D 379 43.72 0.42 -12.62
C LEU D 379 43.30 1.66 -11.85
N ASN D 380 44.06 2.74 -11.99
CA ASN D 380 43.73 4.02 -11.37
C ASN D 380 42.76 4.72 -12.28
N GLN D 381 41.48 4.80 -11.86
CA GLN D 381 40.44 5.38 -12.71
C GLN D 381 40.59 6.92 -12.88
N GLN D 382 41.54 7.56 -12.19
CA GLN D 382 41.74 9.00 -12.34
C GLN D 382 42.87 9.30 -13.36
N SER D 383 43.97 8.51 -13.31
CA SER D 383 45.16 8.69 -14.16
C SER D 383 45.26 7.68 -15.32
N GLY D 384 44.60 6.54 -15.20
CA GLY D 384 44.65 5.49 -16.20
C GLY D 384 45.83 4.57 -16.02
N GLU D 385 46.60 4.75 -14.93
CA GLU D 385 47.77 3.95 -14.56
C GLU D 385 47.38 2.49 -14.25
N LEU D 386 48.13 1.54 -14.79
CA LEU D 386 47.91 0.11 -14.59
C LEU D 386 48.95 -0.43 -13.61
N TYR D 387 48.47 -1.10 -12.55
CA TYR D 387 49.28 -1.70 -11.49
C TYR D 387 49.38 -3.21 -11.72
N VAL D 388 50.57 -3.68 -12.11
CA VAL D 388 50.87 -5.08 -12.44
C VAL D 388 51.85 -5.69 -11.40
N THR D 389 51.52 -6.89 -10.90
CA THR D 389 52.34 -7.64 -9.95
C THR D 389 53.07 -8.77 -10.70
N TYR D 390 54.42 -8.71 -10.70
CA TYR D 390 55.29 -9.70 -11.34
C TYR D 390 56.07 -10.53 -10.34
N THR D 391 56.44 -11.78 -10.71
CA THR D 391 57.27 -12.67 -9.90
C THR D 391 58.25 -13.41 -10.81
N GLU D 392 59.55 -13.35 -10.46
CA GLU D 392 60.61 -14.09 -11.15
C GLU D 392 60.54 -15.51 -10.62
N GLU D 393 60.10 -16.43 -11.48
CA GLU D 393 59.82 -17.85 -11.22
C GLU D 393 61.00 -18.58 -10.55
N ARG D 394 62.21 -18.42 -11.08
CA ARG D 394 63.40 -19.12 -10.62
C ARG D 394 63.92 -18.65 -9.23
N LYS D 395 63.80 -17.34 -8.86
CA LYS D 395 64.38 -16.87 -7.60
C LYS D 395 63.29 -16.48 -6.53
N ASP D 396 62.01 -16.34 -6.90
CA ASP D 396 60.91 -15.95 -5.98
C ASP D 396 61.16 -14.48 -5.50
N GLU D 397 61.17 -13.56 -6.45
CA GLU D 397 61.33 -12.13 -6.18
C GLU D 397 60.21 -11.40 -6.93
N SER D 398 59.39 -10.67 -6.18
CA SER D 398 58.21 -10.00 -6.70
C SER D 398 58.33 -8.48 -6.68
N LYS D 399 57.63 -7.83 -7.61
CA LYS D 399 57.58 -6.38 -7.75
C LYS D 399 56.19 -5.91 -8.21
N ILE D 400 55.87 -4.63 -7.94
CA ILE D 400 54.67 -3.97 -8.42
C ILE D 400 55.13 -2.92 -9.43
N VAL D 401 54.76 -3.10 -10.70
CA VAL D 401 55.14 -2.16 -11.75
C VAL D 401 53.90 -1.33 -12.09
N VAL D 402 54.05 0.00 -12.02
CA VAL D 402 53.01 0.99 -12.33
C VAL D 402 53.29 1.55 -13.70
N TYR D 403 52.42 1.23 -14.67
CA TYR D 403 52.50 1.69 -16.07
C TYR D 403 51.58 2.85 -16.34
N SER D 404 51.94 3.72 -17.29
CA SER D 404 51.08 4.81 -17.72
C SER D 404 50.05 4.28 -18.73
N LYS D 405 49.04 5.10 -19.13
CA LYS D 405 48.05 4.74 -20.17
C LYS D 405 48.71 4.20 -21.44
N ASP D 406 49.92 4.72 -21.71
CA ASP D 406 50.77 4.47 -22.88
C ASP D 406 51.78 3.32 -22.66
N GLY D 407 51.74 2.68 -21.49
CA GLY D 407 52.61 1.55 -21.18
C GLY D 407 54.03 1.87 -20.75
N LYS D 408 54.29 3.09 -20.25
CA LYS D 408 55.62 3.46 -19.77
C LYS D 408 55.70 3.22 -18.28
N VAL D 409 56.82 2.63 -17.80
CA VAL D 409 57.06 2.31 -16.39
C VAL D 409 57.20 3.63 -15.62
N LEU D 410 56.42 3.80 -14.55
CA LEU D 410 56.43 5.00 -13.72
C LEU D 410 56.99 4.71 -12.31
N HIS D 411 56.73 3.49 -11.80
CA HIS D 411 57.14 3.05 -10.47
C HIS D 411 57.44 1.56 -10.44
N THR D 412 58.37 1.17 -9.57
CA THR D 412 58.73 -0.22 -9.30
C THR D 412 58.85 -0.35 -7.80
N VAL D 413 58.02 -1.19 -7.22
CA VAL D 413 58.05 -1.44 -5.78
C VAL D 413 58.58 -2.83 -5.59
N ASP D 414 59.73 -2.95 -4.92
CA ASP D 414 60.32 -4.27 -4.67
C ASP D 414 59.58 -4.89 -3.48
N CYS D 415 59.12 -6.13 -3.64
CA CYS D 415 58.35 -6.81 -2.61
C CYS D 415 59.11 -8.05 -2.09
N GLY D 416 60.22 -8.39 -2.74
CA GLY D 416 61.04 -9.52 -2.36
C GLY D 416 60.35 -10.86 -2.45
N GLU D 417 60.47 -11.66 -1.38
CA GLU D 417 59.96 -13.02 -1.26
C GLU D 417 58.46 -13.07 -0.96
N SER D 418 57.86 -11.93 -0.57
CA SER D 418 56.43 -11.85 -0.27
C SER D 418 55.66 -11.21 -1.45
N VAL D 419 54.83 -12.05 -2.12
CA VAL D 419 54.01 -11.66 -3.27
C VAL D 419 52.82 -10.80 -2.82
N PRO D 420 52.64 -9.58 -3.38
CA PRO D 420 51.43 -8.81 -3.03
C PRO D 420 50.21 -9.49 -3.64
N SER D 421 49.11 -9.58 -2.88
CA SER D 421 47.91 -10.27 -3.34
C SER D 421 46.89 -9.32 -3.94
N GLN D 422 46.94 -8.03 -3.56
CA GLN D 422 45.97 -7.05 -4.02
C GLN D 422 46.47 -5.63 -3.85
N ILE D 423 45.95 -4.70 -4.66
CA ILE D 423 46.20 -3.26 -4.66
C ILE D 423 44.88 -2.56 -4.40
N LEU D 424 44.88 -1.64 -3.43
CA LEU D 424 43.70 -0.89 -3.01
C LEU D 424 43.99 0.60 -2.96
N PHE D 425 42.92 1.43 -3.13
CA PHE D 425 42.99 2.90 -2.99
C PHE D 425 42.18 3.27 -1.75
N ASN D 426 42.44 4.43 -1.16
CA ASN D 426 41.75 4.82 0.06
C ASN D 426 40.39 5.49 -0.27
N ASN D 427 40.23 5.93 -1.54
CA ASN D 427 39.07 6.65 -2.08
C ASN D 427 38.33 5.83 -3.14
#